data_4ZXH
#
_entry.id   4ZXH
#
_cell.length_a   116.187
_cell.length_b   116.187
_cell.length_c   348.607
_cell.angle_alpha   90.000
_cell.angle_beta   90.000
_cell.angle_gamma   90.000
#
_symmetry.space_group_name_H-M   'P 43 21 2'
#
loop_
_entity.id
_entity.type
_entity.pdbx_description
1 polymer ABBFA_003403
2 non-polymer "4'-PHOSPHOPANTETHEINE"
3 non-polymer 1,2-DIMYRISTOYL-SN-GLYCERO-3-PHOSPHOCHOLINE
4 non-polymer 'POTASSIUM ION'
5 non-polymer 'NICKEL (II) ION'
6 water water
#
_entity_poly.entity_id   1
_entity_poly.type   'polypeptide(L)'
_entity_poly.pdbx_seq_one_letter_code
;GHMNNLARLEPEVLSRHAISSEQLGIWYIQRLEPTCSAYNMVVAFDVKVNQSLGNKPIEILEAVMHDYPLLRVSMPANDQ
GIEQLIWDRVYPNIIFSDARHIEASDLTQLVEQDTKQPFDLTQPPLWRIHCYECGQNHYVIAFVIHHALMDFWSIGLLLR
DVSKRFGLVAESDAVNGIEFVQYADKQQSSVIDDTDESLIFWKNALKHAPHVHSIPLDYPRPAVQQHKGSSLVFRVSESV
SSGLVNLAKDYEITLFGLVLSGFYVLLHKLSNENNLVIATPVAGRLERSLRNALGQFVNTIAIHMDIDADQTLRQFTQQV
QEQLRQSLKHQKIAFSRVVEAVSPKRDGSINPLAQIGMFWERLGGMDEFKELLLPIQTPATLVGQDLTLGSFPVRQQEGQ
LDITLEMGGEYQGELVGVLKYNTDLFSAQSAENMVQLLQAVLSEMVAHPERKIVELDIAPDYKDGIQFEALRGKATDYAQ
HDLFAMILKQIDERGDNHALTSNDHTVSYRELGQHIAGIAEYLRAHGITQGDRVGLMLDRTALLPAAILGIWAAGAAYVP
LDPNFPTERLQNIIEDAEPKVILTQTELMDGLNVSVPRLDINQAGVVALEQVRETLAFGDIAYVMYTSGSTGKPKGVRIG
HPSIINFLLSMNDRLQVTTETQLLAITTYAFDISILELLIPLMYGGVVHVCPREVSQDGIQLVDYLNAKSINVLQATPAT
WKMLLDSEWSGNAGLTALCGGEALDTILAEKLLGKVGCLWNVYGPTETTVWSSAARITDAKYIDLGEPLANTQLYVLDEQ
QRLVPPGVMGELWIGGDGLAVDYWQRPELTDAQFRTLPSLPNAGRLYRTGDKVCLRTDGRLTHHGRLDFQVKIRGFRIEL
GEIENVLKQIDGITDAVVLVKTTGDNDQKLVAYVTGQELDIAGLKKNLQIHLPAYMVPSAFIRLDEFPMTANKKLDRKAF
PEPIFEQSNDYVAPRDPIEIELCTTFEQILSVKRVGIHDDFFELGGHSLLAVKLVNHLKKAFGTELSVALLAQYSTVERL
GEIIRENKEIKPSIVIELRRGTYEQPLWLFHPIGGSTFCYMELSRHLNPNRTLRAIQSPGLIEADAAEVAIEEMATLYIA
EMQKMQPQGPYFLGGWCFGGAIAYEISRQLRQMGQQVTGIVMIDTRAPIPENVPEDADDAMLLSWFARDLAAPYGKKLTI
PAQYLRELSPDQMFDHVLKEAKAINVLPLDADPSDFRLYFDTYLANGIALQTYFPEPEDFPILLVKAKDEQEDFGESLGW
DQLVKDTLTQVDLPGDHSSIMYAENVVAVAQTIDQMYPIP
;
_entity_poly.pdbx_strand_id   A
#
# COMPACT_ATOMS: atom_id res chain seq x y z
N GLY A 1 -43.06 -17.53 3.16
CA GLY A 1 -43.72 -18.69 3.75
C GLY A 1 -44.42 -18.31 5.06
N HIS A 2 -43.84 -17.30 5.68
CA HIS A 2 -44.43 -16.57 6.78
C HIS A 2 -45.16 -15.41 6.14
N MET A 3 -45.56 -15.59 4.89
CA MET A 3 -45.83 -14.46 4.04
C MET A 3 -46.32 -15.01 2.69
N ASN A 4 -47.23 -15.96 2.78
CA ASN A 4 -47.87 -16.55 1.62
C ASN A 4 -48.77 -15.52 0.95
N ASN A 5 -49.46 -14.73 1.78
CA ASN A 5 -50.37 -13.68 1.32
C ASN A 5 -49.74 -12.55 0.49
N LEU A 6 -48.77 -12.88 -0.36
CA LEU A 6 -48.19 -11.88 -1.26
C LEU A 6 -48.17 -12.32 -2.73
N ALA A 7 -47.55 -13.48 -2.99
CA ALA A 7 -47.35 -13.98 -4.35
C ALA A 7 -46.48 -13.05 -5.22
N ARG A 8 -45.51 -13.67 -5.88
CA ARG A 8 -44.63 -13.01 -6.82
C ARG A 8 -45.23 -13.06 -8.22
N LEU A 9 -45.75 -11.93 -8.68
CA LEU A 9 -46.09 -11.82 -10.09
C LEU A 9 -45.09 -10.83 -10.70
N GLU A 10 -44.78 -11.00 -11.99
CA GLU A 10 -43.50 -10.53 -12.53
C GLU A 10 -43.50 -9.07 -13.04
N PRO A 11 -42.54 -8.27 -12.53
CA PRO A 11 -42.50 -6.80 -12.65
C PRO A 11 -42.07 -6.25 -14.01
N GLU A 12 -42.55 -5.05 -14.32
CA GLU A 12 -42.12 -4.31 -15.50
C GLU A 12 -41.51 -2.96 -15.06
N VAL A 13 -40.69 -2.37 -15.90
CA VAL A 13 -40.09 -1.06 -15.61
C VAL A 13 -41.08 0.06 -15.94
N LEU A 14 -41.34 0.93 -14.96
CA LEU A 14 -42.23 2.06 -15.19
C LEU A 14 -41.53 3.23 -15.87
N SER A 15 -40.36 3.63 -15.35
CA SER A 15 -39.60 4.72 -15.95
C SER A 15 -38.09 4.63 -15.65
N ARG A 16 -37.29 5.31 -16.48
CA ARG A 16 -35.83 5.33 -16.36
C ARG A 16 -35.30 6.72 -16.01
N HIS A 17 -34.44 6.81 -15.00
CA HIS A 17 -33.87 8.11 -14.64
C HIS A 17 -32.36 8.06 -14.40
N ALA A 18 -31.76 9.24 -14.24
CA ALA A 18 -30.38 9.34 -13.86
C ALA A 18 -30.23 9.14 -12.35
N ILE A 19 -29.03 8.82 -11.88
CA ILE A 19 -28.75 8.91 -10.45
C ILE A 19 -28.15 10.28 -10.21
N SER A 20 -28.17 10.72 -8.96
CA SER A 20 -27.58 11.99 -8.55
C SER A 20 -26.10 11.83 -8.30
N SER A 21 -25.37 12.93 -8.27
CA SER A 21 -23.95 12.88 -7.88
C SER A 21 -23.74 12.42 -6.42
N GLU A 22 -24.72 12.68 -5.56
CA GLU A 22 -24.65 12.22 -4.16
C GLU A 22 -24.78 10.71 -4.06
N GLN A 23 -25.33 10.09 -5.11
CA GLN A 23 -25.51 8.65 -5.15
C GLN A 23 -24.32 7.93 -5.81
N LEU A 24 -23.68 8.61 -6.75
CA LEU A 24 -22.61 8.03 -7.53
C LEU A 24 -21.50 7.45 -6.67
N GLY A 25 -21.05 8.20 -5.68
CA GLY A 25 -19.94 7.75 -4.85
C GLY A 25 -20.25 6.49 -4.06
N ILE A 26 -21.40 6.44 -3.42
CA ILE A 26 -21.78 5.24 -2.68
C ILE A 26 -21.92 4.05 -3.63
N TRP A 27 -22.67 4.29 -4.71
CA TRP A 27 -22.91 3.26 -5.72
C TRP A 27 -21.58 2.68 -6.16
N TYR A 28 -20.68 3.55 -6.60
CA TYR A 28 -19.37 3.13 -7.07
C TYR A 28 -18.64 2.24 -6.06
N ILE A 29 -18.61 2.67 -4.80
CA ILE A 29 -17.91 1.91 -3.78
C ILE A 29 -18.49 0.50 -3.66
N GLN A 30 -19.81 0.37 -3.76
CA GLN A 30 -20.44 -0.95 -3.70
C GLN A 30 -20.11 -1.86 -4.88
N ARG A 31 -19.97 -1.29 -6.09
CA ARG A 31 -19.48 -2.09 -7.23
C ARG A 31 -18.01 -2.44 -7.03
N LEU A 32 -17.26 -1.50 -6.51
CA LEU A 32 -15.83 -1.67 -6.36
C LEU A 32 -15.53 -2.82 -5.39
N GLU A 33 -16.27 -2.90 -4.30
CA GLU A 33 -16.09 -3.98 -3.35
C GLU A 33 -17.44 -4.61 -3.00
N PRO A 34 -17.85 -5.65 -3.76
CA PRO A 34 -19.23 -6.14 -3.63
C PRO A 34 -19.60 -6.70 -2.26
N THR A 35 -18.63 -7.16 -1.45
CA THR A 35 -18.95 -7.65 -0.10
C THR A 35 -19.07 -6.52 0.93
N CYS A 36 -18.99 -5.28 0.47
CA CYS A 36 -19.08 -4.14 1.35
C CYS A 36 -20.46 -4.07 2.01
N SER A 37 -20.47 -3.82 3.31
CA SER A 37 -21.71 -3.58 4.04
C SER A 37 -21.66 -2.24 4.76
N ALA A 38 -20.58 -1.51 4.55
CA ALA A 38 -20.37 -0.31 5.33
C ALA A 38 -21.46 0.75 5.10
N TYR A 39 -22.28 0.58 4.06
CA TYR A 39 -23.35 1.54 3.77
C TYR A 39 -24.77 0.95 3.93
N ASN A 40 -24.87 -0.14 4.69
CA ASN A 40 -26.15 -0.71 5.10
C ASN A 40 -26.73 0.00 6.31
N MET A 41 -27.54 1.04 6.10
CA MET A 41 -28.21 1.70 7.21
C MET A 41 -29.19 0.73 7.88
N VAL A 42 -29.21 0.75 9.21
CA VAL A 42 -30.02 -0.17 9.97
C VAL A 42 -30.67 0.52 11.15
N VAL A 43 -31.99 0.49 11.18
CA VAL A 43 -32.73 0.86 12.37
C VAL A 43 -33.47 -0.40 12.85
N ALA A 44 -33.39 -0.70 14.16
CA ALA A 44 -33.98 -1.94 14.70
C ALA A 44 -34.80 -1.72 15.97
N PHE A 45 -35.78 -2.59 16.20
CA PHE A 45 -36.68 -2.40 17.32
C PHE A 45 -37.06 -3.69 17.98
N ASP A 46 -37.23 -3.61 19.29
CA ASP A 46 -37.90 -4.63 20.05
C ASP A 46 -39.38 -4.39 19.79
N VAL A 47 -40.12 -5.40 19.36
CA VAL A 47 -41.55 -5.19 19.09
C VAL A 47 -42.42 -6.19 19.84
N LYS A 48 -43.22 -5.69 20.78
CA LYS A 48 -44.17 -6.53 21.50
C LYS A 48 -45.58 -6.23 21.00
N VAL A 49 -46.35 -7.26 20.69
CA VAL A 49 -47.62 -7.06 20.02
C VAL A 49 -48.80 -7.56 20.84
N ASN A 50 -49.98 -7.07 20.47
CA ASN A 50 -51.26 -7.57 20.96
C ASN A 50 -51.95 -8.29 19.80
N GLN A 51 -52.97 -9.11 20.08
CA GLN A 51 -53.59 -9.88 19.01
C GLN A 51 -54.37 -9.02 18.00
N SER A 52 -54.69 -7.77 18.39
CA SER A 52 -55.51 -6.90 17.55
C SER A 52 -54.73 -6.32 16.35
N LEU A 53 -53.43 -6.61 16.31
CA LEU A 53 -52.57 -6.18 15.18
C LEU A 53 -53.04 -6.85 13.89
N GLY A 54 -53.45 -8.10 14.01
CA GLY A 54 -53.99 -8.84 12.87
C GLY A 54 -53.02 -8.91 11.71
N ASN A 55 -53.52 -8.52 10.53
CA ASN A 55 -52.76 -8.59 9.29
C ASN A 55 -52.17 -7.23 8.90
N LYS A 56 -52.26 -6.26 9.80
CA LYS A 56 -51.83 -4.89 9.49
C LYS A 56 -50.39 -4.74 8.96
N PRO A 57 -49.44 -5.56 9.43
CA PRO A 57 -48.11 -5.35 8.89
C PRO A 57 -48.01 -5.56 7.37
N ILE A 58 -48.50 -6.69 6.86
CA ILE A 58 -48.55 -6.90 5.42
C ILE A 58 -49.37 -5.80 4.70
N GLU A 59 -50.56 -5.48 5.21
CA GLU A 59 -51.39 -4.43 4.60
C GLU A 59 -50.66 -3.09 4.51
N ILE A 60 -49.93 -2.73 5.57
CA ILE A 60 -49.27 -1.44 5.65
C ILE A 60 -48.02 -1.44 4.76
N LEU A 61 -47.26 -2.54 4.81
CA LEU A 61 -46.16 -2.77 3.89
C LEU A 61 -46.55 -2.51 2.43
N GLU A 62 -47.63 -3.16 1.99
CA GLU A 62 -48.11 -3.01 0.61
C GLU A 62 -48.52 -1.58 0.28
N ALA A 63 -49.04 -0.87 1.27
CA ALA A 63 -49.51 0.51 1.08
C ALA A 63 -48.33 1.47 0.97
N VAL A 64 -47.31 1.23 1.79
CA VAL A 64 -46.13 2.06 1.77
C VAL A 64 -45.36 1.90 0.46
N MET A 65 -45.09 0.65 0.07
CA MET A 65 -44.40 0.34 -1.18
C MET A 65 -45.07 1.00 -2.40
N HIS A 66 -46.39 1.05 -2.39
CA HIS A 66 -47.19 1.65 -3.46
C HIS A 66 -47.10 3.18 -3.46
N ASP A 67 -47.10 3.77 -2.28
CA ASP A 67 -47.13 5.23 -2.14
C ASP A 67 -45.78 5.92 -2.36
N TYR A 68 -44.68 5.19 -2.18
CA TYR A 68 -43.34 5.76 -2.29
C TYR A 68 -42.51 5.01 -3.34
N PRO A 69 -42.54 5.50 -4.59
CA PRO A 69 -41.86 4.85 -5.73
C PRO A 69 -40.37 4.59 -5.49
N LEU A 70 -39.73 5.38 -4.64
CA LEU A 70 -38.32 5.18 -4.32
C LEU A 70 -38.07 3.76 -3.86
N LEU A 71 -39.00 3.21 -3.10
CA LEU A 71 -38.87 1.87 -2.55
C LEU A 71 -38.90 0.77 -3.62
N ARG A 72 -39.20 1.12 -4.86
CA ARG A 72 -39.24 0.16 -5.96
C ARG A 72 -38.11 0.42 -6.98
N VAL A 73 -37.01 1.00 -6.51
CA VAL A 73 -35.89 1.38 -7.37
C VAL A 73 -34.77 0.31 -7.43
N SER A 74 -34.15 0.16 -8.60
CA SER A 74 -32.88 -0.54 -8.75
C SER A 74 -31.91 0.38 -9.50
N MET A 75 -30.61 0.11 -9.45
CA MET A 75 -29.61 1.01 -10.04
C MET A 75 -28.62 0.27 -10.92
N PRO A 76 -29.07 -0.12 -12.11
CA PRO A 76 -28.25 -0.90 -13.03
C PRO A 76 -27.29 -0.01 -13.82
N ALA A 77 -26.27 -0.63 -14.42
CA ALA A 77 -25.32 0.14 -15.20
C ALA A 77 -25.33 -0.30 -16.65
N ASN A 78 -25.19 0.67 -17.56
CA ASN A 78 -24.91 0.40 -18.97
C ASN A 78 -23.67 1.20 -19.41
N ASP A 79 -23.35 1.19 -20.70
CA ASP A 79 -22.13 1.85 -21.18
C ASP A 79 -22.26 3.38 -21.24
N GLN A 80 -23.50 3.87 -21.19
CA GLN A 80 -23.76 5.31 -21.14
C GLN A 80 -23.87 5.79 -19.68
N GLY A 81 -23.60 4.89 -18.73
CA GLY A 81 -23.54 5.24 -17.32
C GLY A 81 -24.43 4.44 -16.35
N ILE A 82 -24.92 5.13 -15.34
CA ILE A 82 -25.72 4.51 -14.29
C ILE A 82 -27.12 5.07 -14.26
N GLU A 83 -28.12 4.19 -14.13
CA GLU A 83 -29.52 4.61 -14.12
C GLU A 83 -30.25 4.24 -12.81
N GLN A 84 -31.35 4.92 -12.55
CA GLN A 84 -32.35 4.49 -11.56
C GLN A 84 -33.58 4.02 -12.29
N LEU A 85 -34.03 2.81 -12.01
CA LEU A 85 -35.29 2.35 -12.59
C LEU A 85 -36.37 2.28 -11.49
N ILE A 86 -37.54 2.86 -11.78
CA ILE A 86 -38.71 2.64 -10.92
C ILE A 86 -39.54 1.46 -11.45
N TRP A 87 -39.49 0.34 -10.75
CA TRP A 87 -40.29 -0.83 -11.09
C TRP A 87 -41.73 -0.65 -10.65
N ASP A 88 -42.68 -1.17 -11.41
CA ASP A 88 -44.09 -1.05 -11.02
C ASP A 88 -44.36 -1.80 -9.71
N ARG A 89 -43.55 -2.82 -9.45
CA ARG A 89 -43.69 -3.59 -8.22
C ARG A 89 -42.43 -4.41 -7.93
N VAL A 90 -42.18 -4.63 -6.65
CA VAL A 90 -41.03 -5.39 -6.20
C VAL A 90 -41.47 -6.45 -5.19
N TYR A 91 -40.92 -7.66 -5.27
CA TYR A 91 -41.27 -8.62 -4.24
C TYR A 91 -40.40 -8.27 -3.03
N PRO A 92 -41.03 -8.00 -1.88
CA PRO A 92 -40.27 -7.57 -0.72
C PRO A 92 -39.35 -8.67 -0.25
N ASN A 93 -38.19 -8.28 0.24
CA ASN A 93 -37.23 -9.22 0.80
C ASN A 93 -37.31 -9.18 2.32
N ILE A 94 -38.21 -10.00 2.85
CA ILE A 94 -38.51 -10.08 4.26
C ILE A 94 -38.13 -11.46 4.81
N ILE A 95 -37.08 -11.49 5.63
CA ILE A 95 -36.56 -12.72 6.25
C ILE A 95 -37.14 -12.90 7.64
N PHE A 96 -37.52 -14.12 8.00
CA PHE A 96 -38.15 -14.38 9.28
C PHE A 96 -37.57 -15.61 9.98
N SER A 97 -36.95 -15.41 11.14
CA SER A 97 -36.19 -16.48 11.81
C SER A 97 -36.76 -16.75 13.20
N ASP A 98 -36.54 -17.95 13.72
CA ASP A 98 -36.91 -18.26 15.11
C ASP A 98 -35.70 -17.96 16.01
N ALA A 99 -35.85 -17.06 16.99
CA ALA A 99 -34.74 -16.79 17.90
C ALA A 99 -35.09 -17.12 19.35
N ARG A 100 -36.14 -17.90 19.55
CA ARG A 100 -36.53 -18.27 20.91
C ARG A 100 -35.44 -19.03 21.68
N HIS A 101 -34.52 -19.66 20.96
CA HIS A 101 -33.52 -20.53 21.58
C HIS A 101 -32.15 -19.86 21.74
N ILE A 102 -32.09 -18.55 21.47
CA ILE A 102 -30.83 -17.79 21.42
C ILE A 102 -30.66 -16.81 22.58
N GLU A 103 -29.50 -16.82 23.24
CA GLU A 103 -29.21 -15.87 24.31
C GLU A 103 -29.07 -14.44 23.77
N ALA A 104 -29.34 -13.44 24.61
CA ALA A 104 -29.37 -12.04 24.19
C ALA A 104 -28.10 -11.57 23.45
N SER A 105 -26.93 -11.80 24.06
CA SER A 105 -25.64 -11.44 23.46
C SER A 105 -25.60 -11.94 22.03
N ASP A 106 -25.89 -13.23 21.87
CA ASP A 106 -25.89 -13.91 20.59
C ASP A 106 -26.91 -13.34 19.61
N LEU A 107 -28.10 -13.00 20.10
CA LEU A 107 -29.13 -12.43 19.25
C LEU A 107 -28.66 -11.13 18.63
N THR A 108 -28.02 -10.27 19.43
CA THR A 108 -27.46 -9.04 18.88
C THR A 108 -26.48 -9.38 17.76
N GLN A 109 -25.62 -10.35 18.01
CA GLN A 109 -24.58 -10.67 17.03
C GLN A 109 -25.22 -11.18 15.75
N LEU A 110 -26.22 -12.04 15.90
CA LEU A 110 -26.96 -12.57 14.77
C LEU A 110 -27.51 -11.48 13.87
N VAL A 111 -28.25 -10.55 14.47
CA VAL A 111 -28.83 -9.44 13.75
C VAL A 111 -27.75 -8.57 13.11
N GLU A 112 -26.63 -8.35 13.79
CA GLU A 112 -25.54 -7.62 13.16
C GLU A 112 -25.05 -8.37 11.92
N GLN A 113 -24.76 -9.67 12.05
CA GLN A 113 -24.27 -10.40 10.87
CA GLN A 113 -24.32 -10.51 10.91
C GLN A 113 -25.33 -10.50 9.76
N ASP A 114 -26.60 -10.67 10.12
CA ASP A 114 -27.66 -10.73 9.09
C ASP A 114 -27.81 -9.43 8.31
N THR A 115 -27.81 -8.30 9.00
CA THR A 115 -28.01 -7.00 8.36
C THR A 115 -26.79 -6.54 7.55
N LYS A 116 -25.63 -7.16 7.77
CA LYS A 116 -24.43 -6.86 6.97
C LYS A 116 -24.34 -7.63 5.63
N GLN A 117 -25.33 -8.45 5.33
CA GLN A 117 -25.32 -9.15 4.06
C GLN A 117 -25.42 -8.06 3.01
N PRO A 118 -24.61 -8.18 1.96
CA PRO A 118 -24.42 -7.06 1.04
C PRO A 118 -25.55 -6.95 0.06
N PHE A 119 -25.76 -5.76 -0.52
CA PHE A 119 -26.75 -5.59 -1.57
C PHE A 119 -26.11 -5.61 -2.96
N ASP A 120 -26.84 -6.09 -3.95
CA ASP A 120 -26.53 -5.85 -5.36
C ASP A 120 -27.42 -4.71 -5.82
N LEU A 121 -26.83 -3.54 -6.03
CA LEU A 121 -27.64 -2.36 -6.26
C LEU A 121 -28.35 -2.41 -7.61
N THR A 122 -28.00 -3.36 -8.46
CA THR A 122 -28.62 -3.46 -9.77
C THR A 122 -29.90 -4.31 -9.77
N GLN A 123 -30.16 -4.97 -8.65
CA GLN A 123 -31.29 -5.87 -8.52
C GLN A 123 -32.15 -5.44 -7.32
N PRO A 124 -33.43 -5.09 -7.56
CA PRO A 124 -34.34 -4.62 -6.51
C PRO A 124 -34.84 -5.76 -5.66
N PRO A 125 -35.22 -5.51 -4.41
CA PRO A 125 -35.24 -4.19 -3.75
C PRO A 125 -33.90 -3.82 -3.14
N LEU A 126 -33.65 -2.55 -2.85
CA LEU A 126 -32.40 -2.15 -2.19
C LEU A 126 -32.62 -1.93 -0.69
N TRP A 127 -33.52 -2.73 -0.13
CA TRP A 127 -33.80 -2.70 1.29
C TRP A 127 -34.32 -4.06 1.71
N ARG A 128 -34.19 -4.38 3.00
CA ARG A 128 -34.63 -5.66 3.57
C ARG A 128 -35.22 -5.47 4.95
N ILE A 129 -36.07 -6.40 5.35
CA ILE A 129 -36.57 -6.45 6.70
C ILE A 129 -36.22 -7.79 7.30
N HIS A 130 -35.55 -7.78 8.44
CA HIS A 130 -35.16 -9.02 9.12
C HIS A 130 -35.97 -9.20 10.39
N CYS A 131 -36.75 -10.27 10.51
CA CYS A 131 -37.58 -10.48 11.70
C CYS A 131 -37.16 -11.68 12.53
N TYR A 132 -37.29 -11.56 13.85
CA TYR A 132 -36.91 -12.61 14.75
C TYR A 132 -37.95 -12.76 15.85
N GLU A 133 -38.44 -13.98 16.02
CA GLU A 133 -39.36 -14.28 17.11
C GLU A 133 -38.56 -14.59 18.38
N CYS A 134 -38.86 -13.87 19.47
CA CYS A 134 -38.13 -14.05 20.74
C CYS A 134 -38.92 -14.71 21.84
N GLY A 135 -40.22 -14.85 21.63
CA GLY A 135 -41.14 -15.41 22.61
C GLY A 135 -42.54 -15.14 22.10
N GLN A 136 -43.57 -15.49 22.87
CA GLN A 136 -44.90 -15.29 22.30
C GLN A 136 -45.20 -13.81 22.19
N ASN A 137 -45.54 -13.42 20.96
CA ASN A 137 -45.91 -12.06 20.59
C ASN A 137 -44.77 -11.06 20.78
N HIS A 138 -43.55 -11.58 20.82
CA HIS A 138 -42.38 -10.78 21.08
C HIS A 138 -41.33 -10.94 19.95
N TYR A 139 -40.98 -9.83 19.29
CA TYR A 139 -40.17 -9.88 18.07
C TYR A 139 -39.05 -8.86 18.10
N VAL A 140 -37.98 -9.13 17.34
CA VAL A 140 -37.03 -8.09 16.98
C VAL A 140 -37.13 -7.89 15.46
N ILE A 141 -37.19 -6.64 15.05
CA ILE A 141 -37.41 -6.29 13.65
C ILE A 141 -36.33 -5.33 13.24
N ALA A 142 -35.55 -5.67 12.22
CA ALA A 142 -34.49 -4.80 11.76
C ALA A 142 -34.69 -4.42 10.31
N PHE A 143 -34.73 -3.11 10.07
CA PHE A 143 -34.88 -2.57 8.74
C PHE A 143 -33.51 -2.19 8.21
N VAL A 144 -33.15 -2.71 7.03
CA VAL A 144 -31.86 -2.42 6.39
C VAL A 144 -32.07 -1.70 5.07
N ILE A 145 -31.52 -0.50 4.94
CA ILE A 145 -31.63 0.25 3.69
C ILE A 145 -30.25 0.67 3.23
N HIS A 146 -29.92 0.38 1.98
CA HIS A 146 -28.62 0.79 1.47
C HIS A 146 -28.58 2.31 1.27
N HIS A 147 -27.48 2.92 1.70
CA HIS A 147 -27.33 4.37 1.70
C HIS A 147 -27.33 4.98 0.27
N ALA A 148 -27.00 4.16 -0.74
CA ALA A 148 -27.16 4.62 -2.12
C ALA A 148 -28.62 4.96 -2.44
N LEU A 149 -29.56 4.37 -1.69
CA LEU A 149 -30.97 4.60 -1.98
C LEU A 149 -31.49 5.83 -1.23
N MET A 150 -31.18 5.94 0.05
CA MET A 150 -31.64 7.11 0.80
C MET A 150 -30.76 7.36 2.01
N ASP A 151 -30.85 8.56 2.55
CA ASP A 151 -30.08 8.92 3.72
C ASP A 151 -30.90 8.75 5.01
N PHE A 152 -30.29 9.09 6.13
CA PHE A 152 -30.91 8.97 7.43
C PHE A 152 -32.09 9.92 7.61
N TRP A 153 -31.94 11.18 7.16
CA TRP A 153 -33.07 12.11 7.20
C TRP A 153 -34.30 11.41 6.58
N SER A 154 -34.09 10.65 5.50
CA SER A 154 -35.17 9.92 4.83
C SER A 154 -35.74 8.84 5.72
N ILE A 155 -34.87 8.14 6.44
CA ILE A 155 -35.28 7.13 7.40
C ILE A 155 -36.29 7.71 8.39
N GLY A 156 -35.99 8.89 8.92
CA GLY A 156 -36.87 9.50 9.91
C GLY A 156 -38.21 9.88 9.31
N LEU A 157 -38.18 10.40 8.10
CA LEU A 157 -39.41 10.69 7.38
C LEU A 157 -40.23 9.42 7.25
N LEU A 158 -39.56 8.31 7.00
CA LEU A 158 -40.25 7.08 6.71
C LEU A 158 -40.71 6.45 8.02
N LEU A 159 -39.81 6.44 8.99
CA LEU A 159 -40.11 5.96 10.34
C LEU A 159 -41.32 6.64 10.96
N ARG A 160 -41.40 7.96 10.82
CA ARG A 160 -42.47 8.67 11.45
C ARG A 160 -43.78 8.30 10.75
N ASP A 161 -43.77 8.37 9.43
CA ASP A 161 -44.95 8.00 8.65
C ASP A 161 -45.45 6.58 8.96
N VAL A 162 -44.56 5.60 8.97
CA VAL A 162 -45.01 4.22 9.17
C VAL A 162 -45.51 4.02 10.60
N SER A 163 -44.92 4.72 11.55
CA SER A 163 -45.38 4.69 12.92
C SER A 163 -46.82 5.21 13.06
N LYS A 164 -47.15 6.25 12.31
CA LYS A 164 -48.50 6.78 12.33
C LYS A 164 -49.47 5.73 11.77
N ARG A 165 -49.08 5.09 10.68
CA ARG A 165 -49.92 4.09 10.06
C ARG A 165 -50.19 2.96 11.04
N PHE A 166 -49.23 2.70 11.92
CA PHE A 166 -49.36 1.66 12.93
C PHE A 166 -50.04 2.11 14.21
N GLY A 167 -50.35 3.40 14.33
CA GLY A 167 -50.98 3.93 15.53
C GLY A 167 -50.08 4.30 16.69
N LEU A 168 -48.80 4.58 16.42
CA LEU A 168 -47.82 4.90 17.47
C LEU A 168 -47.66 6.41 17.73
N VAL A 169 -47.87 7.24 16.72
CA VAL A 169 -47.80 8.69 16.91
C VAL A 169 -49.06 9.26 16.29
N ALA A 170 -49.41 10.48 16.69
CA ALA A 170 -50.72 11.01 16.29
C ALA A 170 -50.67 11.64 14.90
N GLU A 171 -49.59 12.34 14.58
CA GLU A 171 -49.50 12.92 13.24
C GLU A 171 -48.10 12.93 12.65
N SER A 172 -48.07 12.98 11.31
CA SER A 172 -46.86 12.92 10.50
C SER A 172 -47.02 13.83 9.28
N ASP A 173 -45.96 14.55 8.93
CA ASP A 173 -45.99 15.31 7.68
C ASP A 173 -46.04 14.37 6.47
N ALA A 174 -46.70 14.81 5.40
CA ALA A 174 -46.71 14.01 4.18
C ALA A 174 -45.28 13.81 3.61
N VAL A 175 -45.05 12.63 3.07
CA VAL A 175 -43.74 12.28 2.58
C VAL A 175 -43.74 12.23 1.04
N ASN A 176 -42.79 12.90 0.41
CA ASN A 176 -42.68 12.78 -1.04
C ASN A 176 -41.67 11.71 -1.43
N GLY A 177 -42.14 10.70 -2.16
CA GLY A 177 -41.30 9.57 -2.54
C GLY A 177 -41.04 9.54 -4.03
N ILE A 178 -41.30 10.66 -4.73
CA ILE A 178 -41.08 10.76 -6.17
C ILE A 178 -40.18 11.96 -6.59
N GLU A 179 -39.93 12.89 -5.68
CA GLU A 179 -39.14 14.07 -6.00
C GLU A 179 -37.66 13.77 -6.33
N PHE A 180 -37.08 12.74 -5.69
CA PHE A 180 -35.66 12.40 -5.90
C PHE A 180 -35.28 12.29 -7.37
N VAL A 181 -36.23 11.82 -8.16
CA VAL A 181 -36.04 11.66 -9.58
C VAL A 181 -35.93 13.01 -10.30
N GLN A 182 -36.82 13.95 -9.99
CA GLN A 182 -36.75 15.26 -10.61
C GLN A 182 -35.41 15.90 -10.26
N TYR A 183 -35.05 15.84 -8.98
CA TYR A 183 -33.76 16.34 -8.51
C TYR A 183 -32.59 15.79 -9.33
N ALA A 184 -32.51 14.47 -9.45
CA ALA A 184 -31.43 13.83 -10.18
C ALA A 184 -31.45 14.23 -11.66
N ASP A 185 -32.63 14.24 -12.26
CA ASP A 185 -32.73 14.52 -13.69
C ASP A 185 -32.37 15.98 -14.02
N LYS A 186 -32.77 16.92 -13.16
CA LYS A 186 -32.39 18.31 -13.37
C LYS A 186 -30.87 18.49 -13.23
N GLN A 187 -30.26 17.71 -12.35
CA GLN A 187 -28.84 17.82 -12.05
C GLN A 187 -28.01 17.39 -13.26
N GLN A 188 -28.61 16.52 -14.08
CA GLN A 188 -27.99 15.93 -15.26
C GLN A 188 -27.93 16.94 -16.40
N SER A 189 -28.75 17.98 -16.32
CA SER A 189 -28.73 19.07 -17.29
C SER A 189 -27.62 20.08 -16.97
N SER A 190 -27.34 20.22 -15.68
CA SER A 190 -26.34 21.16 -15.19
C SER A 190 -24.92 20.78 -15.60
N VAL A 191 -24.07 21.79 -15.72
CA VAL A 191 -22.77 21.63 -16.31
C VAL A 191 -21.63 21.52 -15.28
N ILE A 192 -21.57 22.48 -14.36
CA ILE A 192 -20.44 22.69 -13.45
C ILE A 192 -19.11 22.74 -14.22
N ASP A 193 -18.89 23.85 -14.93
CA ASP A 193 -17.65 24.03 -15.69
C ASP A 193 -16.46 24.15 -14.76
N ASP A 194 -15.28 23.81 -15.25
CA ASP A 194 -14.04 23.92 -14.48
C ASP A 194 -13.79 25.32 -13.94
N THR A 195 -14.60 26.28 -14.37
CA THR A 195 -14.45 27.69 -13.99
C THR A 195 -15.39 28.11 -12.85
N ASP A 196 -16.10 27.14 -12.27
CA ASP A 196 -17.08 27.40 -11.22
C ASP A 196 -16.39 27.84 -9.94
N GLU A 197 -16.86 28.96 -9.36
CA GLU A 197 -16.25 29.54 -8.17
C GLU A 197 -16.18 28.55 -7.01
N SER A 198 -17.23 27.77 -6.81
CA SER A 198 -17.22 26.74 -5.77
C SER A 198 -16.20 25.64 -6.06
N LEU A 199 -16.04 25.29 -7.32
CA LEU A 199 -15.07 24.26 -7.70
C LEU A 199 -13.63 24.74 -7.49
N ILE A 200 -13.40 26.01 -7.79
CA ILE A 200 -12.09 26.61 -7.56
C ILE A 200 -11.77 26.62 -6.06
N PHE A 201 -12.75 26.97 -5.25
CA PHE A 201 -12.59 27.00 -3.79
C PHE A 201 -12.00 25.69 -3.27
N TRP A 202 -12.64 24.58 -3.63
CA TRP A 202 -12.22 23.27 -3.16
C TRP A 202 -10.88 22.87 -3.73
N LYS A 203 -10.66 23.23 -4.99
CA LYS A 203 -9.42 22.90 -5.66
C LYS A 203 -8.26 23.55 -4.89
N ASN A 204 -8.48 24.77 -4.38
CA ASN A 204 -7.44 25.44 -3.60
C ASN A 204 -7.38 24.98 -2.15
N ALA A 205 -8.53 24.71 -1.56
CA ALA A 205 -8.60 24.25 -0.18
C ALA A 205 -7.87 22.92 0.01
N LEU A 206 -7.88 22.08 -1.02
CA LEU A 206 -7.32 20.73 -0.91
C LEU A 206 -6.04 20.49 -1.71
N LYS A 207 -5.49 21.53 -2.33
CA LYS A 207 -4.28 21.39 -3.17
C LYS A 207 -3.10 20.83 -2.37
N HIS A 208 -2.89 21.35 -1.17
CA HIS A 208 -1.76 20.93 -0.34
C HIS A 208 -2.12 19.80 0.63
N ALA A 209 -3.24 19.14 0.41
CA ALA A 209 -3.67 18.10 1.34
C ALA A 209 -2.77 16.90 1.22
N PRO A 210 -2.44 16.27 2.36
CA PRO A 210 -1.69 15.03 2.21
C PRO A 210 -2.55 13.92 1.59
N HIS A 211 -1.86 13.00 0.93
CA HIS A 211 -2.46 11.84 0.33
C HIS A 211 -3.12 10.96 1.38
N VAL A 212 -2.46 10.82 2.53
CA VAL A 212 -2.97 9.99 3.62
C VAL A 212 -2.49 10.57 4.96
N HIS A 213 -3.28 10.36 6.02
CA HIS A 213 -2.92 10.82 7.35
C HIS A 213 -1.73 10.04 7.87
N SER A 214 -1.16 10.49 8.99
CA SER A 214 0.03 9.84 9.50
C SER A 214 -0.19 9.41 10.93
N ILE A 215 -1.39 8.91 11.21
CA ILE A 215 -1.65 8.30 12.49
C ILE A 215 -1.03 6.91 12.53
N PRO A 216 -0.24 6.62 13.57
CA PRO A 216 0.36 5.29 13.69
C PRO A 216 -0.69 4.17 13.72
N LEU A 217 -0.51 3.18 12.85
CA LEU A 217 -1.43 2.06 12.79
C LEU A 217 -0.91 0.91 13.63
N ASP A 218 -1.81 0.03 14.04
CA ASP A 218 -1.44 -1.16 14.77
C ASP A 218 -1.11 -2.31 13.82
N TYR A 219 -1.61 -2.23 12.61
CA TYR A 219 -1.40 -3.25 11.60
C TYR A 219 -1.03 -2.58 10.29
N PRO A 220 -0.34 -3.31 9.40
CA PRO A 220 -0.04 -2.76 8.07
C PRO A 220 -1.29 -2.61 7.21
N ARG A 221 -1.39 -1.46 6.53
CA ARG A 221 -2.55 -1.19 5.70
C ARG A 221 -2.64 -2.15 4.51
N PRO A 222 -3.79 -2.81 4.33
CA PRO A 222 -4.01 -3.73 3.21
C PRO A 222 -3.99 -3.00 1.87
N ALA A 223 -3.56 -3.71 0.82
CA ALA A 223 -3.46 -3.08 -0.50
C ALA A 223 -4.82 -2.62 -1.01
N VAL A 224 -5.86 -3.41 -0.75
CA VAL A 224 -7.21 -3.00 -1.15
C VAL A 224 -8.19 -3.00 0.04
N GLN A 225 -8.79 -1.85 0.27
CA GLN A 225 -9.72 -1.56 1.37
C GLN A 225 -10.85 -2.59 1.46
N GLN A 226 -11.03 -3.22 2.63
CA GLN A 226 -12.05 -4.28 2.81
C GLN A 226 -13.33 -3.87 3.56
N HIS A 227 -13.36 -2.63 4.04
CA HIS A 227 -14.51 -2.07 4.73
C HIS A 227 -14.97 -2.92 5.91
N LYS A 228 -14.00 -3.49 6.63
CA LYS A 228 -14.31 -4.11 7.92
C LYS A 228 -14.14 -3.06 9.01
N GLY A 229 -15.14 -2.89 9.86
CA GLY A 229 -14.99 -1.95 10.95
C GLY A 229 -15.59 -2.45 12.25
N SER A 230 -15.48 -1.62 13.28
CA SER A 230 -16.12 -1.90 14.56
C SER A 230 -16.51 -0.57 15.18
N SER A 231 -17.19 -0.61 16.32
CA SER A 231 -17.77 0.59 16.93
C SER A 231 -17.53 0.61 18.41
N LEU A 232 -17.19 1.77 18.96
CA LEU A 232 -17.03 1.91 20.40
C LEU A 232 -17.91 3.04 20.97
N VAL A 233 -18.96 2.69 21.69
CA VAL A 233 -19.84 3.71 22.25
C VAL A 233 -19.28 4.29 23.56
N PHE A 234 -19.20 5.61 23.64
CA PHE A 234 -18.72 6.26 24.86
C PHE A 234 -19.69 7.36 25.29
N ARG A 235 -19.50 7.90 26.49
CA ARG A 235 -20.29 9.06 26.94
C ARG A 235 -19.42 10.12 27.58
N VAL A 236 -19.73 11.38 27.26
CA VAL A 236 -19.05 12.51 27.88
C VAL A 236 -19.71 12.87 29.22
N SER A 237 -18.91 13.01 30.28
CA SER A 237 -19.44 13.31 31.62
C SER A 237 -20.33 14.55 31.59
N GLU A 238 -21.31 14.59 32.49
CA GLU A 238 -22.29 15.65 32.48
C GLU A 238 -21.60 16.99 32.72
N SER A 239 -20.61 16.98 33.62
CA SER A 239 -19.73 18.13 33.86
C SER A 239 -19.23 18.72 32.55
N VAL A 240 -18.40 17.94 31.85
CA VAL A 240 -17.78 18.38 30.63
C VAL A 240 -18.81 18.67 29.53
N SER A 241 -19.86 17.85 29.44
CA SER A 241 -20.91 18.07 28.45
C SER A 241 -21.53 19.47 28.58
N SER A 242 -21.78 19.89 29.82
CA SER A 242 -22.30 21.21 30.09
C SER A 242 -21.27 22.28 29.74
N GLY A 243 -20.03 22.05 30.16
CA GLY A 243 -18.95 22.97 29.88
C GLY A 243 -18.81 23.28 28.40
N LEU A 244 -18.81 22.23 27.58
CA LEU A 244 -18.73 22.38 26.14
C LEU A 244 -19.83 23.27 25.61
N VAL A 245 -21.08 23.00 26.00
CA VAL A 245 -22.20 23.85 25.59
C VAL A 245 -22.00 25.32 26.01
N ASN A 246 -21.52 25.53 27.23
CA ASN A 246 -21.27 26.90 27.69
C ASN A 246 -20.06 27.49 26.98
N LEU A 247 -19.03 26.69 26.78
CA LEU A 247 -17.83 27.14 26.06
C LEU A 247 -18.13 27.48 24.61
N ALA A 248 -19.12 26.79 24.03
CA ALA A 248 -19.59 27.10 22.69
C ALA A 248 -20.21 28.51 22.68
N LYS A 249 -20.95 28.82 23.73
CA LYS A 249 -21.59 30.13 23.85
C LYS A 249 -20.57 31.24 24.14
N ASP A 250 -19.44 30.87 24.74
CA ASP A 250 -18.38 31.83 25.09
C ASP A 250 -17.49 32.15 23.88
N TYR A 251 -17.79 31.50 22.76
CA TYR A 251 -17.20 31.83 21.47
C TYR A 251 -18.33 32.19 20.49
N GLU A 252 -17.99 32.39 19.23
CA GLU A 252 -19.00 32.57 18.20
C GLU A 252 -19.60 31.21 17.82
N ILE A 253 -18.79 30.18 18.03
CA ILE A 253 -18.97 28.84 17.47
C ILE A 253 -20.21 28.05 17.90
N THR A 254 -20.49 27.02 17.11
CA THR A 254 -21.52 26.04 17.43
C THR A 254 -20.89 24.88 18.20
N LEU A 255 -21.74 24.08 18.84
CA LEU A 255 -21.25 22.91 19.55
C LEU A 255 -20.56 21.93 18.58
N PHE A 256 -21.12 21.80 17.38
CA PHE A 256 -20.53 20.96 16.35
C PHE A 256 -19.13 21.42 16.05
N GLY A 257 -18.98 22.73 15.92
CA GLY A 257 -17.69 23.32 15.62
C GLY A 257 -16.70 23.06 16.74
N LEU A 258 -17.17 23.09 17.98
CA LEU A 258 -16.29 22.92 19.11
C LEU A 258 -15.70 21.52 19.13
N VAL A 259 -16.56 20.52 18.92
CA VAL A 259 -16.13 19.15 19.02
C VAL A 259 -15.24 18.82 17.83
N LEU A 260 -15.51 19.44 16.69
CA LEU A 260 -14.66 19.20 15.52
C LEU A 260 -13.26 19.71 15.83
N SER A 261 -13.19 20.92 16.39
CA SER A 261 -11.91 21.48 16.84
C SER A 261 -11.15 20.52 17.76
N GLY A 262 -11.86 19.98 18.74
CA GLY A 262 -11.32 18.95 19.61
C GLY A 262 -10.76 17.76 18.83
N PHE A 263 -11.45 17.37 17.77
CA PHE A 263 -11.04 16.20 16.99
C PHE A 263 -9.72 16.43 16.25
N TYR A 264 -9.60 17.57 15.56
CA TYR A 264 -8.32 17.96 14.95
C TYR A 264 -7.18 17.98 15.98
N VAL A 265 -7.40 18.64 17.11
CA VAL A 265 -6.39 18.71 18.15
C VAL A 265 -5.95 17.30 18.53
N LEU A 266 -6.92 16.41 18.71
CA LEU A 266 -6.61 15.00 18.95
C LEU A 266 -5.72 14.37 17.88
N LEU A 267 -6.09 14.48 16.60
CA LEU A 267 -5.33 13.83 15.53
C LEU A 267 -3.94 14.47 15.36
N HIS A 268 -3.85 15.76 15.70
CA HIS A 268 -2.58 16.48 15.73
C HIS A 268 -1.63 15.88 16.75
N LYS A 269 -2.14 15.61 17.95
CA LYS A 269 -1.34 15.01 19.01
C LYS A 269 -0.96 13.57 18.71
N LEU A 270 -1.86 12.81 18.09
CA LEU A 270 -1.56 11.41 17.74
C LEU A 270 -0.58 11.22 16.59
N SER A 271 -0.52 12.19 15.68
CA SER A 271 0.31 12.02 14.48
C SER A 271 1.46 13.01 14.37
N ASN A 272 1.46 14.02 15.24
CA ASN A 272 2.40 15.14 15.16
C ASN A 272 2.47 15.76 13.76
N GLU A 273 1.33 15.82 13.11
CA GLU A 273 1.22 16.42 11.79
C GLU A 273 0.40 17.70 11.84
N ASN A 274 0.75 18.68 11.02
CA ASN A 274 0.08 19.98 11.02
C ASN A 274 -1.02 20.03 9.96
N ASN A 275 -0.89 19.22 8.93
CA ASN A 275 -1.88 19.22 7.87
C ASN A 275 -2.78 18.00 8.00
N LEU A 276 -4.02 18.26 8.42
CA LEU A 276 -4.99 17.19 8.65
C LEU A 276 -6.26 17.43 7.85
N VAL A 277 -6.82 16.36 7.29
CA VAL A 277 -8.12 16.45 6.63
C VAL A 277 -9.19 15.64 7.35
N ILE A 278 -10.36 16.24 7.57
CA ILE A 278 -11.51 15.54 8.13
C ILE A 278 -12.75 15.72 7.26
N ALA A 279 -13.39 14.62 6.88
CA ALA A 279 -14.60 14.67 6.07
C ALA A 279 -15.82 14.90 6.96
N THR A 280 -16.75 15.76 6.52
CA THR A 280 -18.01 16.02 7.23
C THR A 280 -19.23 16.09 6.32
N PRO A 281 -20.00 15.01 6.25
CA PRO A 281 -21.33 14.97 5.64
C PRO A 281 -22.21 16.17 5.97
N VAL A 282 -22.87 16.72 4.96
CA VAL A 282 -23.91 17.72 5.19
C VAL A 282 -25.25 17.18 4.69
N ALA A 283 -26.32 17.59 5.35
CA ALA A 283 -27.67 17.12 5.06
C ALA A 283 -28.05 17.31 3.59
N GLY A 284 -27.69 18.45 3.03
CA GLY A 284 -27.86 18.71 1.62
C GLY A 284 -29.24 19.14 1.12
N ARG A 285 -30.13 19.55 2.02
CA ARG A 285 -31.48 19.94 1.58
C ARG A 285 -31.73 21.42 1.84
N LEU A 286 -31.08 22.27 1.06
CA LEU A 286 -31.19 23.70 1.29
C LEU A 286 -32.55 24.21 0.82
N GLU A 287 -32.99 23.77 -0.36
CA GLU A 287 -34.33 24.10 -0.86
C GLU A 287 -35.42 23.49 0.04
N ARG A 288 -36.35 24.32 0.52
CA ARG A 288 -37.43 23.88 1.41
C ARG A 288 -38.27 22.79 0.74
N SER A 289 -38.32 22.83 -0.59
CA SER A 289 -38.96 21.81 -1.40
C SER A 289 -38.48 20.36 -1.10
N LEU A 290 -37.28 20.24 -0.55
CA LEU A 290 -36.67 18.92 -0.33
C LEU A 290 -36.76 18.37 1.08
N ARG A 291 -37.45 19.11 1.96
CA ARG A 291 -37.52 18.73 3.38
C ARG A 291 -38.31 17.43 3.64
N ASN A 292 -39.34 17.20 2.83
CA ASN A 292 -40.19 16.03 3.01
C ASN A 292 -39.85 14.90 2.02
N ALA A 293 -38.78 15.08 1.25
CA ALA A 293 -38.47 14.14 0.18
C ALA A 293 -37.62 12.96 0.62
N LEU A 294 -38.02 11.77 0.23
CA LEU A 294 -37.15 10.62 0.41
C LEU A 294 -36.03 10.67 -0.65
N GLY A 295 -34.83 10.27 -0.26
CA GLY A 295 -33.74 10.20 -1.20
C GLY A 295 -32.37 10.29 -0.55
N GLN A 296 -31.32 10.24 -1.36
CA GLN A 296 -29.97 10.34 -0.86
C GLN A 296 -29.38 11.70 -1.26
N PHE A 297 -29.36 12.61 -0.28
CA PHE A 297 -29.08 14.02 -0.50
C PHE A 297 -27.82 14.46 0.24
N VAL A 298 -27.29 13.54 1.04
CA VAL A 298 -26.12 13.80 1.87
C VAL A 298 -24.85 13.93 1.03
N ASN A 299 -24.10 15.02 1.22
CA ASN A 299 -22.83 15.22 0.51
C ASN A 299 -21.63 15.35 1.45
N THR A 300 -20.57 14.63 1.15
CA THR A 300 -19.35 14.72 1.93
C THR A 300 -18.63 16.03 1.58
N ILE A 301 -18.10 16.74 2.58
CA ILE A 301 -17.09 17.76 2.30
C ILE A 301 -15.82 17.48 3.10
N ALA A 302 -14.67 17.78 2.50
CA ALA A 302 -13.38 17.62 3.15
C ALA A 302 -12.80 18.94 3.67
N ILE A 303 -12.63 19.04 4.99
CA ILE A 303 -12.05 20.23 5.59
C ILE A 303 -10.57 19.99 5.89
N HIS A 304 -9.71 20.66 5.15
CA HIS A 304 -8.27 20.53 5.37
C HIS A 304 -7.80 21.73 6.20
N MET A 305 -7.36 21.45 7.43
CA MET A 305 -6.87 22.48 8.37
C MET A 305 -5.35 22.47 8.43
N ASP A 306 -4.74 23.63 8.41
CA ASP A 306 -3.33 23.72 8.72
C ASP A 306 -3.22 24.12 10.19
N ILE A 307 -2.95 23.15 11.06
CA ILE A 307 -2.77 23.42 12.49
C ILE A 307 -1.56 24.30 12.74
N ASP A 308 -1.78 25.37 13.49
CA ASP A 308 -0.69 26.18 14.03
C ASP A 308 -0.64 25.95 15.56
N ALA A 309 0.32 25.15 16.03
CA ALA A 309 0.41 24.79 17.45
C ALA A 309 0.56 25.99 18.39
N ASP A 310 0.86 27.15 17.81
CA ASP A 310 1.07 28.37 18.56
C ASP A 310 -0.27 29.02 18.92
N GLN A 311 -1.31 28.70 18.16
CA GLN A 311 -2.66 29.20 18.43
C GLN A 311 -3.19 28.73 19.79
N THR A 312 -3.97 29.57 20.46
CA THR A 312 -4.68 29.11 21.64
C THR A 312 -5.87 28.26 21.19
N LEU A 313 -6.48 27.50 22.10
CA LEU A 313 -7.65 26.72 21.71
C LEU A 313 -8.81 27.62 21.32
N ARG A 314 -8.90 28.79 21.96
CA ARG A 314 -9.93 29.75 21.59
C ARG A 314 -9.71 30.16 20.15
N GLN A 315 -8.53 30.70 19.90
CA GLN A 315 -8.18 31.16 18.58
C GLN A 315 -8.39 30.07 17.52
N PHE A 316 -7.85 28.89 17.78
CA PHE A 316 -7.94 27.78 16.84
C PHE A 316 -9.39 27.29 16.63
N THR A 317 -10.17 27.21 17.70
CA THR A 317 -11.58 26.85 17.57
C THR A 317 -12.30 27.84 16.65
N GLN A 318 -12.01 29.13 16.82
CA GLN A 318 -12.58 30.17 15.95
C GLN A 318 -12.10 29.98 14.50
N GLN A 319 -10.84 29.60 14.34
CA GLN A 319 -10.25 29.35 13.03
C GLN A 319 -11.02 28.25 12.28
N VAL A 320 -11.45 27.23 13.02
CA VAL A 320 -12.15 26.09 12.42
C VAL A 320 -13.58 26.52 12.06
N GLN A 321 -14.23 27.19 12.99
CA GLN A 321 -15.59 27.65 12.76
C GLN A 321 -15.64 28.50 11.48
N GLU A 322 -14.62 29.32 11.27
CA GLU A 322 -14.56 30.17 10.09
C GLU A 322 -14.29 29.38 8.80
N GLN A 323 -13.40 28.39 8.84
CA GLN A 323 -13.16 27.63 7.62
C GLN A 323 -14.36 26.73 7.36
N LEU A 324 -15.05 26.34 8.41
CA LEU A 324 -16.28 25.59 8.27
C LEU A 324 -17.36 26.48 7.61
N ARG A 325 -17.49 27.71 8.08
CA ARG A 325 -18.51 28.63 7.54
C ARG A 325 -18.30 28.88 6.06
N GLN A 326 -17.06 29.16 5.68
CA GLN A 326 -16.74 29.39 4.28
C GLN A 326 -17.02 28.14 3.45
N SER A 327 -16.63 26.99 3.98
CA SER A 327 -16.77 25.74 3.25
C SER A 327 -18.24 25.39 3.00
N LEU A 328 -19.12 25.74 3.95
CA LEU A 328 -20.55 25.46 3.79
C LEU A 328 -21.18 26.31 2.68
N LYS A 329 -20.57 27.45 2.35
CA LYS A 329 -21.00 28.23 1.18
C LYS A 329 -20.92 27.41 -0.11
N HIS A 330 -19.90 26.57 -0.23
CA HIS A 330 -19.65 25.87 -1.47
C HIS A 330 -19.98 24.38 -1.38
N GLN A 331 -21.00 24.07 -0.59
CA GLN A 331 -21.33 22.67 -0.33
C GLN A 331 -22.12 22.04 -1.46
N LYS A 332 -22.54 22.86 -2.43
CA LYS A 332 -23.34 22.34 -3.53
C LYS A 332 -22.55 21.36 -4.40
N ILE A 333 -21.23 21.56 -4.48
CA ILE A 333 -20.35 20.69 -5.25
C ILE A 333 -20.23 19.30 -4.62
N ALA A 334 -20.56 18.27 -5.41
CA ALA A 334 -20.54 16.89 -4.90
C ALA A 334 -19.12 16.43 -4.67
N PHE A 335 -18.93 15.61 -3.64
CA PHE A 335 -17.61 15.14 -3.30
C PHE A 335 -16.93 14.46 -4.50
N SER A 336 -17.70 13.71 -5.27
CA SER A 336 -17.16 13.01 -6.43
C SER A 336 -16.63 13.99 -7.44
N ARG A 337 -17.31 15.11 -7.58
CA ARG A 337 -16.86 16.13 -8.51
C ARG A 337 -15.59 16.80 -7.98
N VAL A 338 -15.46 16.91 -6.66
CA VAL A 338 -14.25 17.49 -6.09
C VAL A 338 -13.05 16.56 -6.32
N VAL A 339 -13.25 15.26 -6.16
CA VAL A 339 -12.14 14.33 -6.34
C VAL A 339 -11.72 14.34 -7.79
N GLU A 340 -12.69 14.44 -8.69
CA GLU A 340 -12.41 14.56 -10.12
C GLU A 340 -11.53 15.78 -10.42
N ALA A 341 -11.79 16.91 -9.75
CA ALA A 341 -11.07 18.16 -10.02
C ALA A 341 -9.69 18.19 -9.40
N VAL A 342 -9.58 17.72 -8.16
CA VAL A 342 -8.29 17.70 -7.46
C VAL A 342 -7.36 16.67 -8.07
N SER A 343 -7.97 15.59 -8.51
CA SER A 343 -7.32 14.47 -9.17
C SER A 343 -6.15 13.84 -8.39
N PRO A 344 -6.41 13.39 -7.16
CA PRO A 344 -5.35 12.75 -6.39
C PRO A 344 -4.93 11.43 -7.02
N LYS A 345 -3.80 10.89 -6.58
CA LYS A 345 -3.39 9.57 -7.01
C LYS A 345 -4.38 8.56 -6.49
N ARG A 346 -5.06 7.84 -7.38
CA ARG A 346 -6.02 6.84 -6.95
C ARG A 346 -5.28 5.67 -6.30
N ASP A 347 -5.83 5.18 -5.19
CA ASP A 347 -5.14 4.26 -4.31
C ASP A 347 -6.22 3.43 -3.61
N GLY A 348 -6.28 2.14 -3.94
CA GLY A 348 -7.34 1.25 -3.47
C GLY A 348 -7.31 0.92 -1.99
N SER A 349 -6.36 1.50 -1.27
CA SER A 349 -6.18 1.23 0.14
C SER A 349 -6.83 2.28 1.02
N ILE A 350 -7.17 3.42 0.41
CA ILE A 350 -7.71 4.54 1.17
C ILE A 350 -8.86 5.19 0.42
N ASN A 351 -9.76 5.80 1.16
CA ASN A 351 -10.71 6.69 0.54
C ASN A 351 -9.99 7.97 0.10
N PRO A 352 -10.23 8.43 -1.13
CA PRO A 352 -9.57 9.62 -1.70
C PRO A 352 -9.71 10.86 -0.83
N LEU A 353 -8.66 11.69 -0.73
CA LEU A 353 -8.71 13.01 -0.05
C LEU A 353 -8.91 13.02 1.47
N ALA A 354 -9.79 12.17 1.98
CA ALA A 354 -10.04 12.10 3.42
C ALA A 354 -10.23 10.67 3.90
N GLN A 355 -9.62 10.33 5.02
CA GLN A 355 -9.78 9.00 5.60
C GLN A 355 -10.30 9.07 7.03
N ILE A 356 -10.61 10.28 7.49
CA ILE A 356 -11.10 10.54 8.83
C ILE A 356 -12.41 11.29 8.68
N GLY A 357 -13.41 10.93 9.47
CA GLY A 357 -14.70 11.60 9.35
C GLY A 357 -15.31 12.00 10.67
N MET A 358 -16.21 12.98 10.61
CA MET A 358 -17.02 13.29 11.76
C MET A 358 -18.45 13.64 11.35
N PHE A 359 -19.41 12.90 11.88
CA PHE A 359 -20.83 13.11 11.57
C PHE A 359 -21.44 13.68 12.81
N TRP A 360 -22.28 14.69 12.64
CA TRP A 360 -23.05 15.18 13.77
C TRP A 360 -24.51 15.19 13.39
N GLU A 361 -25.25 14.17 13.76
CA GLU A 361 -26.61 14.09 13.27
C GLU A 361 -27.64 14.17 14.39
N ARG A 362 -28.55 15.13 14.24
CA ARG A 362 -29.74 15.21 15.08
C ARG A 362 -30.94 15.52 14.19
N LEU A 363 -31.89 14.59 14.10
CA LEU A 363 -33.14 14.84 13.38
C LEU A 363 -34.05 15.77 14.16
N GLY A 364 -34.86 16.55 13.44
CA GLY A 364 -35.84 17.41 14.08
C GLY A 364 -37.24 16.84 13.98
N GLY A 365 -38.09 17.17 14.95
CA GLY A 365 -39.46 16.68 14.93
C GLY A 365 -39.51 15.16 15.02
N MET A 366 -38.58 14.60 15.81
CA MET A 366 -38.58 13.18 16.15
C MET A 366 -38.44 12.94 17.67
N ASP A 367 -39.02 13.81 18.49
CA ASP A 367 -38.88 13.70 19.95
C ASP A 367 -39.28 12.34 20.54
N GLU A 368 -40.43 11.82 20.10
CA GLU A 368 -40.92 10.50 20.54
C GLU A 368 -39.91 9.38 20.30
N PHE A 369 -39.02 9.58 19.32
CA PHE A 369 -38.07 8.55 18.88
C PHE A 369 -36.64 8.81 19.33
N LYS A 370 -36.45 9.88 20.12
CA LYS A 370 -35.10 10.29 20.55
C LYS A 370 -34.33 9.12 21.17
N GLU A 371 -34.80 8.64 22.31
CA GLU A 371 -34.10 7.60 23.03
C GLU A 371 -34.06 6.25 22.27
N LEU A 372 -35.06 5.97 21.44
CA LEU A 372 -35.05 4.72 20.64
C LEU A 372 -33.91 4.68 19.62
N LEU A 373 -33.52 5.85 19.14
CA LEU A 373 -32.55 5.95 18.05
C LEU A 373 -31.12 6.12 18.56
N LEU A 374 -30.94 6.21 19.88
CA LEU A 374 -29.60 6.28 20.46
C LEU A 374 -28.82 4.96 20.27
N PRO A 375 -27.50 5.02 20.38
CA PRO A 375 -26.76 3.77 20.18
C PRO A 375 -26.66 2.98 21.46
N ILE A 376 -27.42 3.38 22.47
CA ILE A 376 -27.42 2.71 23.76
C ILE A 376 -28.82 2.19 24.10
N GLN A 377 -28.87 1.14 24.92
CA GLN A 377 -30.14 0.66 25.42
C GLN A 377 -30.77 1.66 26.36
N THR A 378 -32.09 1.78 26.24
CA THR A 378 -32.91 2.62 27.09
C THR A 378 -34.23 1.91 27.34
N PRO A 379 -34.74 1.97 28.58
CA PRO A 379 -36.03 1.36 28.91
C PRO A 379 -37.27 2.09 28.32
N ALA A 380 -37.06 3.21 27.60
CA ALA A 380 -38.14 3.95 26.95
C ALA A 380 -38.78 3.20 25.81
N THR A 381 -40.08 3.42 25.65
CA THR A 381 -40.93 2.73 24.70
C THR A 381 -41.94 3.66 24.05
N LEU A 382 -42.49 3.17 22.95
CA LEU A 382 -43.52 3.87 22.22
C LEU A 382 -44.71 2.92 22.15
N VAL A 383 -45.77 3.22 22.90
CA VAL A 383 -46.86 2.28 23.07
C VAL A 383 -48.08 2.68 22.26
N GLY A 384 -48.53 1.77 21.42
CA GLY A 384 -49.71 2.00 20.61
C GLY A 384 -50.76 1.01 21.04
N GLN A 385 -51.94 1.11 20.45
CA GLN A 385 -53.01 0.18 20.74
C GLN A 385 -52.58 -1.26 20.42
N ASP A 386 -51.93 -1.46 19.27
CA ASP A 386 -51.68 -2.82 18.80
C ASP A 386 -50.29 -3.36 19.13
N LEU A 387 -49.33 -2.48 19.41
CA LEU A 387 -47.95 -2.89 19.66
C LEU A 387 -47.13 -1.92 20.47
N THR A 388 -45.88 -2.30 20.72
CA THR A 388 -44.99 -1.51 21.55
C THR A 388 -43.58 -1.60 21.00
N LEU A 389 -42.93 -0.46 20.79
CA LEU A 389 -41.54 -0.43 20.29
C LEU A 389 -40.56 -0.16 21.42
N GLY A 390 -39.46 -0.92 21.46
CA GLY A 390 -38.41 -0.71 22.44
C GLY A 390 -37.08 -0.64 21.73
N SER A 391 -36.02 -0.29 22.46
CA SER A 391 -34.68 -0.20 21.86
C SER A 391 -34.17 -1.55 21.45
N PHE A 392 -33.33 -1.59 20.42
CA PHE A 392 -32.50 -2.76 20.13
C PHE A 392 -31.22 -2.30 19.39
N PRO A 393 -30.14 -2.05 20.14
CA PRO A 393 -28.93 -1.52 19.47
C PRO A 393 -28.26 -2.52 18.56
N VAL A 394 -27.79 -2.01 17.43
CA VAL A 394 -27.16 -2.83 16.42
C VAL A 394 -25.94 -2.08 15.86
N ARG A 395 -24.75 -2.69 15.95
CA ARG A 395 -23.62 -2.16 15.21
C ARG A 395 -24.01 -2.00 13.73
N GLN A 396 -23.76 -0.84 13.13
CA GLN A 396 -24.13 -0.64 11.73
C GLN A 396 -23.28 0.45 11.05
N GLN A 397 -23.33 0.44 9.72
CA GLN A 397 -22.41 1.24 8.88
C GLN A 397 -20.97 1.26 9.41
N GLU A 398 -20.32 0.12 9.41
CA GLU A 398 -18.93 0.09 9.87
C GLU A 398 -17.96 -0.08 8.70
N GLY A 399 -16.87 0.69 8.74
CA GLY A 399 -15.79 0.55 7.80
C GLY A 399 -15.86 1.46 6.58
N GLN A 400 -16.51 2.61 6.73
CA GLN A 400 -16.56 3.55 5.63
C GLN A 400 -15.22 4.23 5.48
N LEU A 401 -14.64 4.61 6.62
CA LEU A 401 -13.37 5.32 6.65
C LEU A 401 -12.39 4.64 7.58
N ASP A 402 -11.23 5.25 7.80
CA ASP A 402 -10.24 4.72 8.73
C ASP A 402 -10.75 4.90 10.14
N ILE A 403 -11.30 6.09 10.37
CA ILE A 403 -11.89 6.49 11.64
C ILE A 403 -13.11 7.35 11.36
N THR A 404 -14.18 7.17 12.12
CA THR A 404 -15.28 8.10 12.09
C THR A 404 -15.80 8.38 13.50
N LEU A 405 -15.86 9.66 13.86
CA LEU A 405 -16.49 10.11 15.09
C LEU A 405 -17.97 10.47 14.85
N GLU A 406 -18.88 9.79 15.54
CA GLU A 406 -20.30 10.09 15.40
C GLU A 406 -20.89 10.65 16.70
N MET A 407 -21.41 11.87 16.63
CA MET A 407 -21.96 12.55 17.80
C MET A 407 -23.37 13.05 17.53
N GLY A 408 -23.95 13.73 18.53
CA GLY A 408 -25.20 14.44 18.33
C GLY A 408 -26.27 14.10 19.35
N GLY A 409 -26.29 12.86 19.81
CA GLY A 409 -27.25 12.45 20.81
C GLY A 409 -26.85 12.79 22.24
N GLU A 410 -27.83 12.75 23.14
CA GLU A 410 -27.64 13.13 24.53
C GLU A 410 -28.51 12.23 25.40
N TYR A 411 -28.05 11.89 26.61
CA TYR A 411 -28.86 11.07 27.52
C TYR A 411 -28.48 11.30 28.97
N GLN A 412 -29.47 11.74 29.74
CA GLN A 412 -29.29 12.02 31.17
C GLN A 412 -28.14 13.00 31.44
N GLY A 413 -27.98 13.96 30.53
CA GLY A 413 -27.01 15.03 30.70
C GLY A 413 -25.75 14.85 29.89
N GLU A 414 -25.45 13.59 29.55
CA GLU A 414 -24.19 13.20 28.92
C GLU A 414 -24.29 13.12 27.40
N LEU A 415 -23.36 13.74 26.70
CA LEU A 415 -23.27 13.60 25.26
C LEU A 415 -22.95 12.15 24.91
N VAL A 416 -23.61 11.63 23.88
CA VAL A 416 -23.37 10.24 23.48
C VAL A 416 -22.67 10.19 22.13
N GLY A 417 -21.59 9.40 22.08
CA GLY A 417 -20.77 9.30 20.89
C GLY A 417 -20.40 7.89 20.51
N VAL A 418 -20.07 7.71 19.24
CA VAL A 418 -19.63 6.43 18.73
C VAL A 418 -18.36 6.63 17.94
N LEU A 419 -17.27 6.02 18.37
CA LEU A 419 -16.06 6.00 17.57
C LEU A 419 -16.05 4.75 16.69
N LYS A 420 -16.15 4.96 15.39
CA LYS A 420 -16.05 3.85 14.44
C LYS A 420 -14.64 3.79 13.91
N TYR A 421 -14.09 2.58 13.85
CA TYR A 421 -12.69 2.39 13.46
C TYR A 421 -12.52 1.14 12.62
N ASN A 422 -11.61 1.23 11.66
CA ASN A 422 -11.28 0.15 10.75
C ASN A 422 -10.43 -0.91 11.46
N THR A 423 -10.95 -2.13 11.60
CA THR A 423 -10.26 -3.18 12.38
C THR A 423 -9.08 -3.85 11.66
N ASP A 424 -8.75 -3.40 10.46
CA ASP A 424 -7.53 -3.88 9.80
C ASP A 424 -6.37 -2.92 10.09
N LEU A 425 -6.69 -1.77 10.65
CA LEU A 425 -5.70 -0.77 10.98
C LEU A 425 -5.50 -0.61 12.49
N PHE A 426 -6.60 -0.69 13.23
CA PHE A 426 -6.56 -0.42 14.67
C PHE A 426 -7.06 -1.57 15.53
N SER A 427 -6.46 -1.72 16.69
CA SER A 427 -6.89 -2.71 17.66
C SER A 427 -8.02 -2.14 18.52
N ALA A 428 -8.73 -3.01 19.24
CA ALA A 428 -9.80 -2.54 20.12
C ALA A 428 -9.20 -1.65 21.20
N GLN A 429 -8.01 -2.03 21.64
CA GLN A 429 -7.31 -1.30 22.70
C GLN A 429 -6.98 0.12 22.25
N SER A 430 -6.57 0.28 20.99
CA SER A 430 -6.29 1.60 20.42
C SER A 430 -7.53 2.46 20.28
N ALA A 431 -8.67 1.83 19.98
CA ALA A 431 -9.90 2.57 19.88
C ALA A 431 -10.24 3.13 21.24
N GLU A 432 -10.13 2.28 22.27
CA GLU A 432 -10.41 2.69 23.64
C GLU A 432 -9.53 3.87 24.00
N ASN A 433 -8.25 3.77 23.65
CA ASN A 433 -7.30 4.87 23.85
C ASN A 433 -7.66 6.19 23.17
N MET A 434 -8.04 6.13 21.89
CA MET A 434 -8.49 7.33 21.18
C MET A 434 -9.69 7.96 21.88
N VAL A 435 -10.59 7.13 22.39
CA VAL A 435 -11.76 7.69 23.09
C VAL A 435 -11.32 8.39 24.37
N GLN A 436 -10.44 7.74 25.12
CA GLN A 436 -9.97 8.33 26.37
C GLN A 436 -9.21 9.64 26.13
N LEU A 437 -8.52 9.73 25.00
CA LEU A 437 -7.76 10.93 24.65
C LEU A 437 -8.68 12.07 24.20
N LEU A 438 -9.74 11.73 23.46
CA LEU A 438 -10.77 12.69 23.10
C LEU A 438 -11.43 13.26 24.36
N GLN A 439 -11.82 12.37 25.27
CA GLN A 439 -12.36 12.76 26.57
C GLN A 439 -11.44 13.83 27.19
N ALA A 440 -10.13 13.62 27.08
CA ALA A 440 -9.14 14.49 27.70
C ALA A 440 -9.05 15.85 27.02
N VAL A 441 -8.96 15.86 25.69
CA VAL A 441 -8.96 17.10 24.92
C VAL A 441 -10.18 17.95 25.26
N LEU A 442 -11.34 17.31 25.27
CA LEU A 442 -12.58 18.01 25.60
C LEU A 442 -12.54 18.57 27.02
N SER A 443 -12.04 17.79 27.98
CA SER A 443 -11.92 18.28 29.36
C SER A 443 -10.98 19.46 29.43
N GLU A 444 -9.78 19.30 28.86
CA GLU A 444 -8.75 20.33 28.93
C GLU A 444 -9.19 21.59 28.19
N MET A 445 -10.08 21.43 27.21
CA MET A 445 -10.65 22.59 26.52
C MET A 445 -11.53 23.44 27.46
N VAL A 446 -12.45 22.82 28.20
CA VAL A 446 -13.33 23.63 29.05
C VAL A 446 -12.56 24.21 30.25
N ALA A 447 -11.57 23.46 30.74
CA ALA A 447 -10.83 23.87 31.93
C ALA A 447 -9.77 24.95 31.66
N HIS A 448 -9.07 24.87 30.53
CA HIS A 448 -8.05 25.86 30.22
C HIS A 448 -8.16 26.45 28.81
N PRO A 449 -9.23 27.22 28.55
CA PRO A 449 -9.57 27.78 27.23
C PRO A 449 -8.44 28.54 26.52
N GLU A 450 -7.54 29.17 27.27
CA GLU A 450 -6.55 30.05 26.66
C GLU A 450 -5.21 29.38 26.45
N ARG A 451 -5.11 28.12 26.83
CA ARG A 451 -3.85 27.40 26.70
C ARG A 451 -3.51 27.19 25.23
N LYS A 452 -2.21 27.25 24.90
CA LYS A 452 -1.71 27.05 23.54
C LYS A 452 -1.66 25.57 23.18
N ILE A 453 -2.02 25.25 21.94
CA ILE A 453 -2.10 23.87 21.48
C ILE A 453 -0.81 23.07 21.75
N VAL A 454 0.34 23.71 21.64
CA VAL A 454 1.60 23.06 22.01
C VAL A 454 1.67 22.78 23.53
N GLU A 455 1.32 23.78 24.35
CA GLU A 455 1.35 23.69 25.81
C GLU A 455 0.40 22.63 26.37
N LEU A 456 -0.48 22.13 25.51
CA LEU A 456 -1.54 21.23 25.92
C LEU A 456 -1.03 19.79 26.03
N ASP A 457 -1.18 19.21 27.21
CA ASP A 457 -0.72 17.84 27.42
C ASP A 457 -1.94 16.93 27.61
N ILE A 458 -2.05 15.97 26.69
CA ILE A 458 -3.21 15.08 26.56
C ILE A 458 -2.95 13.79 27.33
N ALA A 459 -1.68 13.60 27.68
CA ALA A 459 -1.23 12.37 28.30
C ALA A 459 -1.94 12.14 29.61
N PRO A 460 -2.16 10.87 29.97
CA PRO A 460 -2.66 10.56 31.32
C PRO A 460 -1.65 11.03 32.34
N ASP A 461 -2.08 11.42 33.54
CA ASP A 461 -1.09 11.80 34.56
C ASP A 461 -0.53 10.50 35.13
N TYR A 462 0.72 10.21 34.78
CA TYR A 462 1.35 8.95 35.12
C TYR A 462 1.73 8.91 36.58
N LYS A 463 1.36 7.81 37.25
CA LYS A 463 1.39 7.72 38.72
C LYS A 463 2.80 7.80 39.32
N ASP A 464 3.56 6.71 39.17
CA ASP A 464 4.89 6.64 39.77
C ASP A 464 5.98 7.09 38.81
N GLY A 465 5.75 8.22 38.15
CA GLY A 465 6.73 8.78 37.23
C GLY A 465 7.22 7.82 36.15
N ILE A 466 6.31 7.02 35.60
CA ILE A 466 6.57 6.17 34.45
C ILE A 466 5.28 5.86 33.68
N GLN A 467 5.41 5.58 32.39
CA GLN A 467 4.27 5.38 31.51
C GLN A 467 3.55 4.05 31.71
N PHE A 468 4.31 2.98 31.98
CA PHE A 468 3.76 1.67 32.31
C PHE A 468 4.67 1.01 33.33
N GLU A 469 4.14 0.17 34.20
CA GLU A 469 5.02 -0.41 35.22
C GLU A 469 5.98 -1.43 34.59
N ALA A 470 5.61 -1.96 33.43
CA ALA A 470 6.49 -2.88 32.71
C ALA A 470 7.79 -2.20 32.32
N LEU A 471 7.71 -0.89 32.02
CA LEU A 471 8.86 -0.12 31.54
C LEU A 471 9.92 0.19 32.61
N ARG A 472 9.60 -0.12 33.86
CA ARG A 472 10.57 -0.01 34.95
C ARG A 472 11.08 -1.40 35.29
N GLY A 473 12.40 -1.56 35.19
CA GLY A 473 13.03 -2.84 35.46
C GLY A 473 13.25 -3.08 36.95
N LYS A 474 13.21 -4.37 37.31
CA LYS A 474 13.48 -4.86 38.66
C LYS A 474 14.60 -4.10 39.37
N ALA A 475 14.34 -3.62 40.59
CA ALA A 475 15.37 -2.98 41.40
C ALA A 475 16.19 -4.02 42.16
N THR A 476 17.51 -4.03 41.93
CA THR A 476 18.41 -4.99 42.55
C THR A 476 19.73 -4.32 42.92
N ASP A 477 20.56 -5.03 43.69
CA ASP A 477 21.91 -4.56 44.05
C ASP A 477 22.99 -5.09 43.09
N TYR A 478 22.62 -5.46 41.88
CA TYR A 478 23.54 -6.07 40.93
C TYR A 478 24.76 -5.21 40.64
N ALA A 479 24.58 -3.91 40.56
CA ALA A 479 25.68 -3.02 40.21
C ALA A 479 26.74 -2.92 41.32
N GLN A 480 26.48 -3.56 42.46
CA GLN A 480 27.42 -3.49 43.59
C GLN A 480 28.21 -4.79 43.72
N HIS A 481 27.87 -5.76 42.88
CA HIS A 481 28.57 -7.04 42.84
C HIS A 481 29.97 -6.94 42.26
N ASP A 482 30.71 -8.04 42.41
CA ASP A 482 32.12 -8.13 42.09
C ASP A 482 32.36 -9.17 41.00
N LEU A 483 32.48 -8.70 39.76
CA LEU A 483 32.69 -9.59 38.64
C LEU A 483 33.94 -10.44 38.78
N PHE A 484 35.03 -9.83 39.24
CA PHE A 484 36.32 -10.53 39.33
C PHE A 484 36.25 -11.72 40.29
N ALA A 485 35.66 -11.47 41.45
CA ALA A 485 35.54 -12.49 42.49
C ALA A 485 34.75 -13.69 41.96
N MET A 486 33.70 -13.41 41.19
CA MET A 486 32.89 -14.46 40.60
C MET A 486 33.72 -15.36 39.67
N ILE A 487 34.57 -14.75 38.86
CA ILE A 487 35.40 -15.50 37.93
C ILE A 487 36.52 -16.23 38.64
N LEU A 488 37.11 -15.60 39.64
CA LEU A 488 38.10 -16.30 40.46
C LEU A 488 37.52 -17.55 41.13
N LYS A 489 36.31 -17.44 41.66
CA LYS A 489 35.65 -18.59 42.28
C LYS A 489 35.54 -19.75 41.27
N GLN A 490 35.09 -19.42 40.06
CA GLN A 490 34.99 -20.43 39.01
C GLN A 490 36.33 -21.03 38.64
N ILE A 491 37.38 -20.23 38.64
CA ILE A 491 38.73 -20.78 38.42
C ILE A 491 39.13 -21.76 39.54
N ASP A 492 38.95 -21.36 40.80
CA ASP A 492 39.33 -22.20 41.93
C ASP A 492 38.52 -23.49 41.99
N GLU A 493 37.26 -23.42 41.55
CA GLU A 493 36.35 -24.57 41.61
C GLU A 493 36.42 -25.46 40.38
N ARG A 494 36.38 -24.87 39.19
CA ARG A 494 36.35 -25.64 37.95
C ARG A 494 37.68 -26.34 37.65
N GLY A 495 38.77 -25.88 38.25
CA GLY A 495 40.06 -26.54 38.16
C GLY A 495 40.59 -26.79 36.76
N ASP A 496 40.58 -28.05 36.34
CA ASP A 496 41.18 -28.45 35.06
C ASP A 496 40.14 -28.67 33.95
N ASN A 497 38.88 -28.41 34.26
CA ASN A 497 37.84 -28.40 33.24
C ASN A 497 38.09 -27.34 32.17
N HIS A 498 37.48 -27.54 31.02
CA HIS A 498 37.62 -26.61 29.89
C HIS A 498 37.01 -25.24 30.17
N ALA A 499 37.66 -24.21 29.66
CA ALA A 499 37.20 -22.84 29.80
C ALA A 499 37.16 -22.15 28.42
N LEU A 500 38.22 -22.30 27.65
CA LEU A 500 38.33 -21.64 26.35
C LEU A 500 38.74 -22.60 25.22
N THR A 501 38.03 -22.55 24.09
CA THR A 501 38.40 -23.33 22.92
C THR A 501 38.85 -22.45 21.76
N SER A 502 40.11 -22.58 21.40
CA SER A 502 40.69 -21.72 20.38
C SER A 502 40.13 -22.07 19.00
N HIS A 505 44.00 -24.98 20.34
CA HIS A 505 43.98 -25.95 21.42
C HIS A 505 43.36 -25.38 22.70
N THR A 506 42.80 -26.27 23.51
CA THR A 506 41.95 -25.94 24.67
C THR A 506 42.68 -25.43 25.91
N VAL A 507 42.11 -24.40 26.54
CA VAL A 507 42.62 -23.82 27.78
C VAL A 507 41.75 -24.17 28.98
N SER A 508 42.31 -24.79 30.00
CA SER A 508 41.54 -25.08 31.22
C SER A 508 41.32 -23.83 32.08
N TYR A 509 40.43 -23.92 33.06
CA TYR A 509 40.21 -22.82 33.99
C TYR A 509 41.46 -22.47 34.83
N ARG A 510 42.17 -23.48 35.29
CA ARG A 510 43.42 -23.25 36.01
C ARG A 510 44.37 -22.47 35.10
N GLU A 511 44.47 -22.91 33.85
CA GLU A 511 45.37 -22.31 32.89
C GLU A 511 44.96 -20.87 32.58
N LEU A 512 43.65 -20.63 32.58
CA LEU A 512 43.12 -19.28 32.34
C LEU A 512 43.56 -18.34 33.45
N GLY A 513 43.47 -18.80 34.69
CA GLY A 513 43.87 -18.03 35.84
C GLY A 513 45.34 -17.66 35.75
N GLN A 514 46.15 -18.62 35.30
CA GLN A 514 47.57 -18.38 35.09
C GLN A 514 47.84 -17.30 34.03
N HIS A 515 47.06 -17.30 32.95
CA HIS A 515 47.17 -16.26 31.94
C HIS A 515 46.68 -14.89 32.41
N ILE A 516 45.59 -14.83 33.19
CA ILE A 516 45.12 -13.57 33.76
C ILE A 516 46.30 -12.92 34.51
N ALA A 517 46.91 -13.73 35.38
CA ALA A 517 47.95 -13.31 36.28
C ALA A 517 49.19 -12.84 35.51
N GLY A 518 49.60 -13.63 34.53
CA GLY A 518 50.80 -13.35 33.76
C GLY A 518 50.68 -12.12 32.88
N ILE A 519 49.48 -11.87 32.39
CA ILE A 519 49.24 -10.71 31.55
C ILE A 519 49.11 -9.46 32.42
N ALA A 520 48.53 -9.63 33.60
CA ALA A 520 48.43 -8.51 34.53
C ALA A 520 49.83 -8.08 34.95
N GLU A 521 50.66 -9.05 35.27
CA GLU A 521 52.01 -8.76 35.74
C GLU A 521 52.89 -8.21 34.62
N TYR A 522 52.74 -8.73 33.41
CA TYR A 522 53.46 -8.18 32.28
C TYR A 522 53.16 -6.69 32.11
N LEU A 523 51.89 -6.31 32.23
CA LEU A 523 51.48 -4.94 32.06
C LEU A 523 52.00 -4.04 33.21
N ARG A 524 51.83 -4.50 34.45
CA ARG A 524 52.33 -3.75 35.58
C ARG A 524 53.84 -3.53 35.45
N ALA A 525 54.53 -4.59 35.07
CA ALA A 525 55.99 -4.60 35.05
C ALA A 525 56.52 -3.68 33.96
N HIS A 526 55.64 -3.28 33.04
CA HIS A 526 56.04 -2.40 31.95
C HIS A 526 55.24 -1.11 31.92
N GLY A 527 54.78 -0.67 33.08
CA GLY A 527 54.35 0.70 33.26
C GLY A 527 52.87 0.94 33.38
N ILE A 528 52.08 -0.12 33.25
CA ILE A 528 50.62 0.03 33.33
C ILE A 528 50.11 0.14 34.76
N THR A 529 49.47 1.27 35.03
CA THR A 529 49.02 1.60 36.38
C THR A 529 47.51 1.71 36.34
N GLN A 530 46.85 1.65 37.49
CA GLN A 530 45.40 1.79 37.54
C GLN A 530 44.91 3.03 36.79
N GLY A 531 43.85 2.86 36.02
CA GLY A 531 43.28 3.97 35.27
C GLY A 531 43.86 4.15 33.88
N ASP A 532 44.89 3.42 33.53
CA ASP A 532 45.50 3.61 32.22
C ASP A 532 44.60 3.00 31.16
N ARG A 533 44.77 3.49 29.93
CA ARG A 533 44.01 2.98 28.80
C ARG A 533 44.94 2.15 27.96
N VAL A 534 44.56 0.90 27.71
CA VAL A 534 45.40 -0.04 26.98
C VAL A 534 44.77 -0.45 25.67
N GLY A 535 45.43 -0.08 24.57
CA GLY A 535 45.02 -0.51 23.25
C GLY A 535 45.09 -2.02 23.12
N LEU A 536 44.07 -2.62 22.53
CA LEU A 536 44.05 -4.06 22.38
C LEU A 536 43.87 -4.46 20.92
N MET A 537 44.94 -4.98 20.32
CA MET A 537 44.94 -5.35 18.91
C MET A 537 45.28 -6.83 18.74
N LEU A 538 44.28 -7.69 18.86
CA LEU A 538 44.48 -9.15 18.83
C LEU A 538 43.72 -9.88 17.71
N ASP A 539 44.18 -11.10 17.38
CA ASP A 539 43.42 -12.03 16.56
C ASP A 539 42.52 -12.87 17.47
N ARG A 540 41.48 -13.47 16.91
CA ARG A 540 40.53 -14.20 17.73
C ARG A 540 41.10 -15.53 18.21
N THR A 541 41.87 -15.47 19.28
CA THR A 541 42.43 -16.68 19.87
C THR A 541 41.83 -16.88 21.24
N ALA A 542 42.36 -17.86 21.97
CA ALA A 542 41.94 -18.09 23.35
C ALA A 542 42.59 -17.06 24.28
N LEU A 543 43.62 -16.39 23.81
CA LEU A 543 44.24 -15.32 24.57
C LEU A 543 43.29 -14.11 24.75
N LEU A 544 42.29 -13.98 23.87
CA LEU A 544 41.44 -12.78 23.84
C LEU A 544 40.65 -12.59 25.14
N PRO A 545 39.85 -13.61 25.56
CA PRO A 545 39.21 -13.40 26.87
C PRO A 545 40.22 -13.14 27.96
N ALA A 546 41.35 -13.82 27.91
CA ALA A 546 42.39 -13.65 28.94
C ALA A 546 42.99 -12.23 28.91
N ALA A 547 43.13 -11.64 27.72
CA ALA A 547 43.66 -10.28 27.61
C ALA A 547 42.74 -9.28 28.28
N ILE A 548 41.43 -9.39 28.03
CA ILE A 548 40.45 -8.52 28.66
C ILE A 548 40.63 -8.55 30.18
N LEU A 549 40.60 -9.75 30.74
CA LEU A 549 40.61 -9.87 32.20
C LEU A 549 41.95 -9.48 32.78
N GLY A 550 43.02 -9.72 32.02
CA GLY A 550 44.36 -9.37 32.48
C GLY A 550 44.48 -7.88 32.60
N ILE A 551 44.04 -7.17 31.56
CA ILE A 551 44.04 -5.72 31.54
C ILE A 551 43.21 -5.16 32.69
N TRP A 552 42.05 -5.75 32.93
CA TRP A 552 41.23 -5.35 34.04
C TRP A 552 41.91 -5.58 35.38
N ALA A 553 42.62 -6.69 35.50
CA ALA A 553 43.22 -7.05 36.78
C ALA A 553 44.38 -6.13 37.13
N ALA A 554 44.93 -5.46 36.12
CA ALA A 554 45.99 -4.48 36.33
C ALA A 554 45.36 -3.12 36.58
N GLY A 555 44.03 -3.11 36.68
CA GLY A 555 43.29 -1.90 36.97
C GLY A 555 43.07 -0.99 35.77
N ALA A 556 43.41 -1.47 34.56
CA ALA A 556 43.31 -0.63 33.38
C ALA A 556 42.00 -0.86 32.61
N ALA A 557 41.78 -0.02 31.61
CA ALA A 557 40.64 -0.14 30.70
C ALA A 557 41.21 -0.42 29.33
N TYR A 558 40.51 -1.23 28.52
CA TYR A 558 41.04 -1.49 27.20
C TYR A 558 40.30 -0.70 26.14
N VAL A 559 41.00 -0.41 25.06
CA VAL A 559 40.43 0.22 23.88
C VAL A 559 40.55 -0.74 22.69
N PRO A 560 39.42 -1.28 22.22
CA PRO A 560 39.47 -2.27 21.14
C PRO A 560 40.01 -1.72 19.82
N LEU A 561 41.12 -2.27 19.36
CA LEU A 561 41.62 -1.98 18.02
C LEU A 561 41.62 -3.26 17.19
N ASP A 562 40.47 -3.58 16.61
CA ASP A 562 40.34 -4.79 15.81
C ASP A 562 41.23 -4.63 14.58
N PRO A 563 42.20 -5.55 14.41
CA PRO A 563 43.23 -5.45 13.37
C PRO A 563 42.71 -5.67 11.95
N ASN A 564 41.47 -6.12 11.80
CA ASN A 564 40.89 -6.27 10.46
C ASN A 564 40.24 -4.98 9.97
N PHE A 565 40.00 -4.06 10.90
CA PHE A 565 39.43 -2.75 10.56
C PHE A 565 40.43 -1.96 9.69
N PRO A 566 39.93 -0.97 8.92
CA PRO A 566 40.86 -0.20 8.08
C PRO A 566 41.79 0.65 8.92
N THR A 567 43.05 0.78 8.50
CA THR A 567 44.10 1.46 9.26
C THR A 567 43.75 2.90 9.65
N GLU A 568 43.16 3.65 8.73
CA GLU A 568 42.80 5.03 9.02
C GLU A 568 41.86 5.07 10.24
N ARG A 569 40.92 4.15 10.29
CA ARG A 569 39.95 4.06 11.40
C ARG A 569 40.69 3.80 12.72
N LEU A 570 41.59 2.82 12.73
CA LEU A 570 42.34 2.50 13.95
C LEU A 570 43.22 3.69 14.36
N GLN A 571 43.81 4.40 13.41
CA GLN A 571 44.61 5.56 13.78
C GLN A 571 43.76 6.65 14.47
N ASN A 572 42.59 6.97 13.91
CA ASN A 572 41.68 7.94 14.53
C ASN A 572 41.33 7.56 15.98
N ILE A 573 41.17 6.26 16.25
CA ILE A 573 40.93 5.81 17.60
C ILE A 573 42.16 6.04 18.49
N ILE A 574 43.34 5.67 17.99
CA ILE A 574 44.58 5.83 18.74
C ILE A 574 44.71 7.26 19.22
N GLU A 575 44.49 8.19 18.29
CA GLU A 575 44.73 9.61 18.52
C GLU A 575 43.79 10.23 19.56
N ASP A 576 42.52 9.82 19.52
CA ASP A 576 41.51 10.32 20.44
C ASP A 576 41.67 9.70 21.83
N ALA A 577 41.98 8.39 21.86
CA ALA A 577 42.01 7.63 23.11
C ALA A 577 43.32 7.82 23.88
N GLU A 578 44.37 8.26 23.18
CA GLU A 578 45.68 8.49 23.80
C GLU A 578 46.12 7.37 24.74
N PRO A 579 46.16 6.13 24.24
CA PRO A 579 46.44 4.98 25.11
C PRO A 579 47.89 4.90 25.58
N LYS A 580 48.07 4.33 26.75
CA LYS A 580 49.40 4.19 27.36
C LYS A 580 50.25 3.26 26.53
N VAL A 581 49.63 2.19 26.03
CA VAL A 581 50.32 1.13 25.33
C VAL A 581 49.32 0.46 24.41
N ILE A 582 49.81 -0.26 23.40
CA ILE A 582 48.97 -1.11 22.56
C ILE A 582 49.40 -2.57 22.76
N LEU A 583 48.51 -3.38 23.32
CA LEU A 583 48.82 -4.79 23.58
C LEU A 583 48.39 -5.58 22.37
N THR A 584 49.35 -6.18 21.68
CA THR A 584 49.10 -6.84 20.41
C THR A 584 49.84 -8.18 20.37
N GLN A 585 49.86 -8.86 19.23
CA GLN A 585 50.57 -10.13 19.19
C GLN A 585 51.73 -10.05 18.22
N THR A 586 52.64 -11.03 18.29
CA THR A 586 53.91 -11.02 17.55
C THR A 586 53.81 -10.58 16.09
N GLU A 587 52.96 -11.28 15.33
CA GLU A 587 52.77 -11.03 13.90
C GLU A 587 52.44 -9.58 13.52
N LEU A 588 51.86 -8.83 14.46
CA LEU A 588 51.28 -7.52 14.15
C LEU A 588 52.09 -6.32 14.64
N MET A 589 53.26 -6.58 15.22
CA MET A 589 54.03 -5.54 15.94
C MET A 589 54.42 -4.34 15.07
N ASP A 590 54.61 -4.56 13.78
CA ASP A 590 54.99 -3.50 12.86
C ASP A 590 53.82 -3.06 11.98
N GLY A 591 52.65 -3.62 12.26
CA GLY A 591 51.47 -3.39 11.44
C GLY A 591 51.09 -1.94 11.22
N LEU A 592 50.97 -1.18 12.32
CA LEU A 592 50.66 0.24 12.22
C LEU A 592 51.90 1.06 12.56
N ASN A 593 52.11 2.12 11.78
CA ASN A 593 53.12 3.12 12.09
C ASN A 593 52.46 4.13 13.02
N VAL A 594 52.64 3.93 14.33
CA VAL A 594 52.07 4.81 15.32
C VAL A 594 53.10 5.18 16.37
N SER A 595 52.95 6.40 16.91
CA SER A 595 53.86 6.89 17.92
C SER A 595 53.35 6.50 19.31
N VAL A 596 53.19 5.18 19.51
CA VAL A 596 52.65 4.64 20.74
C VAL A 596 53.34 3.31 21.04
N PRO A 597 53.82 3.12 22.28
CA PRO A 597 54.49 1.87 22.65
C PRO A 597 53.64 0.64 22.40
N ARG A 598 54.29 -0.45 21.99
CA ARG A 598 53.60 -1.70 21.71
C ARG A 598 54.18 -2.78 22.62
N LEU A 599 53.31 -3.68 23.09
CA LEU A 599 53.71 -4.83 23.89
C LEU A 599 53.22 -6.14 23.27
N ASP A 600 54.12 -7.10 23.15
CA ASP A 600 53.77 -8.41 22.62
C ASP A 600 53.24 -9.30 23.72
N ILE A 601 51.97 -9.67 23.63
CA ILE A 601 51.31 -10.49 24.64
C ILE A 601 51.91 -11.91 24.76
N ASN A 602 52.59 -12.36 23.72
CA ASN A 602 53.23 -13.67 23.78
C ASN A 602 54.44 -13.67 24.70
N GLN A 603 54.97 -12.47 24.96
CA GLN A 603 56.16 -12.31 25.80
C GLN A 603 55.79 -12.29 27.25
N ALA A 604 54.49 -12.15 27.52
CA ALA A 604 53.99 -12.19 28.88
C ALA A 604 54.25 -13.56 29.46
N GLY A 605 54.85 -13.61 30.63
CA GLY A 605 55.07 -14.89 31.28
C GLY A 605 53.75 -15.60 31.57
N VAL A 606 53.85 -16.73 32.24
CA VAL A 606 52.69 -17.26 32.93
C VAL A 606 53.10 -17.24 34.40
N VAL A 607 52.16 -16.88 35.25
CA VAL A 607 52.43 -16.58 36.64
C VAL A 607 51.37 -17.26 37.47
N ALA A 608 51.74 -17.91 38.56
CA ALA A 608 50.74 -18.56 39.38
C ALA A 608 49.87 -17.49 40.01
N LEU A 609 48.58 -17.73 40.04
CA LEU A 609 47.63 -16.74 40.53
C LEU A 609 47.94 -16.36 41.99
N GLU A 610 48.36 -17.34 42.79
CA GLU A 610 48.65 -17.11 44.21
C GLU A 610 49.77 -16.09 44.47
N GLN A 611 50.58 -15.80 43.46
CA GLN A 611 51.71 -14.89 43.64
C GLN A 611 51.33 -13.41 43.46
N VAL A 612 50.26 -13.13 42.72
CA VAL A 612 49.91 -11.75 42.41
C VAL A 612 48.44 -11.39 42.64
N ARG A 613 47.72 -12.21 43.39
CA ARG A 613 46.30 -11.95 43.63
C ARG A 613 46.13 -10.75 44.56
N GLU A 614 47.12 -10.50 45.42
CA GLU A 614 47.08 -9.33 46.31
C GLU A 614 47.18 -8.04 45.47
N THR A 615 47.89 -8.13 44.35
CA THR A 615 48.03 -7.04 43.40
C THR A 615 46.73 -6.73 42.65
N LEU A 616 45.96 -7.76 42.31
CA LEU A 616 44.92 -7.65 41.29
C LEU A 616 43.58 -7.14 41.82
N ALA A 617 43.09 -6.09 41.16
CA ALA A 617 41.81 -5.47 41.47
C ALA A 617 41.40 -4.64 40.27
N PHE A 618 40.14 -4.75 39.87
CA PHE A 618 39.67 -3.93 38.75
C PHE A 618 39.75 -2.45 39.09
N GLY A 619 39.83 -1.60 38.06
CA GLY A 619 39.77 -0.16 38.23
C GLY A 619 38.33 0.31 38.09
N ASP A 620 38.12 1.63 37.97
CA ASP A 620 36.76 2.16 37.80
C ASP A 620 36.23 1.96 36.37
N ILE A 621 37.05 2.27 35.37
CA ILE A 621 36.65 2.20 33.97
C ILE A 621 37.04 0.85 33.35
N ALA A 622 36.09 0.22 32.67
CA ALA A 622 36.37 -1.09 32.07
C ALA A 622 36.85 -1.00 30.62
N TYR A 623 36.23 -0.15 29.82
CA TYR A 623 36.71 0.04 28.46
C TYR A 623 36.22 1.33 27.86
N VAL A 624 36.83 1.70 26.74
CA VAL A 624 36.40 2.83 25.94
C VAL A 624 36.08 2.28 24.57
N MET A 625 34.80 2.13 24.28
CA MET A 625 34.35 1.49 23.05
C MET A 625 34.03 2.59 22.06
N TYR A 626 34.73 2.61 20.94
CA TYR A 626 34.51 3.67 19.97
C TYR A 626 33.32 3.35 19.06
N THR A 627 32.60 4.41 18.69
CA THR A 627 31.40 4.30 17.85
C THR A 627 31.35 5.49 16.90
N SER A 628 30.55 5.40 15.84
CA SER A 628 30.50 6.43 14.80
C SER A 628 30.14 7.81 15.31
N LYS A 633 33.91 11.99 13.11
CA LYS A 633 34.56 12.20 14.41
C LYS A 633 34.30 11.00 15.33
N PRO A 634 35.36 10.47 15.97
CA PRO A 634 35.25 9.26 16.80
C PRO A 634 34.76 9.56 18.21
N LYS A 635 33.88 8.72 18.74
CA LYS A 635 33.33 8.91 20.08
C LYS A 635 33.64 7.70 20.95
N GLY A 636 34.36 7.91 22.03
CA GLY A 636 34.69 6.78 22.87
C GLY A 636 33.77 6.72 24.06
N VAL A 637 33.02 5.63 24.17
CA VAL A 637 32.08 5.49 25.26
C VAL A 637 32.75 4.79 26.41
N ARG A 638 32.93 5.50 27.53
CA ARG A 638 33.61 4.92 28.68
C ARG A 638 32.62 4.21 29.57
N ILE A 639 32.81 2.91 29.73
CA ILE A 639 31.89 2.10 30.50
C ILE A 639 32.58 1.67 31.77
N GLY A 640 31.86 1.82 32.89
CA GLY A 640 32.36 1.47 34.21
C GLY A 640 32.02 0.03 34.57
N HIS A 641 32.68 -0.50 35.58
CA HIS A 641 32.46 -1.90 35.90
C HIS A 641 31.11 -2.16 36.58
N PRO A 642 30.60 -1.19 37.39
CA PRO A 642 29.24 -1.45 37.88
C PRO A 642 28.18 -1.71 36.77
N SER A 643 28.17 -0.93 35.67
CA SER A 643 27.25 -1.18 34.55
C SER A 643 27.38 -2.61 34.04
N ILE A 644 28.61 -3.02 33.77
CA ILE A 644 28.89 -4.31 33.17
C ILE A 644 28.30 -5.45 34.01
N ILE A 645 28.58 -5.43 35.31
CA ILE A 645 28.18 -6.53 36.16
C ILE A 645 26.64 -6.51 36.31
N ASN A 646 26.04 -5.33 36.39
CA ASN A 646 24.60 -5.21 36.34
C ASN A 646 24.02 -5.87 35.10
N PHE A 647 24.63 -5.59 33.95
CA PHE A 647 24.20 -6.18 32.69
C PHE A 647 24.31 -7.70 32.70
N LEU A 648 25.50 -8.20 33.03
CA LEU A 648 25.79 -9.63 32.99
C LEU A 648 24.85 -10.42 33.90
N LEU A 649 24.66 -9.94 35.13
CA LEU A 649 23.76 -10.63 36.05
C LEU A 649 22.32 -10.61 35.56
N SER A 650 21.92 -9.49 35.00
CA SER A 650 20.57 -9.33 34.46
C SER A 650 20.36 -10.33 33.33
N MET A 651 21.39 -10.48 32.52
CA MET A 651 21.32 -11.37 31.38
C MET A 651 21.24 -12.81 31.86
N ASN A 652 21.93 -13.11 32.96
CA ASN A 652 21.91 -14.47 33.47
C ASN A 652 20.52 -14.92 33.94
N ASP A 653 19.70 -13.98 34.41
CA ASP A 653 18.32 -14.27 34.84
C ASP A 653 17.54 -14.90 33.69
N ARG A 654 17.81 -14.40 32.49
CA ARG A 654 17.17 -14.84 31.26
C ARG A 654 17.82 -16.08 30.64
N LEU A 655 19.13 -16.23 30.81
CA LEU A 655 19.87 -17.30 30.13
C LEU A 655 20.17 -18.48 31.02
N GLN A 656 20.21 -18.24 32.33
CA GLN A 656 20.48 -19.29 33.32
C GLN A 656 21.71 -20.10 32.94
N VAL A 657 22.85 -19.43 32.82
CA VAL A 657 24.09 -20.05 32.39
C VAL A 657 24.61 -21.02 33.46
N THR A 658 25.10 -22.17 33.02
CA THR A 658 25.54 -23.23 33.93
C THR A 658 26.84 -23.82 33.48
N THR A 659 27.22 -24.93 34.09
CA THR A 659 28.47 -25.61 33.77
C THR A 659 28.43 -26.19 32.35
N GLU A 660 27.25 -26.62 31.93
CA GLU A 660 27.08 -27.26 30.63
C GLU A 660 26.97 -26.25 29.48
N THR A 661 27.02 -24.97 29.80
CA THR A 661 26.88 -23.93 28.78
C THR A 661 28.05 -23.90 27.83
N GLN A 662 27.77 -24.00 26.54
CA GLN A 662 28.81 -23.84 25.54
C GLN A 662 28.40 -22.76 24.54
N LEU A 663 29.06 -21.62 24.66
CA LEU A 663 28.69 -20.44 23.89
C LEU A 663 29.67 -20.19 22.75
N LEU A 664 29.15 -19.97 21.56
CA LEU A 664 30.00 -19.65 20.41
C LEU A 664 30.13 -18.16 20.23
N ALA A 665 31.27 -17.62 20.64
CA ALA A 665 31.57 -16.20 20.50
C ALA A 665 32.08 -15.83 19.10
N ILE A 666 31.29 -15.05 18.36
CA ILE A 666 31.61 -14.71 16.97
C ILE A 666 31.79 -13.23 16.74
N THR A 667 31.37 -12.42 17.71
CA THR A 667 31.34 -10.98 17.51
C THR A 667 32.69 -10.35 17.84
N THR A 668 33.16 -9.49 16.94
CA THR A 668 34.34 -8.68 17.21
C THR A 668 34.31 -8.01 18.59
N TYR A 669 35.46 -7.97 19.26
CA TYR A 669 35.51 -7.38 20.59
C TYR A 669 35.51 -5.87 20.49
N ALA A 670 35.51 -5.36 19.26
CA ALA A 670 35.36 -3.93 19.03
C ALA A 670 33.89 -3.56 18.93
N PHE A 671 33.03 -4.53 19.26
CA PHE A 671 31.58 -4.33 19.38
C PHE A 671 31.21 -4.75 20.79
N ASP A 672 30.52 -3.89 21.54
CA ASP A 672 30.40 -4.13 22.98
C ASP A 672 29.67 -5.41 23.30
N ILE A 673 28.84 -5.92 22.38
CA ILE A 673 27.97 -7.06 22.72
C ILE A 673 28.82 -8.32 22.91
N SER A 674 30.03 -8.30 22.38
CA SER A 674 30.98 -9.39 22.54
C SER A 674 31.30 -9.63 24.01
N ILE A 675 31.21 -8.57 24.81
CA ILE A 675 31.37 -8.66 26.26
C ILE A 675 30.56 -9.83 26.86
N LEU A 676 29.29 -9.96 26.47
CA LEU A 676 28.43 -11.05 26.94
C LEU A 676 28.94 -12.42 26.51
N GLU A 677 29.42 -12.49 25.27
CA GLU A 677 29.86 -13.72 24.65
C GLU A 677 31.16 -14.23 25.25
N LEU A 678 32.06 -13.31 25.58
CA LEU A 678 33.39 -13.68 26.05
C LEU A 678 33.46 -13.91 27.58
N LEU A 679 32.45 -13.46 28.33
CA LEU A 679 32.54 -13.51 29.77
C LEU A 679 31.53 -14.40 30.46
N ILE A 680 30.26 -14.27 30.09
CA ILE A 680 29.23 -14.83 30.95
C ILE A 680 29.30 -16.36 31.18
N PRO A 681 29.91 -17.15 30.26
CA PRO A 681 29.97 -18.53 30.74
C PRO A 681 31.07 -18.69 31.77
N LEU A 682 32.11 -17.85 31.70
CA LEU A 682 33.21 -17.93 32.65
C LEU A 682 32.75 -17.60 34.07
N MET A 683 31.74 -16.73 34.19
CA MET A 683 31.14 -16.46 35.49
C MET A 683 30.47 -17.70 36.12
N TYR A 684 30.17 -18.72 35.32
CA TYR A 684 29.38 -19.83 35.86
C TYR A 684 29.98 -21.23 35.65
N GLY A 685 31.13 -21.30 35.00
CA GLY A 685 31.86 -22.55 34.88
C GLY A 685 31.75 -23.24 33.53
N GLY A 686 31.04 -22.60 32.61
CA GLY A 686 30.85 -23.11 31.27
C GLY A 686 32.04 -22.86 30.33
N VAL A 687 31.82 -23.08 29.04
CA VAL A 687 32.88 -22.97 28.04
C VAL A 687 32.65 -21.86 27.02
N VAL A 688 33.68 -21.06 26.78
CA VAL A 688 33.65 -20.10 25.67
C VAL A 688 34.39 -20.67 24.45
N HIS A 689 33.66 -20.88 23.37
CA HIS A 689 34.29 -21.22 22.10
C HIS A 689 34.62 -19.93 21.34
N VAL A 690 35.89 -19.57 21.32
CA VAL A 690 36.30 -18.39 20.56
C VAL A 690 36.38 -18.76 19.08
N CYS A 691 35.42 -18.24 18.32
CA CYS A 691 35.29 -18.60 16.91
C CYS A 691 36.21 -17.79 16.01
N PRO A 692 37.09 -18.48 15.27
CA PRO A 692 37.98 -17.77 14.35
C PRO A 692 37.17 -16.95 13.37
N ARG A 693 37.74 -15.86 12.93
CA ARG A 693 37.00 -14.89 12.16
C ARG A 693 36.64 -15.44 10.80
N GLU A 694 37.53 -16.24 10.22
CA GLU A 694 37.27 -16.80 8.90
C GLU A 694 36.09 -17.77 8.93
N VAL A 695 35.84 -18.38 10.07
CA VAL A 695 34.75 -19.35 10.19
C VAL A 695 33.40 -18.62 10.30
N SER A 696 33.36 -17.50 11.01
CA SER A 696 32.10 -16.79 11.27
C SER A 696 31.63 -15.94 10.10
N GLN A 697 32.44 -15.86 9.05
CA GLN A 697 32.07 -15.08 7.88
C GLN A 697 31.80 -15.99 6.67
N ASP A 698 31.78 -17.29 6.93
CA ASP A 698 31.46 -18.28 5.92
C ASP A 698 30.35 -19.18 6.45
N GLY A 699 29.17 -19.11 5.83
CA GLY A 699 28.01 -19.85 6.28
C GLY A 699 28.23 -21.35 6.43
N ILE A 700 28.79 -21.97 5.39
CA ILE A 700 29.03 -23.42 5.40
C ILE A 700 30.07 -23.78 6.43
N GLN A 701 31.07 -22.91 6.58
CA GLN A 701 32.10 -23.16 7.56
C GLN A 701 31.56 -23.00 8.98
N LEU A 702 30.56 -22.12 9.17
CA LEU A 702 29.94 -21.92 10.47
C LEU A 702 28.92 -23.01 10.78
N VAL A 703 28.23 -23.52 9.76
CA VAL A 703 27.36 -24.67 9.96
C VAL A 703 28.17 -25.86 10.46
N ASP A 704 29.38 -26.03 9.94
CA ASP A 704 30.21 -27.17 10.31
C ASP A 704 30.78 -27.02 11.71
N TYR A 705 31.20 -25.81 12.05
CA TYR A 705 31.77 -25.56 13.37
C TYR A 705 30.69 -25.76 14.43
N LEU A 706 29.44 -25.45 14.07
CA LEU A 706 28.32 -25.57 15.00
C LEU A 706 27.94 -27.03 15.28
N ASN A 707 27.69 -27.79 14.21
CA ASN A 707 27.34 -29.21 14.32
C ASN A 707 28.38 -30.00 15.09
N ALA A 708 29.63 -29.55 14.97
CA ALA A 708 30.74 -30.19 15.65
C ALA A 708 30.75 -29.86 17.14
N LYS A 709 30.98 -28.59 17.48
CA LYS A 709 31.32 -28.23 18.85
C LYS A 709 30.13 -28.20 19.85
N SER A 710 28.96 -28.74 19.46
CA SER A 710 27.80 -28.86 20.35
C SER A 710 27.38 -27.58 21.10
N ILE A 711 27.32 -26.46 20.38
CA ILE A 711 26.97 -25.15 20.93
C ILE A 711 25.54 -25.06 21.45
N ASN A 712 25.32 -24.32 22.55
CA ASN A 712 23.96 -24.13 23.07
C ASN A 712 23.60 -22.67 23.44
N VAL A 713 24.48 -21.73 23.11
CA VAL A 713 24.12 -20.30 23.14
C VAL A 713 24.82 -19.62 21.97
N LEU A 714 24.08 -18.83 21.20
CA LEU A 714 24.70 -18.10 20.10
C LEU A 714 24.08 -16.71 20.01
N GLN A 715 24.92 -15.68 20.06
CA GLN A 715 24.43 -14.32 19.85
C GLN A 715 25.07 -13.72 18.60
N ALA A 716 24.26 -13.02 17.81
CA ALA A 716 24.67 -12.54 16.50
C ALA A 716 23.71 -11.50 15.96
N THR A 717 24.22 -10.57 15.16
CA THR A 717 23.38 -9.65 14.41
C THR A 717 22.62 -10.40 13.31
N PRO A 718 21.46 -9.87 12.90
CA PRO A 718 20.65 -10.45 11.81
C PRO A 718 21.47 -10.89 10.61
N ALA A 719 22.44 -10.08 10.18
CA ALA A 719 23.28 -10.41 9.04
C ALA A 719 23.85 -11.82 9.15
N THR A 720 24.37 -12.16 10.33
CA THR A 720 24.93 -13.49 10.55
C THR A 720 23.82 -14.55 10.50
N TRP A 721 22.68 -14.27 11.14
CA TRP A 721 21.58 -15.24 11.16
C TRP A 721 21.08 -15.51 9.75
N LYS A 722 20.94 -14.45 8.95
CA LYS A 722 20.59 -14.60 7.54
C LYS A 722 21.61 -15.49 6.84
N MET A 723 22.89 -15.22 7.08
CA MET A 723 23.98 -15.99 6.43
C MET A 723 23.84 -17.49 6.71
N LEU A 724 23.56 -17.80 7.97
CA LEU A 724 23.35 -19.17 8.44
C LEU A 724 22.16 -19.86 7.77
N LEU A 725 21.00 -19.19 7.75
CA LEU A 725 19.80 -19.80 7.17
C LEU A 725 19.95 -19.97 5.66
N ASP A 726 20.70 -19.08 5.04
CA ASP A 726 20.90 -19.15 3.59
C ASP A 726 21.98 -20.15 3.23
N SER A 727 22.52 -20.84 4.24
CA SER A 727 23.56 -21.85 4.02
C SER A 727 23.10 -23.26 4.39
N GLU A 728 21.79 -23.49 4.27
CA GLU A 728 21.16 -24.79 4.56
C GLU A 728 21.57 -25.32 5.95
N TRP A 729 21.34 -24.49 6.97
CA TRP A 729 21.63 -24.86 8.36
C TRP A 729 20.51 -25.72 8.93
N SER A 730 20.87 -26.81 9.58
CA SER A 730 19.88 -27.81 10.02
C SER A 730 19.05 -27.37 11.24
N GLY A 731 19.61 -26.49 12.06
CA GLY A 731 18.95 -26.08 13.29
C GLY A 731 19.39 -26.87 14.51
N ASN A 732 19.15 -26.30 15.69
CA ASN A 732 19.43 -26.96 16.97
C ASN A 732 18.35 -26.59 17.99
N ALA A 733 17.64 -27.59 18.50
CA ALA A 733 16.47 -27.34 19.36
C ALA A 733 16.88 -27.07 20.80
N GLY A 734 18.16 -27.24 21.10
CA GLY A 734 18.69 -26.94 22.42
C GLY A 734 19.44 -25.62 22.45
N LEU A 735 19.49 -24.95 21.31
CA LEU A 735 20.22 -23.69 21.20
C LEU A 735 19.39 -22.47 21.59
N THR A 736 19.95 -21.65 22.47
CA THR A 736 19.35 -20.37 22.80
C THR A 736 19.98 -19.28 21.95
N ALA A 737 19.16 -18.60 21.14
CA ALA A 737 19.65 -17.59 20.21
C ALA A 737 19.38 -16.16 20.70
N LEU A 738 20.31 -15.27 20.40
CA LEU A 738 20.10 -13.87 20.67
C LEU A 738 20.30 -13.12 19.38
N CYS A 739 19.39 -12.21 19.09
CA CYS A 739 19.46 -11.41 17.88
C CYS A 739 19.39 -9.94 18.28
N GLY A 740 20.42 -9.17 17.92
CA GLY A 740 20.46 -7.76 18.30
C GLY A 740 21.25 -6.89 17.33
N GLY A 741 21.21 -5.58 17.55
CA GLY A 741 21.99 -4.63 16.77
C GLY A 741 21.19 -3.95 15.67
N GLU A 742 20.24 -4.68 15.11
CA GLU A 742 19.30 -4.15 14.14
C GLU A 742 17.90 -4.68 14.40
N ALA A 743 16.90 -4.09 13.74
CA ALA A 743 15.53 -4.52 13.94
C ALA A 743 15.36 -5.98 13.50
N LEU A 744 14.53 -6.71 14.23
CA LEU A 744 14.20 -8.07 13.85
C LEU A 744 12.90 -8.04 13.05
N ASP A 745 13.00 -8.36 11.76
CA ASP A 745 11.82 -8.40 10.90
C ASP A 745 11.09 -9.72 11.07
N THR A 746 9.80 -9.73 10.74
CA THR A 746 8.97 -10.91 10.97
C THR A 746 9.45 -12.13 10.17
N ILE A 747 9.92 -11.91 8.95
CA ILE A 747 10.38 -13.03 8.12
C ILE A 747 11.56 -13.76 8.76
N LEU A 748 12.56 -13.03 9.24
CA LEU A 748 13.70 -13.67 9.87
C LEU A 748 13.27 -14.36 11.15
N ALA A 749 12.28 -13.77 11.82
CA ALA A 749 11.77 -14.30 13.06
C ALA A 749 11.17 -15.68 12.85
N GLU A 750 10.30 -15.83 11.85
CA GLU A 750 9.66 -17.12 11.68
C GLU A 750 10.69 -18.18 11.30
N LYS A 751 11.63 -17.83 10.43
CA LYS A 751 12.68 -18.75 10.05
C LYS A 751 13.48 -19.20 11.27
N LEU A 752 13.82 -18.26 12.14
CA LEU A 752 14.58 -18.59 13.35
C LEU A 752 13.77 -19.45 14.33
N LEU A 753 12.52 -19.09 14.56
CA LEU A 753 11.67 -19.79 15.53
C LEU A 753 11.58 -21.29 15.28
N GLY A 754 11.69 -21.70 14.02
CA GLY A 754 11.66 -23.10 13.66
C GLY A 754 13.02 -23.76 13.63
N LYS A 755 14.07 -22.98 13.89
CA LYS A 755 15.43 -23.51 13.84
C LYS A 755 16.12 -23.54 15.21
N VAL A 756 15.61 -22.75 16.16
CA VAL A 756 16.20 -22.68 17.50
C VAL A 756 15.19 -22.96 18.63
N GLY A 757 15.72 -23.22 19.82
CA GLY A 757 14.90 -23.58 20.97
C GLY A 757 14.37 -22.41 21.78
N CYS A 758 15.05 -21.27 21.67
CA CYS A 758 14.65 -20.04 22.35
C CYS A 758 15.25 -18.83 21.63
N LEU A 759 14.43 -17.82 21.34
CA LEU A 759 14.90 -16.63 20.64
C LEU A 759 14.70 -15.36 21.49
N TRP A 760 15.77 -14.62 21.73
CA TRP A 760 15.66 -13.30 22.35
C TRP A 760 15.91 -12.19 21.33
N ASN A 761 14.97 -11.27 21.20
CA ASN A 761 15.27 -10.02 20.49
C ASN A 761 15.73 -9.01 21.54
N VAL A 762 16.88 -8.41 21.30
CA VAL A 762 17.57 -7.74 22.36
C VAL A 762 18.14 -6.39 21.84
N TYR A 763 18.10 -5.37 22.69
CA TYR A 763 18.34 -3.99 22.24
C TYR A 763 19.07 -3.14 23.29
N GLY A 764 19.82 -2.16 22.79
CA GLY A 764 20.44 -1.17 23.66
C GLY A 764 21.57 -0.47 22.93
N PRO A 765 21.71 0.84 23.16
CA PRO A 765 22.86 1.58 22.63
C PRO A 765 24.09 1.29 23.45
N THR A 766 25.27 1.45 22.85
CA THR A 766 26.54 1.27 23.55
C THR A 766 26.61 2.13 24.81
N GLU A 767 25.92 3.27 24.79
CA GLU A 767 25.96 4.22 25.90
C GLU A 767 25.21 3.76 27.16
N THR A 768 24.47 2.65 27.09
CA THR A 768 23.79 2.17 28.29
C THR A 768 24.15 0.73 28.58
N THR A 769 25.29 0.33 28.00
CA THR A 769 25.99 -0.94 28.26
C THR A 769 25.35 -2.18 27.62
N VAL A 770 25.83 -2.48 26.40
CA VAL A 770 25.46 -3.66 25.59
C VAL A 770 23.97 -3.72 25.27
N TRP A 771 23.17 -4.34 26.14
CA TRP A 771 21.74 -4.36 25.93
C TRP A 771 21.03 -3.67 27.09
N SER A 772 19.84 -3.13 26.83
CA SER A 772 19.05 -2.47 27.87
C SER A 772 17.61 -3.02 27.95
N SER A 773 17.14 -3.64 26.87
CA SER A 773 15.87 -4.35 26.92
C SER A 773 15.98 -5.67 26.18
N ALA A 774 15.02 -6.55 26.42
CA ALA A 774 15.08 -7.92 25.92
C ALA A 774 13.69 -8.55 25.84
N ALA A 775 13.37 -9.08 24.66
CA ALA A 775 12.08 -9.69 24.38
C ALA A 775 12.20 -11.20 24.08
N ARG A 776 11.51 -12.04 24.85
CA ARG A 776 11.41 -13.45 24.49
C ARG A 776 10.40 -13.58 23.36
N ILE A 777 10.90 -13.78 22.14
CA ILE A 777 10.07 -13.93 20.95
C ILE A 777 9.49 -15.33 20.84
N THR A 778 8.16 -15.44 20.82
CA THR A 778 7.53 -16.75 20.76
C THR A 778 6.65 -16.87 19.52
N ASP A 779 6.41 -15.73 18.87
CA ASP A 779 5.54 -15.67 17.71
C ASP A 779 5.97 -14.51 16.82
N ALA A 780 6.21 -14.78 15.54
CA ALA A 780 6.75 -13.78 14.63
C ALA A 780 5.82 -12.60 14.41
N LYS A 781 4.55 -12.76 14.76
CA LYS A 781 3.59 -11.68 14.54
C LYS A 781 3.67 -10.63 15.66
N TYR A 782 4.42 -10.93 16.72
CA TYR A 782 4.46 -10.07 17.91
C TYR A 782 5.90 -9.75 18.35
N ILE A 783 6.48 -8.76 17.68
CA ILE A 783 7.86 -8.34 17.91
C ILE A 783 7.94 -6.92 18.44
N ASP A 784 8.67 -6.75 19.55
CA ASP A 784 8.84 -5.44 20.19
C ASP A 784 10.18 -5.41 20.90
N LEU A 785 10.51 -4.28 21.53
CA LEU A 785 11.78 -4.12 22.24
C LEU A 785 11.78 -4.89 23.56
N GLY A 786 10.63 -5.42 23.95
CA GLY A 786 10.57 -6.28 25.11
C GLY A 786 10.71 -5.62 26.46
N GLU A 787 11.18 -6.40 27.43
CA GLU A 787 11.27 -5.99 28.82
C GLU A 787 12.63 -5.33 29.12
N PRO A 788 12.62 -4.26 29.93
CA PRO A 788 13.85 -3.60 30.39
C PRO A 788 14.64 -4.47 31.37
N LEU A 789 15.96 -4.41 31.28
CA LEU A 789 16.84 -5.14 32.20
C LEU A 789 16.82 -4.54 33.60
N ALA A 790 17.59 -5.12 34.52
CA ALA A 790 17.56 -4.73 35.92
C ALA A 790 18.11 -3.32 36.12
N ASN A 791 17.37 -2.52 36.87
CA ASN A 791 17.77 -1.15 37.18
C ASN A 791 17.90 -0.30 35.92
N THR A 792 16.99 -0.57 34.99
CA THR A 792 16.91 0.17 33.75
C THR A 792 15.50 0.75 33.65
N GLN A 793 15.37 1.98 33.19
CA GLN A 793 14.05 2.52 32.96
C GLN A 793 13.95 3.05 31.55
N LEU A 794 12.82 2.78 30.91
CA LEU A 794 12.57 3.25 29.56
C LEU A 794 11.51 4.33 29.59
N TYR A 795 11.76 5.43 28.88
CA TYR A 795 10.84 6.55 28.80
C TYR A 795 10.67 6.97 27.34
N VAL A 796 9.45 7.32 26.94
CA VAL A 796 9.21 7.82 25.58
C VAL A 796 8.80 9.28 25.62
N LEU A 797 9.66 10.16 25.10
CA LEU A 797 9.46 11.60 25.22
C LEU A 797 9.22 12.32 23.90
N ASP A 798 8.58 13.48 23.97
CA ASP A 798 8.42 14.30 22.79
C ASP A 798 9.60 15.25 22.68
N GLU A 799 9.50 16.23 21.79
CA GLU A 799 10.58 17.21 21.60
C GLU A 799 10.69 18.23 22.75
N GLN A 800 9.68 18.28 23.63
CA GLN A 800 9.77 19.12 24.83
CA GLN A 800 9.74 19.12 24.83
C GLN A 800 10.13 18.29 26.05
N GLN A 801 10.42 17.01 25.82
CA GLN A 801 10.79 16.05 26.86
C GLN A 801 9.66 15.81 27.88
N ARG A 802 8.42 15.73 27.40
CA ARG A 802 7.30 15.28 28.21
C ARG A 802 6.94 13.83 27.86
N LEU A 803 6.36 13.11 28.82
CA LEU A 803 5.93 11.74 28.61
C LEU A 803 4.74 11.65 27.63
N VAL A 804 4.94 10.97 26.50
CA VAL A 804 3.93 10.94 25.44
C VAL A 804 2.69 10.14 25.87
N PRO A 805 1.53 10.43 25.26
CA PRO A 805 0.36 9.59 25.52
C PRO A 805 0.56 8.23 24.87
N PRO A 806 -0.18 7.20 25.33
CA PRO A 806 -0.06 5.91 24.63
C PRO A 806 -0.44 6.03 23.15
N GLY A 807 0.13 5.17 22.31
CA GLY A 807 -0.18 5.17 20.88
C GLY A 807 0.60 6.19 20.07
N VAL A 808 1.44 6.97 20.75
CA VAL A 808 2.13 8.10 20.14
C VAL A 808 3.64 7.82 19.98
N MET A 809 4.29 8.47 19.02
CA MET A 809 5.72 8.24 18.84
C MET A 809 6.59 9.35 19.43
N GLY A 810 7.78 8.96 19.88
CA GLY A 810 8.67 9.89 20.53
C GLY A 810 10.09 9.36 20.60
N GLU A 811 10.94 10.03 21.36
CA GLU A 811 12.33 9.61 21.52
C GLU A 811 12.44 8.70 22.72
N LEU A 812 13.11 7.56 22.57
CA LEU A 812 13.38 6.71 23.73
C LEU A 812 14.51 7.32 24.56
N TRP A 813 14.26 7.56 25.85
CA TRP A 813 15.32 7.92 26.81
C TRP A 813 15.50 6.76 27.78
N ILE A 814 16.74 6.50 28.20
CA ILE A 814 17.05 5.38 29.08
C ILE A 814 17.71 5.81 30.37
N GLY A 815 17.21 5.33 31.50
CA GLY A 815 17.79 5.67 32.79
C GLY A 815 18.21 4.45 33.57
N GLY A 816 18.97 4.68 34.65
CA GLY A 816 19.37 3.59 35.52
C GLY A 816 20.85 3.28 35.56
N ASP A 817 21.17 2.06 36.00
CA ASP A 817 22.56 1.67 36.26
C ASP A 817 23.39 1.33 35.01
N GLY A 818 22.77 1.29 33.85
CA GLY A 818 23.50 0.92 32.63
C GLY A 818 24.30 2.06 32.05
N LEU A 819 24.05 3.29 32.54
CA LEU A 819 24.60 4.45 31.87
C LEU A 819 26.12 4.49 31.86
N ALA A 820 26.67 4.94 30.74
CA ALA A 820 28.10 5.19 30.63
C ALA A 820 28.54 6.28 31.59
N VAL A 821 29.83 6.29 31.91
CA VAL A 821 30.43 7.38 32.68
C VAL A 821 30.39 8.69 31.90
N ASP A 822 30.93 8.64 30.68
CA ASP A 822 30.90 9.77 29.75
C ASP A 822 31.42 9.38 28.36
N TYR A 823 31.44 10.37 27.47
CA TYR A 823 32.21 10.29 26.24
C TYR A 823 33.64 10.76 26.52
N TRP A 824 34.63 9.98 26.12
CA TRP A 824 36.01 10.28 26.49
C TRP A 824 36.48 11.66 25.99
N GLN A 825 36.76 12.54 26.96
CA GLN A 825 37.20 13.92 26.75
C GLN A 825 36.33 14.71 25.76
N ARG A 826 35.02 14.50 25.91
CA ARG A 826 34.02 15.27 25.22
C ARG A 826 32.94 15.71 26.20
N PRO A 827 33.31 16.57 27.17
CA PRO A 827 32.37 16.91 28.26
C PRO A 827 31.10 17.62 27.82
N GLU A 828 31.14 18.41 26.74
CA GLU A 828 29.96 19.16 26.33
C GLU A 828 28.97 18.24 25.64
N LEU A 829 29.50 17.27 24.88
CA LEU A 829 28.65 16.28 24.23
C LEU A 829 28.04 15.39 25.30
N THR A 830 28.86 15.01 26.27
CA THR A 830 28.42 14.19 27.40
C THR A 830 27.31 14.88 28.17
N ASP A 831 27.40 16.20 28.26
CA ASP A 831 26.49 16.93 29.11
C ASP A 831 25.16 17.10 28.40
N ALA A 832 25.18 17.03 27.08
CA ALA A 832 23.96 17.18 26.29
C ALA A 832 23.20 15.85 26.09
N GLN A 833 23.95 14.75 25.96
CA GLN A 833 23.35 13.44 25.75
C GLN A 833 23.04 12.72 27.07
N PHE A 834 23.74 13.06 28.16
CA PHE A 834 23.45 12.52 29.49
C PHE A 834 22.99 13.63 30.43
N ARG A 835 21.71 13.62 30.77
CA ARG A 835 21.10 14.69 31.57
C ARG A 835 20.10 14.13 32.54
N THR A 836 19.80 14.90 33.59
CA THR A 836 18.54 14.73 34.28
C THR A 836 17.55 15.70 33.66
N LEU A 837 16.26 15.39 33.76
CA LEU A 837 15.27 16.25 33.15
C LEU A 837 14.29 16.77 34.20
N PRO A 838 13.90 18.06 34.09
CA PRO A 838 12.96 18.67 35.03
C PRO A 838 11.61 17.98 35.03
N SER A 839 11.23 17.46 33.87
CA SER A 839 9.95 16.78 33.69
C SER A 839 9.97 15.36 34.23
N LEU A 840 11.12 14.93 34.74
CA LEU A 840 11.28 13.62 35.38
C LEU A 840 12.22 13.72 36.58
N PRO A 841 11.83 14.54 37.56
CA PRO A 841 12.78 14.98 38.60
C PRO A 841 13.24 13.83 39.50
N ASN A 842 12.60 12.68 39.41
CA ASN A 842 12.92 11.54 40.26
C ASN A 842 13.58 10.39 39.51
N ALA A 843 13.84 10.61 38.23
CA ALA A 843 14.30 9.55 37.33
C ALA A 843 15.82 9.49 37.21
N GLY A 844 16.50 10.42 37.90
CA GLY A 844 17.94 10.49 37.87
C GLY A 844 18.51 10.82 36.51
N ARG A 845 19.80 10.50 36.34
CA ARG A 845 20.50 10.72 35.10
C ARG A 845 19.92 9.83 33.99
N LEU A 846 19.74 10.39 32.80
CA LEU A 846 19.16 9.68 31.66
C LEU A 846 19.99 9.85 30.40
N TYR A 847 19.83 8.92 29.48
CA TYR A 847 20.54 8.98 28.21
C TYR A 847 19.58 9.10 27.06
N ARG A 848 19.92 10.02 26.15
CA ARG A 848 19.11 10.35 24.99
C ARG A 848 19.55 9.53 23.76
N THR A 849 18.70 8.61 23.33
CA THR A 849 19.12 7.61 22.34
C THR A 849 18.99 7.99 20.88
N GLY A 850 18.23 9.03 20.57
CA GLY A 850 18.07 9.42 19.20
C GLY A 850 17.27 8.41 18.40
N ASP A 851 16.72 7.40 19.09
CA ASP A 851 15.86 6.37 18.48
C ASP A 851 14.37 6.75 18.51
N LYS A 852 13.69 6.56 17.40
CA LYS A 852 12.24 6.79 17.35
C LYS A 852 11.51 5.53 17.80
N VAL A 853 10.70 5.66 18.84
CA VAL A 853 10.00 4.53 19.44
C VAL A 853 8.53 4.87 19.64
N CYS A 854 7.66 3.88 19.48
CA CYS A 854 6.23 4.10 19.71
C CYS A 854 5.79 3.46 21.03
N LEU A 855 5.12 4.26 21.85
CA LEU A 855 4.52 3.76 23.07
C LEU A 855 3.16 3.18 22.70
N ARG A 856 3.11 1.86 22.57
CA ARG A 856 1.87 1.20 22.18
C ARG A 856 0.85 1.28 23.31
N THR A 857 -0.42 1.20 22.94
CA THR A 857 -1.52 1.15 23.90
C THR A 857 -1.36 -0.10 24.76
N ASP A 858 -0.74 -1.11 24.16
CA ASP A 858 -0.41 -2.36 24.81
C ASP A 858 0.47 -2.16 26.06
N GLY A 859 1.41 -1.22 25.98
CA GLY A 859 2.45 -1.07 26.98
C GLY A 859 3.79 -1.53 26.44
N ARG A 860 3.77 -2.04 25.21
CA ARG A 860 4.96 -2.49 24.52
C ARG A 860 5.65 -1.31 23.85
N LEU A 861 6.95 -1.45 23.61
CA LEU A 861 7.68 -0.48 22.81
C LEU A 861 8.07 -1.07 21.48
N THR A 862 7.74 -0.40 20.39
CA THR A 862 8.24 -0.87 19.10
C THR A 862 9.15 0.21 18.52
N HIS A 863 10.08 -0.24 17.68
CA HIS A 863 11.20 0.55 17.22
C HIS A 863 10.98 0.94 15.77
N HIS A 864 11.32 2.18 15.43
CA HIS A 864 11.03 2.73 14.12
C HIS A 864 12.18 3.63 13.72
N GLY A 865 13.36 3.21 14.18
CA GLY A 865 14.31 4.11 14.80
C GLY A 865 15.05 5.16 14.03
N ARG A 866 15.65 6.04 14.82
CA ARG A 866 16.54 7.09 14.36
C ARG A 866 15.72 8.28 13.81
N LEU A 867 15.41 9.22 14.70
CA LEU A 867 14.70 10.46 14.41
C LEU A 867 15.26 11.25 13.22
N ASP A 868 16.57 11.15 13.02
CA ASP A 868 17.25 11.89 11.98
C ASP A 868 16.85 11.48 10.56
N PHE A 869 16.27 10.29 10.39
CA PHE A 869 15.94 9.82 9.05
C PHE A 869 14.51 10.15 8.61
N GLN A 870 14.41 10.52 7.34
CA GLN A 870 13.19 11.05 6.75
C GLN A 870 12.35 9.92 6.24
N VAL A 871 11.44 9.45 7.08
CA VAL A 871 10.41 8.54 6.63
C VAL A 871 9.28 9.37 6.02
N LYS A 872 9.41 10.70 6.08
CA LYS A 872 8.41 11.62 5.53
C LYS A 872 8.56 11.81 4.01
N ILE A 873 7.51 11.46 3.27
CA ILE A 873 7.43 11.65 1.82
C ILE A 873 6.53 12.85 1.50
N ARG A 874 5.56 12.66 0.64
CA ARG A 874 4.80 13.77 0.10
C ARG A 874 3.75 14.22 1.12
N GLY A 875 4.21 14.52 2.34
CA GLY A 875 3.34 15.00 3.41
C GLY A 875 2.82 13.97 4.40
N PHE A 876 3.44 12.79 4.41
CA PHE A 876 3.03 11.68 5.26
C PHE A 876 4.21 10.77 5.52
N ARG A 877 4.07 9.82 6.43
CA ARG A 877 5.21 8.98 6.77
C ARG A 877 5.00 7.54 6.35
N ILE A 878 6.10 6.81 6.14
CA ILE A 878 6.06 5.45 5.61
C ILE A 878 6.70 4.50 6.63
N GLU A 879 6.16 3.30 6.74
CA GLU A 879 6.82 2.22 7.48
C GLU A 879 7.66 1.37 6.52
N LEU A 880 8.92 1.76 6.30
CA LEU A 880 9.76 1.13 5.28
C LEU A 880 9.80 -0.40 5.38
N GLY A 881 9.86 -0.91 6.60
CA GLY A 881 9.93 -2.33 6.82
C GLY A 881 8.75 -3.14 6.31
N GLU A 882 7.58 -2.52 6.20
CA GLU A 882 6.44 -3.25 5.65
C GLU A 882 6.68 -3.51 4.18
N ILE A 883 7.24 -2.51 3.49
CA ILE A 883 7.64 -2.72 2.11
C ILE A 883 8.71 -3.82 2.03
N GLU A 884 9.67 -3.80 2.94
CA GLU A 884 10.76 -4.80 2.93
C GLU A 884 10.23 -6.22 3.13
N ASN A 885 9.24 -6.37 4.01
CA ASN A 885 8.61 -7.67 4.24
C ASN A 885 7.89 -8.22 3.01
N VAL A 886 7.18 -7.35 2.28
CA VAL A 886 6.46 -7.81 1.10
C VAL A 886 7.46 -8.27 0.03
N LEU A 887 8.53 -7.50 -0.17
CA LEU A 887 9.57 -7.88 -1.11
C LEU A 887 10.22 -9.23 -0.76
N LYS A 888 10.55 -9.44 0.51
CA LYS A 888 11.21 -10.68 0.91
C LYS A 888 10.34 -11.92 0.67
N GLN A 889 9.05 -11.73 0.47
CA GLN A 889 8.13 -12.85 0.34
C GLN A 889 8.03 -13.34 -1.11
N ILE A 890 8.60 -12.56 -2.03
CA ILE A 890 8.84 -13.05 -3.39
C ILE A 890 9.83 -14.23 -3.38
N ASP A 891 9.49 -15.25 -4.16
CA ASP A 891 10.43 -16.33 -4.43
C ASP A 891 11.53 -15.74 -5.30
N GLY A 892 12.78 -15.90 -4.89
CA GLY A 892 13.90 -15.34 -5.60
C GLY A 892 14.63 -14.34 -4.74
N ILE A 893 13.87 -13.41 -4.17
CA ILE A 893 14.40 -12.40 -3.27
C ILE A 893 14.89 -12.99 -1.96
N THR A 894 16.08 -12.55 -1.55
CA THR A 894 16.82 -13.07 -0.41
C THR A 894 16.93 -12.02 0.67
N ASP A 895 16.95 -10.75 0.23
CA ASP A 895 16.97 -9.62 1.14
C ASP A 895 16.49 -8.37 0.40
N ALA A 896 16.09 -7.35 1.16
CA ALA A 896 15.59 -6.12 0.57
C ALA A 896 15.80 -4.97 1.54
N VAL A 897 16.12 -3.80 1.01
CA VAL A 897 16.23 -2.61 1.81
C VAL A 897 15.54 -1.50 1.03
N VAL A 898 14.70 -0.73 1.71
CA VAL A 898 13.98 0.36 1.06
C VAL A 898 14.35 1.67 1.72
N LEU A 899 14.73 2.66 0.93
CA LEU A 899 15.08 3.96 1.50
C LEU A 899 14.27 5.08 0.84
N VAL A 900 14.18 6.20 1.55
CA VAL A 900 13.65 7.39 0.94
C VAL A 900 14.81 8.23 0.43
N LYS A 901 14.73 8.71 -0.81
CA LYS A 901 15.76 9.60 -1.37
C LYS A 901 15.14 10.88 -1.92
N THR A 902 15.94 11.94 -1.99
CA THR A 902 15.46 13.24 -2.50
C THR A 902 15.74 13.39 -4.00
N THR A 903 14.91 14.16 -4.71
CA THR A 903 15.01 14.28 -6.18
C THR A 903 14.53 15.61 -6.75
N GLY A 904 15.30 16.16 -7.68
CA GLY A 904 14.93 17.39 -8.38
C GLY A 904 14.70 18.54 -7.42
N ASP A 905 13.43 18.89 -7.23
CA ASP A 905 13.06 19.93 -6.26
C ASP A 905 13.10 19.40 -4.83
N ASN A 906 12.21 19.89 -4.00
CA ASN A 906 12.01 19.32 -2.68
C ASN A 906 11.06 18.15 -2.78
N ASP A 907 11.48 17.11 -3.50
CA ASP A 907 10.62 15.95 -3.70
C ASP A 907 11.30 14.64 -3.27
N GLN A 908 10.50 13.75 -2.67
CA GLN A 908 11.00 12.51 -2.08
C GLN A 908 10.41 11.29 -2.78
N LYS A 909 11.22 10.25 -2.93
CA LYS A 909 10.79 9.02 -3.57
C LYS A 909 11.41 7.81 -2.89
N LEU A 910 10.71 6.68 -3.00
CA LEU A 910 11.15 5.40 -2.45
C LEU A 910 12.01 4.61 -3.41
N VAL A 911 13.08 4.00 -2.89
CA VAL A 911 14.00 3.13 -3.64
C VAL A 911 14.07 1.75 -3.01
N ALA A 912 13.99 0.71 -3.83
CA ALA A 912 14.11 -0.64 -3.30
C ALA A 912 15.37 -1.30 -3.82
N TYR A 913 16.26 -1.68 -2.91
CA TYR A 913 17.43 -2.49 -3.26
C TYR A 913 17.14 -3.97 -2.97
N VAL A 914 17.49 -4.87 -3.89
CA VAL A 914 17.21 -6.29 -3.68
C VAL A 914 18.38 -7.20 -4.07
N THR A 915 18.52 -8.33 -3.38
CA THR A 915 19.49 -9.38 -3.76
C THR A 915 18.77 -10.69 -3.92
N GLY A 916 19.32 -11.57 -4.76
CA GLY A 916 18.74 -12.88 -4.97
C GLY A 916 19.42 -13.63 -6.09
N GLN A 917 19.09 -14.92 -6.20
CA GLN A 917 19.71 -15.77 -7.20
C GLN A 917 19.10 -15.56 -8.60
N GLU A 918 17.80 -15.26 -8.66
CA GLU A 918 17.13 -15.02 -9.94
C GLU A 918 16.01 -14.01 -9.80
N LEU A 919 16.14 -12.85 -10.45
CA LEU A 919 15.15 -11.75 -10.32
C LEU A 919 14.72 -11.13 -11.64
N ASP A 920 13.53 -10.53 -11.61
CA ASP A 920 12.98 -9.78 -12.72
C ASP A 920 12.48 -8.47 -12.11
N ILE A 921 13.05 -7.36 -12.56
CA ILE A 921 12.70 -6.07 -11.96
C ILE A 921 11.27 -5.61 -12.22
N ALA A 922 10.82 -5.65 -13.48
CA ALA A 922 9.44 -5.28 -13.80
C ALA A 922 8.49 -6.21 -13.07
N GLY A 923 8.91 -7.45 -12.93
CA GLY A 923 8.17 -8.45 -12.18
C GLY A 923 7.96 -8.04 -10.73
N LEU A 924 8.95 -7.34 -10.16
CA LEU A 924 8.83 -6.84 -8.78
C LEU A 924 7.76 -5.76 -8.67
N LYS A 925 7.90 -4.73 -9.49
CA LYS A 925 6.93 -3.65 -9.56
C LYS A 925 5.49 -4.20 -9.62
N LYS A 926 5.23 -5.12 -10.55
CA LYS A 926 3.89 -5.71 -10.71
C LYS A 926 3.42 -6.34 -9.41
N ASN A 927 4.31 -7.11 -8.79
CA ASN A 927 3.96 -7.82 -7.56
C ASN A 927 3.62 -6.89 -6.40
N LEU A 928 4.49 -5.93 -6.13
CA LEU A 928 4.24 -5.01 -5.03
C LEU A 928 2.96 -4.19 -5.27
N GLN A 929 2.68 -3.85 -6.52
CA GLN A 929 1.49 -3.09 -6.82
C GLN A 929 0.20 -3.79 -6.36
N ILE A 930 0.21 -5.12 -6.35
CA ILE A 930 -1.00 -5.85 -5.97
C ILE A 930 -0.96 -6.14 -4.46
N HIS A 931 0.20 -5.96 -3.82
CA HIS A 931 0.36 -6.31 -2.39
C HIS A 931 0.54 -5.12 -1.43
N LEU A 932 0.80 -3.94 -1.99
CA LEU A 932 1.01 -2.75 -1.20
C LEU A 932 0.00 -1.66 -1.52
N PRO A 933 -0.27 -0.78 -0.54
CA PRO A 933 -0.98 0.45 -0.89
C PRO A 933 -0.17 1.19 -1.91
N ALA A 934 -0.81 1.94 -2.79
CA ALA A 934 -0.14 2.61 -3.88
C ALA A 934 0.97 3.53 -3.40
N TYR A 935 0.76 4.20 -2.27
CA TYR A 935 1.76 5.16 -1.81
C TYR A 935 3.00 4.46 -1.25
N MET A 936 2.93 3.14 -1.06
CA MET A 936 4.10 2.42 -0.57
C MET A 936 4.85 1.64 -1.67
N VAL A 937 4.50 1.88 -2.93
CA VAL A 937 5.17 1.21 -4.04
C VAL A 937 6.35 2.01 -4.55
N PRO A 938 7.57 1.44 -4.45
CA PRO A 938 8.82 2.14 -4.80
C PRO A 938 8.84 2.66 -6.22
N SER A 939 9.50 3.80 -6.42
CA SER A 939 9.65 4.38 -7.74
C SER A 939 10.89 3.83 -8.46
N ALA A 940 11.75 3.10 -7.75
CA ALA A 940 12.98 2.55 -8.35
C ALA A 940 13.43 1.24 -7.69
N PHE A 941 13.96 0.35 -8.52
CA PHE A 941 14.41 -0.98 -8.10
C PHE A 941 15.81 -1.19 -8.59
N ILE A 942 16.71 -1.56 -7.69
CA ILE A 942 18.10 -1.75 -8.02
C ILE A 942 18.53 -3.12 -7.52
N ARG A 943 19.12 -3.94 -8.38
CA ARG A 943 19.68 -5.22 -7.93
C ARG A 943 21.11 -5.04 -7.46
N LEU A 944 21.44 -5.67 -6.35
CA LEU A 944 22.80 -5.68 -5.83
C LEU A 944 23.20 -7.11 -5.59
N ASP A 945 24.49 -7.40 -5.67
CA ASP A 945 25.01 -8.71 -5.37
C ASP A 945 25.08 -8.94 -3.85
N GLU A 946 25.62 -7.96 -3.16
CA GLU A 946 25.81 -8.05 -1.72
C GLU A 946 25.51 -6.73 -1.04
N PHE A 947 24.64 -6.78 -0.04
CA PHE A 947 24.32 -5.57 0.70
C PHE A 947 25.56 -5.14 1.50
N PRO A 948 25.95 -3.86 1.40
CA PRO A 948 27.11 -3.32 2.13
C PRO A 948 26.90 -3.41 3.64
N MET A 949 27.90 -3.93 4.36
CA MET A 949 27.81 -4.06 5.81
C MET A 949 28.73 -3.05 6.50
N THR A 950 28.47 -2.80 7.78
CA THR A 950 29.42 -2.10 8.63
C THR A 950 30.41 -3.11 9.21
N ALA A 951 31.44 -2.64 9.90
CA ALA A 951 32.36 -3.57 10.54
C ALA A 951 31.71 -4.38 11.71
N ASN A 952 30.61 -3.87 12.27
CA ASN A 952 29.86 -4.58 13.32
C ASN A 952 28.98 -5.70 12.77
N LYS A 953 28.82 -5.70 11.43
CA LYS A 953 27.91 -6.58 10.70
C LYS A 953 26.46 -6.08 10.81
N LYS A 954 26.27 -4.79 10.55
CA LYS A 954 24.96 -4.18 10.37
C LYS A 954 24.88 -3.65 8.96
N LEU A 955 23.67 -3.53 8.41
CA LEU A 955 23.49 -2.92 7.10
C LEU A 955 23.96 -1.47 7.11
N ASP A 956 24.80 -1.13 6.14
CA ASP A 956 25.34 0.21 6.04
C ASP A 956 24.53 1.09 5.08
N ARG A 957 23.33 1.46 5.50
CA ARG A 957 22.38 2.22 4.66
C ARG A 957 22.97 3.46 3.96
N LYS A 958 23.89 4.17 4.63
CA LYS A 958 24.52 5.35 4.02
C LYS A 958 25.35 4.98 2.75
N ALA A 959 25.71 3.71 2.63
CA ALA A 959 26.63 3.26 1.59
C ALA A 959 25.98 2.60 0.36
N PHE A 960 24.65 2.46 0.37
CA PHE A 960 23.95 2.02 -0.85
C PHE A 960 24.11 3.06 -1.96
N PRO A 961 24.25 2.60 -3.20
CA PRO A 961 24.51 3.58 -4.26
C PRO A 961 23.27 4.46 -4.47
N GLU A 962 23.46 5.71 -4.84
CA GLU A 962 22.31 6.60 -5.05
C GLU A 962 21.58 6.12 -6.28
N PRO A 963 20.24 6.20 -6.24
CA PRO A 963 19.40 5.83 -7.38
C PRO A 963 19.36 6.94 -8.43
N ILE A 964 19.22 6.55 -9.69
CA ILE A 964 18.87 7.48 -10.75
C ILE A 964 17.42 7.24 -11.18
N PHE A 965 16.50 8.08 -10.72
CA PHE A 965 15.08 7.90 -11.03
C PHE A 965 14.68 8.20 -12.47
N GLU A 966 13.86 7.32 -13.05
CA GLU A 966 13.10 7.62 -14.27
C GLU A 966 12.24 8.86 -14.03
N GLN A 967 12.35 9.86 -14.91
CA GLN A 967 11.59 11.10 -14.71
C GLN A 967 10.30 11.11 -15.55
N SER A 968 10.17 10.13 -16.43
CA SER A 968 9.00 10.02 -17.30
C SER A 968 8.86 8.58 -17.78
N ASN A 969 7.64 8.19 -18.16
CA ASN A 969 7.46 6.88 -18.77
C ASN A 969 7.32 6.92 -20.29
N ASP A 970 8.07 6.03 -20.91
CA ASP A 970 8.27 5.99 -22.34
C ASP A 970 6.98 5.64 -23.06
N TYR A 971 6.67 6.41 -24.11
CA TYR A 971 5.60 6.00 -24.98
C TYR A 971 5.90 4.67 -25.65
N VAL A 972 5.02 3.71 -25.46
CA VAL A 972 5.13 2.43 -26.16
C VAL A 972 3.81 2.12 -26.84
N ALA A 973 3.86 1.90 -28.15
CA ALA A 973 2.67 1.62 -28.95
C ALA A 973 2.14 0.23 -28.62
N PRO A 974 0.81 0.02 -28.74
CA PRO A 974 0.17 -1.28 -28.50
C PRO A 974 0.75 -2.36 -29.41
N ARG A 975 0.81 -3.61 -28.97
CA ARG A 975 1.59 -4.61 -29.70
C ARG A 975 0.77 -5.77 -30.29
N ASP A 976 -0.46 -5.97 -29.83
CA ASP A 976 -1.29 -7.03 -30.37
C ASP A 976 -2.74 -6.55 -30.44
N PRO A 977 -3.67 -7.37 -30.97
CA PRO A 977 -5.07 -6.91 -31.02
C PRO A 977 -5.69 -6.46 -29.67
N ILE A 978 -5.33 -7.10 -28.57
CA ILE A 978 -5.90 -6.71 -27.29
C ILE A 978 -5.43 -5.32 -26.89
N GLU A 979 -4.14 -5.05 -27.05
CA GLU A 979 -3.67 -3.73 -26.64
C GLU A 979 -4.17 -2.65 -27.64
N ILE A 980 -4.35 -3.01 -28.91
CA ILE A 980 -4.95 -2.06 -29.87
C ILE A 980 -6.36 -1.65 -29.45
N GLU A 981 -7.20 -2.62 -29.06
CA GLU A 981 -8.56 -2.32 -28.63
C GLU A 981 -8.60 -1.50 -27.33
N LEU A 982 -7.72 -1.78 -26.38
CA LEU A 982 -7.71 -1.00 -25.14
C LEU A 982 -7.20 0.42 -25.38
N CYS A 983 -6.20 0.59 -26.24
CA CYS A 983 -5.68 1.92 -26.49
C CYS A 983 -6.74 2.77 -27.13
N THR A 984 -7.32 2.29 -28.23
CA THR A 984 -8.43 3.00 -28.85
C THR A 984 -9.55 3.31 -27.84
N THR A 985 -9.82 2.40 -26.91
CA THR A 985 -10.88 2.66 -25.96
C THR A 985 -10.46 3.73 -24.94
N PHE A 986 -9.25 3.61 -24.40
CA PHE A 986 -8.73 4.69 -23.56
C PHE A 986 -8.76 6.05 -24.25
N GLU A 987 -8.31 6.10 -25.50
CA GLU A 987 -8.20 7.38 -26.25
C GLU A 987 -9.56 8.03 -26.36
N GLN A 988 -10.52 7.19 -26.75
CA GLN A 988 -11.83 7.64 -27.18
C GLN A 988 -12.64 8.17 -25.95
N ILE A 989 -12.52 7.44 -24.83
CA ILE A 989 -13.25 7.71 -23.58
C ILE A 989 -12.64 8.87 -22.73
N LEU A 990 -11.33 9.06 -22.86
CA LEU A 990 -10.60 10.10 -22.12
C LEU A 990 -10.32 11.37 -22.93
N SER A 991 -10.61 11.32 -24.24
CA SER A 991 -10.24 12.41 -25.15
C SER A 991 -8.75 12.75 -25.08
N VAL A 992 -7.93 11.71 -25.15
CA VAL A 992 -6.49 11.87 -25.20
C VAL A 992 -6.07 11.37 -26.57
N LYS A 993 -5.30 12.15 -27.31
CA LYS A 993 -5.03 11.85 -28.71
C LYS A 993 -4.31 10.53 -28.87
N ARG A 994 -3.22 10.33 -28.12
CA ARG A 994 -2.36 9.15 -28.31
C ARG A 994 -1.92 8.50 -27.01
N VAL A 995 -2.33 7.26 -26.80
CA VAL A 995 -2.17 6.60 -25.51
C VAL A 995 -1.21 5.42 -25.62
N GLY A 996 -0.20 5.42 -24.77
CA GLY A 996 0.78 4.36 -24.75
C GLY A 996 0.37 3.33 -23.75
N ILE A 997 0.87 2.10 -23.91
CA ILE A 997 0.44 1.01 -23.06
C ILE A 997 0.87 1.13 -21.59
N HIS A 998 1.68 2.14 -21.26
CA HIS A 998 2.07 2.37 -19.87
C HIS A 998 1.42 3.62 -19.26
N ASP A 999 0.53 4.27 -20.00
CA ASP A 999 -0.19 5.41 -19.48
C ASP A 999 -1.30 4.94 -18.59
N ASP A 1000 -1.39 5.57 -17.42
CA ASP A 1000 -2.37 5.20 -16.42
C ASP A 1000 -3.70 5.92 -16.67
N PHE A 1001 -4.78 5.15 -16.60
CA PHE A 1001 -6.10 5.64 -16.93
C PHE A 1001 -6.46 6.86 -16.10
N PHE A 1002 -6.15 6.82 -14.80
CA PHE A 1002 -6.59 7.88 -13.90
C PHE A 1002 -5.62 9.06 -13.94
N GLU A 1003 -4.33 8.79 -14.16
CA GLU A 1003 -3.38 9.87 -14.37
C GLU A 1003 -3.65 10.64 -15.64
N LEU A 1004 -4.14 9.95 -16.67
CA LEU A 1004 -4.49 10.61 -17.92
C LEU A 1004 -5.74 11.50 -17.83
N GLY A 1005 -6.39 11.52 -16.67
CA GLY A 1005 -7.56 12.35 -16.48
C GLY A 1005 -8.85 11.58 -16.24
N GLY A 1006 -8.73 10.27 -16.12
CA GLY A 1006 -9.87 9.41 -15.91
C GLY A 1006 -10.33 9.50 -14.48
N HIS A 1007 -11.59 9.17 -14.24
CA HIS A 1007 -12.12 9.19 -12.87
C HIS A 1007 -13.23 8.16 -12.71
N SER A 1008 -13.74 8.08 -11.50
CA SER A 1008 -14.63 7.00 -11.11
C SER A 1008 -15.86 6.75 -12.03
N LEU A 1009 -16.65 7.76 -12.38
CA LEU A 1009 -17.75 7.52 -13.32
C LEU A 1009 -17.23 7.01 -14.67
N LEU A 1010 -16.17 7.63 -15.21
CA LEU A 1010 -15.59 7.15 -16.47
C LEU A 1010 -15.19 5.68 -16.42
N ALA A 1011 -14.58 5.26 -15.32
CA ALA A 1011 -14.21 3.86 -15.13
C ALA A 1011 -15.40 2.92 -15.24
N VAL A 1012 -16.57 3.35 -14.76
CA VAL A 1012 -17.76 2.53 -14.90
C VAL A 1012 -18.16 2.43 -16.36
N LYS A 1013 -18.08 3.55 -17.08
CA LYS A 1013 -18.41 3.56 -18.49
C LYS A 1013 -17.43 2.69 -19.26
N LEU A 1014 -16.14 2.85 -18.97
CA LEU A 1014 -15.10 2.08 -19.63
C LEU A 1014 -15.33 0.57 -19.50
N VAL A 1015 -15.51 0.11 -18.28
CA VAL A 1015 -15.66 -1.31 -18.02
C VAL A 1015 -16.88 -1.88 -18.72
N ASN A 1016 -17.97 -1.11 -18.75
CA ASN A 1016 -19.18 -1.62 -19.36
C ASN A 1016 -19.02 -1.74 -20.88
N HIS A 1017 -18.19 -0.88 -21.46
CA HIS A 1017 -17.84 -0.99 -22.87
C HIS A 1017 -16.94 -2.21 -23.11
N LEU A 1018 -15.90 -2.36 -22.30
CA LEU A 1018 -14.98 -3.49 -22.44
C LEU A 1018 -15.68 -4.86 -22.31
N LYS A 1019 -16.69 -4.94 -21.44
CA LYS A 1019 -17.52 -6.15 -21.34
C LYS A 1019 -18.12 -6.48 -22.70
N LYS A 1020 -18.76 -5.49 -23.34
CA LYS A 1020 -19.33 -5.72 -24.68
C LYS A 1020 -18.26 -6.10 -25.72
N ALA A 1021 -17.13 -5.40 -25.69
CA ALA A 1021 -16.12 -5.53 -26.73
C ALA A 1021 -15.43 -6.89 -26.71
N PHE A 1022 -15.40 -7.53 -25.53
CA PHE A 1022 -14.59 -8.73 -25.35
C PHE A 1022 -15.43 -9.96 -25.03
N GLY A 1023 -16.67 -9.75 -24.60
CA GLY A 1023 -17.59 -10.85 -24.33
C GLY A 1023 -17.49 -11.46 -22.93
N THR A 1024 -16.70 -10.83 -22.06
CA THR A 1024 -16.52 -11.30 -20.68
C THR A 1024 -16.88 -10.26 -19.64
N GLU A 1025 -16.98 -10.72 -18.38
CA GLU A 1025 -17.25 -9.84 -17.26
C GLU A 1025 -15.93 -9.32 -16.68
N LEU A 1026 -15.80 -7.99 -16.66
CA LEU A 1026 -14.71 -7.32 -15.96
C LEU A 1026 -15.31 -6.45 -14.87
N SER A 1027 -14.51 -6.09 -13.88
CA SER A 1027 -15.01 -5.26 -12.79
C SER A 1027 -14.28 -3.94 -12.75
N VAL A 1028 -14.87 -2.92 -12.12
CA VAL A 1028 -14.15 -1.67 -11.90
C VAL A 1028 -12.99 -1.96 -10.95
N ALA A 1029 -13.13 -3.03 -10.17
CA ALA A 1029 -12.06 -3.43 -9.27
C ALA A 1029 -10.83 -3.86 -10.07
N LEU A 1030 -11.06 -4.62 -11.15
CA LEU A 1030 -9.98 -5.03 -12.04
C LEU A 1030 -9.33 -3.83 -12.72
N LEU A 1031 -10.13 -2.84 -13.10
CA LEU A 1031 -9.57 -1.65 -13.73
C LEU A 1031 -8.79 -0.80 -12.74
N ALA A 1032 -9.23 -0.77 -11.50
CA ALA A 1032 -8.56 0.06 -10.49
C ALA A 1032 -7.19 -0.45 -10.18
N GLN A 1033 -7.01 -1.71 -10.45
CA GLN A 1033 -5.83 -2.33 -9.99
C GLN A 1033 -4.91 -2.72 -11.15
N TYR A 1034 -5.52 -2.93 -12.30
CA TYR A 1034 -4.82 -2.99 -13.56
C TYR A 1034 -5.19 -1.79 -14.46
N SER A 1035 -4.61 -0.63 -14.20
CA SER A 1035 -5.08 0.61 -14.84
C SER A 1035 -4.24 1.19 -16.01
N THR A 1036 -3.22 0.46 -16.44
CA THR A 1036 -2.57 0.76 -17.71
C THR A 1036 -3.03 -0.25 -18.74
N VAL A 1037 -2.86 0.07 -20.02
CA VAL A 1037 -3.26 -0.85 -21.07
C VAL A 1037 -2.44 -2.14 -20.99
N GLU A 1038 -1.15 -2.00 -20.69
CA GLU A 1038 -0.32 -3.19 -20.60
C GLU A 1038 -0.86 -4.15 -19.54
N ARG A 1039 -1.07 -3.63 -18.34
CA ARG A 1039 -1.40 -4.47 -17.21
C ARG A 1039 -2.78 -5.10 -17.37
N LEU A 1040 -3.72 -4.33 -17.89
CA LEU A 1040 -5.08 -4.81 -18.06
C LEU A 1040 -5.10 -5.83 -19.19
N GLY A 1041 -4.28 -5.58 -20.20
CA GLY A 1041 -4.15 -6.45 -21.34
C GLY A 1041 -3.62 -7.81 -20.96
N GLU A 1042 -2.68 -7.87 -20.00
CA GLU A 1042 -2.18 -9.18 -19.53
C GLU A 1042 -3.30 -9.96 -18.86
N ILE A 1043 -4.13 -9.26 -18.08
CA ILE A 1043 -5.27 -9.86 -17.39
C ILE A 1043 -6.28 -10.45 -18.37
N ILE A 1044 -6.63 -9.68 -19.39
CA ILE A 1044 -7.58 -10.11 -20.39
C ILE A 1044 -6.99 -11.25 -21.23
N ARG A 1045 -5.70 -11.18 -21.48
CA ARG A 1045 -4.98 -12.16 -22.31
C ARG A 1045 -4.98 -13.55 -21.68
N GLU A 1046 -5.01 -13.59 -20.34
CA GLU A 1046 -5.04 -14.83 -19.57
C GLU A 1046 -6.28 -15.67 -19.87
N ASN A 1047 -7.39 -14.99 -20.15
CA ASN A 1047 -8.64 -15.65 -20.46
C ASN A 1047 -8.71 -16.11 -21.90
N LYS A 1048 -8.40 -17.37 -22.16
CA LYS A 1048 -8.34 -17.88 -23.53
C LYS A 1048 -9.73 -17.96 -24.19
N GLU A 1049 -10.78 -17.70 -23.43
CA GLU A 1049 -12.13 -17.83 -23.97
C GLU A 1049 -12.74 -16.49 -24.42
N ILE A 1050 -11.95 -15.41 -24.47
CA ILE A 1050 -12.45 -14.14 -25.00
C ILE A 1050 -12.61 -14.19 -26.53
N LYS A 1051 -13.66 -13.53 -27.01
CA LYS A 1051 -13.95 -13.49 -28.45
C LYS A 1051 -14.16 -12.06 -28.92
N PRO A 1052 -13.07 -11.36 -29.31
CA PRO A 1052 -13.16 -10.02 -29.87
C PRO A 1052 -13.87 -10.02 -31.22
N SER A 1053 -14.60 -8.95 -31.49
CA SER A 1053 -15.14 -8.74 -32.83
C SER A 1053 -13.98 -8.41 -33.80
N ILE A 1054 -14.15 -8.70 -35.08
CA ILE A 1054 -13.13 -8.33 -36.06
C ILE A 1054 -13.29 -6.89 -36.53
N VAL A 1055 -14.32 -6.22 -36.02
CA VAL A 1055 -14.50 -4.78 -36.24
C VAL A 1055 -14.10 -3.98 -35.00
N ILE A 1056 -13.21 -3.02 -35.21
CA ILE A 1056 -12.79 -2.09 -34.16
C ILE A 1056 -13.25 -0.70 -34.58
N GLU A 1057 -14.00 -0.02 -33.72
CA GLU A 1057 -14.42 1.33 -34.08
C GLU A 1057 -13.42 2.36 -33.55
N LEU A 1058 -12.61 2.92 -34.47
CA LEU A 1058 -11.57 3.88 -34.11
C LEU A 1058 -12.14 5.27 -33.79
N ARG A 1059 -13.29 5.60 -34.35
CA ARG A 1059 -13.91 6.88 -34.09
C ARG A 1059 -15.42 6.84 -34.32
N ARG A 1060 -16.22 7.24 -33.33
CA ARG A 1060 -17.64 7.48 -33.55
C ARG A 1060 -17.84 8.94 -33.90
N GLY A 1061 -18.25 9.19 -35.13
CA GLY A 1061 -18.48 10.55 -35.60
C GLY A 1061 -19.95 10.87 -35.64
N THR A 1062 -20.30 11.98 -36.28
CA THR A 1062 -21.67 12.48 -36.30
C THR A 1062 -22.22 12.47 -37.72
N TYR A 1063 -21.37 12.14 -38.68
CA TYR A 1063 -21.81 12.04 -40.07
C TYR A 1063 -22.40 10.65 -40.36
N GLU A 1064 -23.38 10.58 -41.26
CA GLU A 1064 -24.07 9.34 -41.60
C GLU A 1064 -23.08 8.25 -42.05
N GLN A 1065 -22.18 8.59 -42.97
CA GLN A 1065 -21.34 7.60 -43.63
C GLN A 1065 -19.98 7.39 -42.98
N PRO A 1066 -19.71 6.17 -42.54
CA PRO A 1066 -18.42 5.74 -41.99
C PRO A 1066 -17.41 5.51 -43.08
N LEU A 1067 -16.14 5.49 -42.72
CA LEU A 1067 -15.09 5.02 -43.61
C LEU A 1067 -14.66 3.66 -43.09
N TRP A 1068 -14.69 2.65 -43.96
CA TRP A 1068 -14.24 1.30 -43.60
C TRP A 1068 -12.81 1.07 -44.06
N LEU A 1069 -11.99 0.56 -43.15
CA LEU A 1069 -10.60 0.25 -43.44
C LEU A 1069 -10.31 -1.23 -43.25
N PHE A 1070 -9.51 -1.80 -44.14
CA PHE A 1070 -9.25 -3.22 -44.09
C PHE A 1070 -7.79 -3.54 -43.87
N HIS A 1071 -7.56 -4.58 -43.08
CA HIS A 1071 -6.21 -4.96 -42.69
C HIS A 1071 -5.31 -5.18 -43.90
N PRO A 1072 -4.02 -4.89 -43.75
CA PRO A 1072 -3.01 -5.28 -44.73
C PRO A 1072 -2.61 -6.75 -44.57
N ILE A 1073 -1.53 -7.17 -45.21
CA ILE A 1073 -1.07 -8.58 -45.17
C ILE A 1073 -1.06 -9.18 -43.75
N GLY A 1074 -0.50 -8.47 -42.80
CA GLY A 1074 -0.42 -8.99 -41.44
C GLY A 1074 -1.75 -9.23 -40.72
N GLY A 1075 -2.81 -8.57 -41.18
CA GLY A 1075 -4.15 -8.84 -40.71
C GLY A 1075 -4.62 -7.98 -39.55
N SER A 1076 -3.79 -7.02 -39.18
CA SER A 1076 -4.07 -6.17 -38.04
C SER A 1076 -4.47 -4.74 -38.41
N THR A 1077 -5.02 -4.00 -37.45
CA THR A 1077 -5.50 -2.65 -37.72
C THR A 1077 -4.55 -1.59 -37.19
N PHE A 1078 -3.42 -2.00 -36.62
CA PHE A 1078 -2.51 -1.07 -35.94
C PHE A 1078 -2.10 0.16 -36.77
N CYS A 1079 -1.88 -0.05 -38.06
CA CYS A 1079 -1.42 1.00 -38.97
C CYS A 1079 -2.43 2.13 -39.21
N TYR A 1080 -3.69 1.97 -38.76
CA TYR A 1080 -4.74 3.00 -38.94
C TYR A 1080 -4.93 3.86 -37.70
N MET A 1081 -4.35 3.46 -36.56
CA MET A 1081 -4.49 4.27 -35.35
C MET A 1081 -3.95 5.68 -35.56
N GLU A 1082 -2.69 5.81 -35.97
CA GLU A 1082 -2.12 7.14 -36.09
C GLU A 1082 -2.90 7.94 -37.15
N LEU A 1083 -3.26 7.31 -38.27
CA LEU A 1083 -4.07 7.97 -39.29
C LEU A 1083 -5.38 8.52 -38.73
N SER A 1084 -6.02 7.74 -37.86
CA SER A 1084 -7.31 8.10 -37.30
C SER A 1084 -7.20 9.37 -36.42
N ARG A 1085 -6.02 9.60 -35.84
CA ARG A 1085 -5.84 10.73 -34.93
C ARG A 1085 -5.88 12.05 -35.68
N HIS A 1086 -5.69 12.03 -37.00
CA HIS A 1086 -5.66 13.26 -37.76
C HIS A 1086 -6.80 13.40 -38.75
N LEU A 1087 -7.64 12.38 -38.85
CA LEU A 1087 -8.85 12.51 -39.65
C LEU A 1087 -9.87 13.39 -38.92
N ASN A 1088 -10.69 14.08 -39.71
CA ASN A 1088 -11.79 14.88 -39.20
C ASN A 1088 -12.63 14.05 -38.24
N PRO A 1089 -12.66 14.46 -36.97
CA PRO A 1089 -13.33 13.68 -35.92
C PRO A 1089 -14.85 13.49 -36.10
N ASN A 1090 -15.46 14.17 -37.07
CA ASN A 1090 -16.89 13.98 -37.32
C ASN A 1090 -17.21 12.77 -38.21
N ARG A 1091 -16.16 12.11 -38.70
CA ARG A 1091 -16.35 10.91 -39.50
C ARG A 1091 -16.07 9.68 -38.65
N THR A 1092 -17.09 8.82 -38.55
CA THR A 1092 -16.93 7.47 -38.02
C THR A 1092 -15.91 6.69 -38.85
N LEU A 1093 -14.96 6.07 -38.17
CA LEU A 1093 -13.96 5.18 -38.79
C LEU A 1093 -14.03 3.80 -38.17
N ARG A 1094 -14.09 2.78 -39.03
CA ARG A 1094 -14.11 1.40 -38.59
C ARG A 1094 -13.08 0.63 -39.38
N ALA A 1095 -12.40 -0.28 -38.72
CA ALA A 1095 -11.33 -1.03 -39.34
C ALA A 1095 -11.57 -2.49 -39.05
N ILE A 1096 -11.11 -3.36 -39.95
CA ILE A 1096 -11.38 -4.77 -39.80
C ILE A 1096 -10.10 -5.59 -39.75
N GLN A 1097 -9.88 -6.27 -38.64
CA GLN A 1097 -8.77 -7.21 -38.54
C GLN A 1097 -9.20 -8.61 -39.03
N SER A 1098 -8.24 -9.45 -39.38
CA SER A 1098 -8.58 -10.81 -39.80
C SER A 1098 -8.99 -11.71 -38.62
N PRO A 1099 -10.03 -12.54 -38.82
CA PRO A 1099 -10.39 -13.57 -37.84
C PRO A 1099 -9.18 -14.46 -37.48
N GLY A 1100 -8.26 -14.61 -38.43
CA GLY A 1100 -7.07 -15.39 -38.19
C GLY A 1100 -6.26 -14.97 -36.97
N LEU A 1101 -6.40 -13.71 -36.53
CA LEU A 1101 -5.62 -13.22 -35.40
C LEU A 1101 -6.18 -13.70 -34.07
N ILE A 1102 -7.41 -14.22 -34.08
CA ILE A 1102 -8.09 -14.61 -32.84
C ILE A 1102 -8.43 -16.11 -32.76
N GLU A 1103 -8.74 -16.73 -33.88
CA GLU A 1103 -9.05 -18.16 -33.87
C GLU A 1103 -8.17 -18.89 -34.88
N ALA A 1104 -7.67 -20.07 -34.51
CA ALA A 1104 -6.79 -20.81 -35.40
C ALA A 1104 -7.49 -21.22 -36.68
N ASP A 1105 -6.77 -21.12 -37.80
CA ASP A 1105 -7.21 -21.58 -39.11
C ASP A 1105 -8.35 -20.74 -39.70
N ALA A 1106 -8.67 -19.63 -39.05
CA ALA A 1106 -9.86 -18.85 -39.42
C ALA A 1106 -9.56 -17.78 -40.48
N ALA A 1107 -8.28 -17.52 -40.73
CA ALA A 1107 -7.91 -16.57 -41.78
C ALA A 1107 -8.36 -17.11 -43.11
N GLU A 1108 -9.08 -16.28 -43.84
CA GLU A 1108 -9.44 -16.58 -45.21
C GLU A 1108 -8.20 -16.60 -46.14
N VAL A 1109 -8.23 -17.46 -47.17
CA VAL A 1109 -7.12 -17.55 -48.11
C VAL A 1109 -7.51 -17.13 -49.54
N ALA A 1110 -8.75 -16.72 -49.72
CA ALA A 1110 -9.18 -16.21 -51.01
C ALA A 1110 -9.79 -14.83 -50.81
N ILE A 1111 -9.28 -13.83 -51.51
CA ILE A 1111 -9.78 -12.47 -51.37
C ILE A 1111 -11.28 -12.40 -51.62
N GLU A 1112 -11.76 -13.19 -52.57
CA GLU A 1112 -13.19 -13.20 -52.88
C GLU A 1112 -14.00 -13.63 -51.64
N GLU A 1113 -13.50 -14.61 -50.90
CA GLU A 1113 -14.22 -15.11 -49.73
C GLU A 1113 -14.11 -14.16 -48.55
N MET A 1114 -12.90 -13.64 -48.37
CA MET A 1114 -12.61 -12.60 -47.38
C MET A 1114 -13.62 -11.46 -47.51
N ALA A 1115 -13.85 -11.03 -48.75
CA ALA A 1115 -14.70 -9.89 -49.03
C ALA A 1115 -16.18 -10.13 -48.66
N THR A 1116 -16.73 -11.26 -49.12
CA THR A 1116 -18.08 -11.65 -48.74
C THR A 1116 -18.24 -11.68 -47.21
N LEU A 1117 -17.29 -12.29 -46.53
CA LEU A 1117 -17.35 -12.38 -45.08
C LEU A 1117 -17.38 -11.00 -44.43
N TYR A 1118 -16.50 -10.11 -44.89
CA TYR A 1118 -16.39 -8.77 -44.33
C TYR A 1118 -17.64 -7.95 -44.66
N ILE A 1119 -18.10 -8.04 -45.91
CA ILE A 1119 -19.33 -7.35 -46.32
C ILE A 1119 -20.51 -7.68 -45.40
N ALA A 1120 -20.68 -8.95 -45.06
CA ALA A 1120 -21.72 -9.32 -44.10
C ALA A 1120 -21.49 -8.65 -42.75
N GLU A 1121 -20.25 -8.62 -42.27
CA GLU A 1121 -19.95 -7.90 -41.03
C GLU A 1121 -20.29 -6.40 -41.14
N MET A 1122 -20.01 -5.80 -42.29
CA MET A 1122 -20.30 -4.39 -42.54
C MET A 1122 -21.81 -4.13 -42.53
N GLN A 1123 -22.56 -5.00 -43.18
CA GLN A 1123 -23.99 -4.77 -43.32
C GLN A 1123 -24.79 -4.96 -42.03
N LYS A 1124 -24.17 -5.49 -40.98
CA LYS A 1124 -24.75 -5.49 -39.63
C LYS A 1124 -24.78 -4.10 -39.01
N MET A 1125 -23.79 -3.27 -39.32
CA MET A 1125 -23.70 -1.92 -38.78
C MET A 1125 -24.18 -0.88 -39.80
N GLN A 1126 -23.99 -1.18 -41.09
CA GLN A 1126 -24.44 -0.30 -42.18
C GLN A 1126 -25.11 -1.11 -43.30
N PRO A 1127 -26.42 -1.35 -43.17
CA PRO A 1127 -27.23 -2.17 -44.07
C PRO A 1127 -27.30 -1.67 -45.50
N GLN A 1128 -27.31 -0.36 -45.68
CA GLN A 1128 -27.47 0.22 -47.01
C GLN A 1128 -26.35 1.22 -47.30
N GLY A 1129 -26.03 1.37 -48.58
CA GLY A 1129 -24.99 2.29 -49.01
C GLY A 1129 -25.48 3.72 -49.12
N PRO A 1130 -24.66 4.60 -49.71
CA PRO A 1130 -23.36 4.34 -50.34
C PRO A 1130 -22.28 3.95 -49.34
N TYR A 1131 -21.29 3.19 -49.79
CA TYR A 1131 -20.19 2.77 -48.93
C TYR A 1131 -18.92 3.54 -49.21
N PHE A 1132 -18.07 3.64 -48.20
CA PHE A 1132 -16.82 4.38 -48.30
C PHE A 1132 -15.73 3.49 -47.72
N LEU A 1133 -14.76 3.13 -48.56
CA LEU A 1133 -13.84 2.04 -48.26
C LEU A 1133 -12.41 2.47 -48.47
N GLY A 1134 -11.50 1.73 -47.85
CA GLY A 1134 -10.11 2.04 -48.02
C GLY A 1134 -9.19 1.13 -47.27
N GLY A 1135 -7.89 1.27 -47.53
CA GLY A 1135 -6.89 0.38 -46.97
C GLY A 1135 -5.49 0.82 -47.33
N TRP A 1136 -4.55 0.45 -46.45
CA TRP A 1136 -3.16 0.70 -46.71
C TRP A 1136 -2.62 -0.58 -47.31
N CYS A 1137 -1.75 -0.47 -48.31
CA CYS A 1137 -1.17 -1.68 -48.92
C CYS A 1137 -2.27 -2.66 -49.38
N PHE A 1138 -2.16 -3.92 -48.94
CA PHE A 1138 -3.08 -4.98 -49.30
C PHE A 1138 -4.54 -4.67 -48.91
N GLY A 1139 -4.73 -3.89 -47.84
CA GLY A 1139 -6.05 -3.39 -47.50
C GLY A 1139 -6.78 -2.75 -48.68
N GLY A 1140 -6.07 -1.90 -49.43
CA GLY A 1140 -6.57 -1.35 -50.67
C GLY A 1140 -7.10 -2.40 -51.64
N ALA A 1141 -6.40 -3.53 -51.77
CA ALA A 1141 -6.83 -4.61 -52.67
C ALA A 1141 -8.12 -5.29 -52.19
N ILE A 1142 -8.22 -5.53 -50.88
CA ILE A 1142 -9.47 -6.02 -50.29
C ILE A 1142 -10.62 -5.07 -50.61
N ALA A 1143 -10.41 -3.77 -50.36
CA ALA A 1143 -11.40 -2.73 -50.66
C ALA A 1143 -11.89 -2.78 -52.09
N TYR A 1144 -10.97 -3.04 -53.00
CA TYR A 1144 -11.31 -3.14 -54.42
C TYR A 1144 -12.28 -4.28 -54.63
N GLU A 1145 -11.96 -5.45 -54.08
CA GLU A 1145 -12.81 -6.63 -54.27
C GLU A 1145 -14.14 -6.48 -53.54
N ILE A 1146 -14.14 -5.82 -52.39
CA ILE A 1146 -15.38 -5.55 -51.69
C ILE A 1146 -16.25 -4.62 -52.53
N SER A 1147 -15.64 -3.60 -53.15
CA SER A 1147 -16.38 -2.73 -54.07
C SER A 1147 -16.98 -3.53 -55.21
N ARG A 1148 -16.18 -4.41 -55.79
CA ARG A 1148 -16.60 -5.21 -56.95
C ARG A 1148 -17.84 -6.01 -56.62
N GLN A 1149 -17.93 -6.49 -55.38
CA GLN A 1149 -19.08 -7.30 -54.95
C GLN A 1149 -20.30 -6.45 -54.60
N LEU A 1150 -20.09 -5.30 -53.96
CA LEU A 1150 -21.19 -4.40 -53.58
C LEU A 1150 -21.96 -3.92 -54.82
N ARG A 1151 -21.25 -3.65 -55.92
CA ARG A 1151 -21.88 -3.43 -57.22
C ARG A 1151 -22.81 -4.58 -57.61
N GLN A 1152 -22.28 -5.80 -57.52
CA GLN A 1152 -23.04 -6.99 -57.89
C GLN A 1152 -24.37 -7.12 -57.13
N MET A 1153 -24.43 -6.55 -55.93
CA MET A 1153 -25.65 -6.64 -55.16
C MET A 1153 -26.40 -5.30 -55.14
N GLY A 1154 -25.99 -4.38 -56.03
CA GLY A 1154 -26.72 -3.14 -56.23
C GLY A 1154 -26.34 -1.98 -55.33
N GLN A 1155 -25.42 -2.20 -54.40
CA GLN A 1155 -24.95 -1.12 -53.54
C GLN A 1155 -24.01 -0.18 -54.28
N GLN A 1156 -24.05 1.11 -53.96
CA GLN A 1156 -23.12 2.02 -54.60
C GLN A 1156 -21.90 2.30 -53.70
N VAL A 1157 -20.81 2.66 -54.34
CA VAL A 1157 -19.56 2.92 -53.67
C VAL A 1157 -19.19 4.39 -53.84
N THR A 1158 -19.08 5.12 -52.73
CA THR A 1158 -18.78 6.54 -52.80
C THR A 1158 -17.36 6.76 -53.31
N GLY A 1159 -16.43 5.98 -52.80
CA GLY A 1159 -15.04 6.06 -53.20
C GLY A 1159 -14.16 5.07 -52.47
N ILE A 1160 -12.96 4.87 -52.99
CA ILE A 1160 -11.99 3.99 -52.37
C ILE A 1160 -10.71 4.76 -52.02
N VAL A 1161 -10.26 4.65 -50.79
CA VAL A 1161 -8.97 5.23 -50.45
C VAL A 1161 -7.88 4.17 -50.44
N MET A 1162 -6.89 4.30 -51.32
CA MET A 1162 -5.82 3.31 -51.33
C MET A 1162 -4.52 3.97 -51.06
N ILE A 1163 -3.88 3.57 -49.97
CA ILE A 1163 -2.61 4.17 -49.60
C ILE A 1163 -1.46 3.24 -50.00
N ASP A 1164 -0.72 3.67 -51.02
CA ASP A 1164 0.39 2.92 -51.61
C ASP A 1164 0.08 1.43 -51.83
N THR A 1165 -1.10 1.16 -52.36
CA THR A 1165 -1.55 -0.19 -52.67
C THR A 1165 -1.01 -0.66 -54.00
N ARG A 1166 -0.21 -1.72 -53.99
CA ARG A 1166 0.23 -2.29 -55.25
C ARG A 1166 -0.95 -2.99 -55.93
N ALA A 1167 -1.16 -2.67 -57.20
CA ALA A 1167 -2.32 -3.16 -57.91
C ALA A 1167 -2.21 -4.67 -58.00
N PRO A 1168 -3.36 -5.36 -57.89
CA PRO A 1168 -3.42 -6.83 -57.98
C PRO A 1168 -3.21 -7.33 -59.42
N ILE A 1169 -1.97 -7.26 -59.89
CA ILE A 1169 -1.63 -7.75 -61.22
C ILE A 1169 -0.38 -8.62 -61.07
N PRO A 1170 -0.18 -9.57 -61.99
CA PRO A 1170 0.96 -10.52 -61.93
C PRO A 1170 2.36 -9.93 -61.69
N GLU A 1171 2.74 -8.84 -62.38
CA GLU A 1171 4.04 -8.17 -62.15
C GLU A 1171 4.33 -7.89 -60.67
N ASN A 1172 3.29 -7.68 -59.88
CA ASN A 1172 3.44 -7.19 -58.51
C ASN A 1172 3.47 -8.25 -57.45
N VAL A 1173 3.30 -9.49 -57.87
CA VAL A 1173 3.30 -10.61 -56.95
C VAL A 1173 4.74 -10.81 -56.51
N PRO A 1174 4.95 -10.99 -55.21
CA PRO A 1174 6.29 -11.20 -54.63
C PRO A 1174 6.96 -12.44 -55.21
N GLU A 1175 8.29 -12.41 -55.33
CA GLU A 1175 9.09 -13.60 -55.64
C GLU A 1175 8.68 -14.83 -54.84
N ASP A 1176 9.04 -16.00 -55.35
CA ASP A 1176 8.80 -17.24 -54.64
C ASP A 1176 9.70 -17.31 -53.42
N ALA A 1177 9.16 -17.82 -52.32
CA ALA A 1177 9.89 -17.88 -51.07
C ALA A 1177 9.77 -19.25 -50.45
N ASP A 1178 10.91 -19.78 -49.99
CA ASP A 1178 10.90 -20.94 -49.13
C ASP A 1178 10.49 -20.50 -47.71
N ASP A 1179 10.31 -21.46 -46.80
CA ASP A 1179 9.71 -21.16 -45.52
C ASP A 1179 10.57 -20.24 -44.68
N ALA A 1180 11.88 -20.40 -44.75
CA ALA A 1180 12.80 -19.50 -44.03
C ALA A 1180 12.64 -18.07 -44.51
N MET A 1181 12.66 -17.87 -45.82
CA MET A 1181 12.47 -16.53 -46.37
C MET A 1181 11.13 -15.94 -45.92
N LEU A 1182 10.10 -16.77 -45.78
CA LEU A 1182 8.78 -16.25 -45.44
C LEU A 1182 8.82 -15.73 -44.01
N LEU A 1183 9.51 -16.46 -43.14
CA LEU A 1183 9.74 -16.01 -41.77
C LEU A 1183 10.59 -14.76 -41.74
N SER A 1184 11.61 -14.70 -42.58
CA SER A 1184 12.43 -13.50 -42.58
C SER A 1184 11.58 -12.27 -42.98
N TRP A 1185 10.79 -12.42 -44.04
CA TRP A 1185 9.84 -11.38 -44.42
C TRP A 1185 8.90 -11.04 -43.27
N PHE A 1186 8.33 -12.07 -42.66
CA PHE A 1186 7.38 -11.85 -41.59
C PHE A 1186 7.99 -11.08 -40.42
N ALA A 1187 9.23 -11.42 -40.07
CA ALA A 1187 9.94 -10.71 -39.02
C ALA A 1187 10.06 -9.22 -39.35
N ARG A 1188 10.51 -8.93 -40.57
CA ARG A 1188 10.64 -7.55 -41.06
C ARG A 1188 9.30 -6.80 -41.02
N ASP A 1189 8.27 -7.40 -41.62
CA ASP A 1189 6.94 -6.76 -41.71
C ASP A 1189 6.26 -6.65 -40.34
N LEU A 1190 6.75 -7.41 -39.39
CA LEU A 1190 6.27 -7.32 -38.02
C LEU A 1190 6.74 -6.02 -37.33
N ALA A 1191 7.98 -5.63 -37.59
CA ALA A 1191 8.58 -4.49 -36.92
C ALA A 1191 8.37 -3.16 -37.63
N ALA A 1192 8.24 -3.22 -38.96
CA ALA A 1192 8.16 -2.00 -39.76
C ALA A 1192 6.97 -1.10 -39.37
N PRO A 1193 5.83 -1.68 -38.95
CA PRO A 1193 4.78 -0.73 -38.61
C PRO A 1193 5.11 0.13 -37.42
N TYR A 1194 6.13 -0.23 -36.62
CA TYR A 1194 6.58 0.56 -35.46
C TYR A 1194 7.88 1.34 -35.77
N GLY A 1195 8.22 1.46 -37.05
CA GLY A 1195 9.44 2.16 -37.43
C GLY A 1195 10.74 1.49 -36.97
N LYS A 1196 10.69 0.17 -36.80
CA LYS A 1196 11.85 -0.60 -36.40
C LYS A 1196 12.24 -1.60 -37.48
N LYS A 1197 13.54 -1.81 -37.66
CA LYS A 1197 14.01 -2.91 -38.50
C LYS A 1197 14.23 -4.12 -37.63
N LEU A 1198 13.70 -5.24 -38.06
CA LEU A 1198 14.06 -6.51 -37.45
C LEU A 1198 14.58 -7.36 -38.60
N THR A 1199 15.87 -7.66 -38.57
CA THR A 1199 16.55 -8.36 -39.66
C THR A 1199 16.99 -9.75 -39.23
N ILE A 1200 16.16 -10.74 -39.51
CA ILE A 1200 16.54 -12.13 -39.33
C ILE A 1200 16.80 -12.69 -40.73
N PRO A 1201 18.06 -12.84 -41.10
CA PRO A 1201 18.37 -13.32 -42.45
C PRO A 1201 17.85 -14.73 -42.72
N ALA A 1202 17.26 -14.96 -43.89
CA ALA A 1202 16.80 -16.28 -44.29
C ALA A 1202 17.87 -17.31 -44.09
N GLN A 1203 19.12 -16.94 -44.41
CA GLN A 1203 20.24 -17.86 -44.29
C GLN A 1203 20.47 -18.33 -42.85
N TYR A 1204 20.26 -17.44 -41.88
CA TYR A 1204 20.43 -17.81 -40.48
C TYR A 1204 19.37 -18.81 -40.07
N LEU A 1205 18.13 -18.55 -40.48
CA LEU A 1205 17.00 -19.43 -40.16
C LEU A 1205 17.18 -20.84 -40.74
N ARG A 1206 17.71 -20.95 -41.96
CA ARG A 1206 17.86 -22.24 -42.63
C ARG A 1206 18.75 -23.21 -41.86
N GLU A 1207 19.61 -22.68 -40.98
CA GLU A 1207 20.50 -23.50 -40.16
C GLU A 1207 19.75 -24.15 -38.99
N LEU A 1208 18.51 -23.72 -38.75
CA LEU A 1208 17.73 -24.22 -37.62
C LEU A 1208 16.61 -25.18 -38.06
N SER A 1209 16.06 -25.92 -37.09
CA SER A 1209 14.83 -26.68 -37.31
C SER A 1209 13.64 -25.73 -37.47
N PRO A 1210 12.51 -26.22 -38.02
CA PRO A 1210 11.37 -25.31 -38.12
C PRO A 1210 10.90 -24.77 -36.76
N ASP A 1211 10.91 -25.59 -35.72
CA ASP A 1211 10.46 -25.11 -34.41
C ASP A 1211 11.42 -24.04 -33.87
N GLN A 1212 12.73 -24.31 -33.93
CA GLN A 1212 13.73 -23.31 -33.56
C GLN A 1212 13.55 -21.97 -34.26
N MET A 1213 13.28 -22.02 -35.57
CA MET A 1213 12.93 -20.84 -36.37
C MET A 1213 11.83 -19.99 -35.68
N PHE A 1214 10.71 -20.61 -35.32
CA PHE A 1214 9.59 -19.84 -34.77
C PHE A 1214 9.92 -19.31 -33.39
N ASP A 1215 10.70 -20.08 -32.64
CA ASP A 1215 11.13 -19.60 -31.34
C ASP A 1215 12.07 -18.43 -31.51
N HIS A 1216 12.99 -18.52 -32.48
CA HIS A 1216 13.96 -17.45 -32.65
C HIS A 1216 13.28 -16.14 -33.02
N VAL A 1217 12.38 -16.19 -34.00
CA VAL A 1217 11.68 -14.99 -34.42
C VAL A 1217 10.79 -14.44 -33.30
N LEU A 1218 10.13 -15.33 -32.56
CA LEU A 1218 9.29 -14.87 -31.47
C LEU A 1218 10.13 -14.10 -30.47
N LYS A 1219 11.21 -14.74 -30.04
CA LYS A 1219 12.11 -14.20 -29.02
C LYS A 1219 12.65 -12.84 -29.46
N GLU A 1220 13.09 -12.75 -30.71
CA GLU A 1220 13.64 -11.51 -31.25
C GLU A 1220 12.59 -10.42 -31.28
N ALA A 1221 11.39 -10.75 -31.80
CA ALA A 1221 10.28 -9.80 -31.87
C ALA A 1221 9.94 -9.21 -30.50
N LYS A 1222 9.91 -10.07 -29.49
CA LYS A 1222 9.74 -9.62 -28.12
C LYS A 1222 10.87 -8.68 -27.68
N ALA A 1223 12.10 -9.04 -28.05
CA ALA A 1223 13.27 -8.29 -27.62
C ALA A 1223 13.24 -6.83 -28.08
N ILE A 1224 12.46 -6.52 -29.11
CA ILE A 1224 12.35 -5.13 -29.53
C ILE A 1224 10.97 -4.57 -29.29
N ASN A 1225 10.15 -5.31 -28.54
CA ASN A 1225 8.85 -4.83 -28.05
C ASN A 1225 7.78 -4.63 -29.11
N VAL A 1226 7.78 -5.45 -30.17
CA VAL A 1226 6.68 -5.45 -31.13
C VAL A 1226 5.69 -6.64 -30.94
N LEU A 1227 5.97 -7.48 -29.93
CA LEU A 1227 5.03 -8.44 -29.39
C LEU A 1227 5.11 -8.43 -27.86
N PRO A 1228 4.00 -8.75 -27.17
CA PRO A 1228 4.01 -8.78 -25.70
C PRO A 1228 4.90 -9.89 -25.15
N LEU A 1229 5.48 -9.67 -23.97
CA LEU A 1229 6.35 -10.67 -23.39
C LEU A 1229 5.60 -11.95 -23.06
N ASP A 1230 4.31 -11.85 -22.72
CA ASP A 1230 3.53 -13.04 -22.41
C ASP A 1230 2.87 -13.72 -23.64
N ALA A 1231 3.27 -13.34 -24.85
CA ALA A 1231 2.82 -14.06 -26.05
C ALA A 1231 3.50 -15.42 -26.11
N ASP A 1232 2.72 -16.46 -26.39
CA ASP A 1232 3.30 -17.81 -26.42
C ASP A 1232 3.52 -18.27 -27.86
N PRO A 1233 4.14 -19.44 -28.06
CA PRO A 1233 4.34 -19.87 -29.45
C PRO A 1233 3.06 -20.04 -30.26
N SER A 1234 1.96 -20.44 -29.62
CA SER A 1234 0.74 -20.67 -30.36
C SER A 1234 0.19 -19.33 -30.85
N ASP A 1235 0.25 -18.31 -29.99
CA ASP A 1235 -0.11 -16.95 -30.37
C ASP A 1235 0.67 -16.56 -31.63
N PHE A 1236 1.96 -16.88 -31.63
CA PHE A 1236 2.80 -16.51 -32.76
C PHE A 1236 2.33 -17.23 -34.04
N ARG A 1237 1.90 -18.48 -33.91
CA ARG A 1237 1.36 -19.20 -35.08
C ARG A 1237 0.13 -18.52 -35.69
N LEU A 1238 -0.77 -18.01 -34.86
CA LEU A 1238 -1.93 -17.32 -35.37
C LEU A 1238 -1.50 -16.17 -36.27
N TYR A 1239 -0.48 -15.44 -35.84
CA TYR A 1239 -0.08 -14.23 -36.55
C TYR A 1239 0.69 -14.57 -37.81
N PHE A 1240 1.51 -15.60 -37.74
CA PHE A 1240 2.26 -16.02 -38.91
C PHE A 1240 1.30 -16.64 -39.92
N ASP A 1241 0.41 -17.52 -39.47
CA ASP A 1241 -0.57 -18.17 -40.35
C ASP A 1241 -1.48 -17.15 -41.06
N THR A 1242 -1.94 -16.15 -40.32
CA THR A 1242 -2.69 -15.05 -40.92
C THR A 1242 -1.88 -14.36 -42.03
N TYR A 1243 -0.63 -14.03 -41.71
CA TYR A 1243 0.31 -13.46 -42.65
C TYR A 1243 0.42 -14.35 -43.92
N LEU A 1244 0.60 -15.66 -43.73
CA LEU A 1244 0.74 -16.58 -44.86
C LEU A 1244 -0.53 -16.61 -45.69
N ALA A 1245 -1.68 -16.56 -45.00
CA ALA A 1245 -2.99 -16.68 -45.65
C ALA A 1245 -3.24 -15.51 -46.57
N ASN A 1246 -2.92 -14.32 -46.08
CA ASN A 1246 -3.08 -13.12 -46.89
C ASN A 1246 -2.11 -13.16 -48.07
N GLY A 1247 -0.93 -13.76 -47.85
CA GLY A 1247 0.03 -13.91 -48.94
C GLY A 1247 -0.53 -14.72 -50.09
N ILE A 1248 -1.01 -15.92 -49.78
CA ILE A 1248 -1.66 -16.79 -50.75
C ILE A 1248 -2.86 -16.10 -51.39
N ALA A 1249 -3.57 -15.27 -50.61
CA ALA A 1249 -4.72 -14.56 -51.16
C ALA A 1249 -4.24 -13.59 -52.23
N LEU A 1250 -3.21 -12.82 -51.89
CA LEU A 1250 -2.59 -11.90 -52.85
C LEU A 1250 -2.15 -12.65 -54.10
N GLN A 1251 -1.47 -13.78 -53.87
CA GLN A 1251 -0.87 -14.60 -54.89
C GLN A 1251 -1.88 -15.13 -55.89
N THR A 1252 -3.16 -15.18 -55.50
CA THR A 1252 -4.19 -15.75 -56.36
C THR A 1252 -5.35 -14.79 -56.73
N TYR A 1253 -5.10 -13.48 -56.67
CA TYR A 1253 -6.11 -12.47 -56.96
C TYR A 1253 -5.76 -11.64 -58.19
N PHE A 1254 -6.47 -11.85 -59.31
CA PHE A 1254 -6.20 -11.07 -60.53
C PHE A 1254 -7.47 -10.64 -61.24
N PRO A 1255 -8.10 -9.56 -60.72
CA PRO A 1255 -9.42 -9.09 -61.19
C PRO A 1255 -9.32 -8.40 -62.53
N GLU A 1256 -10.31 -8.63 -63.39
CA GLU A 1256 -10.41 -7.91 -64.66
C GLU A 1256 -10.65 -6.42 -64.37
N PRO A 1257 -10.29 -5.55 -65.32
CA PRO A 1257 -10.42 -4.11 -65.09
C PRO A 1257 -11.85 -3.68 -64.78
N GLU A 1258 -12.00 -2.75 -63.84
CA GLU A 1258 -13.30 -2.21 -63.46
C GLU A 1258 -13.12 -0.83 -62.82
N ASP A 1259 -13.93 0.14 -63.24
CA ASP A 1259 -13.76 1.51 -62.76
C ASP A 1259 -14.56 1.80 -61.50
N PHE A 1260 -13.84 2.21 -60.47
CA PHE A 1260 -14.43 2.72 -59.25
C PHE A 1260 -13.83 4.09 -59.00
N PRO A 1261 -14.56 4.98 -58.31
CA PRO A 1261 -13.92 6.25 -57.94
C PRO A 1261 -12.84 6.02 -56.88
N ILE A 1262 -11.59 6.25 -57.24
CA ILE A 1262 -10.45 5.86 -56.41
C ILE A 1262 -9.52 7.02 -56.10
N LEU A 1263 -9.11 7.12 -54.84
CA LEU A 1263 -8.02 8.00 -54.47
C LEU A 1263 -6.81 7.14 -54.14
N LEU A 1264 -5.75 7.25 -54.95
CA LEU A 1264 -4.52 6.51 -54.69
C LEU A 1264 -3.42 7.43 -54.16
N VAL A 1265 -3.04 7.22 -52.91
CA VAL A 1265 -1.98 8.00 -52.27
C VAL A 1265 -0.67 7.25 -52.40
N LYS A 1266 0.27 7.80 -53.15
CA LYS A 1266 1.52 7.09 -53.39
C LYS A 1266 2.64 7.62 -52.51
N ALA A 1267 3.33 6.70 -51.85
CA ALA A 1267 4.53 7.03 -51.11
C ALA A 1267 5.64 7.36 -52.12
N LYS A 1268 6.01 8.64 -52.21
CA LYS A 1268 6.87 9.09 -53.30
C LYS A 1268 8.33 8.78 -53.04
N ASP A 1269 8.66 8.47 -51.79
CA ASP A 1269 10.05 8.20 -51.43
C ASP A 1269 10.35 6.70 -51.39
N GLU A 1270 9.40 5.88 -51.84
CA GLU A 1270 9.62 4.43 -51.88
C GLU A 1270 10.62 4.05 -52.99
N GLN A 1271 11.70 3.37 -52.61
CA GLN A 1271 12.78 2.99 -53.52
C GLN A 1271 12.36 1.96 -54.54
N GLU A 1272 11.49 1.04 -54.12
CA GLU A 1272 11.12 -0.10 -54.97
C GLU A 1272 10.15 0.34 -56.08
N ASP A 1273 10.50 0.02 -57.32
CA ASP A 1273 9.73 0.44 -58.49
C ASP A 1273 8.55 -0.48 -58.80
N PHE A 1274 7.33 0.05 -58.68
CA PHE A 1274 6.14 -0.65 -59.10
C PHE A 1274 5.40 0.07 -60.21
N GLY A 1275 6.07 1.01 -60.86
CA GLY A 1275 5.46 1.84 -61.88
C GLY A 1275 4.90 3.15 -61.33
N GLU A 1276 4.59 4.09 -62.22
CA GLU A 1276 4.06 5.40 -61.83
C GLU A 1276 2.83 5.28 -60.94
N SER A 1277 1.99 4.29 -61.21
CA SER A 1277 0.70 4.18 -60.54
C SER A 1277 0.58 2.91 -59.74
N LEU A 1278 1.72 2.34 -59.35
CA LEU A 1278 1.76 1.01 -58.72
C LEU A 1278 1.02 -0.05 -59.56
N GLY A 1279 0.86 0.20 -60.85
CA GLY A 1279 0.22 -0.75 -61.72
C GLY A 1279 -1.28 -0.55 -61.93
N TRP A 1280 -1.89 0.42 -61.25
CA TRP A 1280 -3.34 0.58 -61.34
C TRP A 1280 -3.83 1.07 -62.69
N ASP A 1281 -2.92 1.65 -63.46
CA ASP A 1281 -3.25 2.06 -64.83
C ASP A 1281 -3.72 0.88 -65.69
N GLN A 1282 -3.53 -0.35 -65.22
CA GLN A 1282 -3.93 -1.52 -66.02
C GLN A 1282 -5.29 -2.04 -65.58
N LEU A 1283 -5.86 -1.42 -64.56
CA LEU A 1283 -7.14 -1.85 -64.01
C LEU A 1283 -8.16 -0.73 -64.06
N VAL A 1284 -7.72 0.49 -63.82
CA VAL A 1284 -8.62 1.63 -63.73
C VAL A 1284 -8.29 2.66 -64.80
N LYS A 1285 -9.30 3.18 -65.49
CA LYS A 1285 -9.04 4.02 -66.66
C LYS A 1285 -9.23 5.51 -66.38
N ASP A 1286 -10.45 5.90 -66.06
CA ASP A 1286 -10.80 7.32 -66.03
C ASP A 1286 -11.02 7.84 -64.60
N THR A 1287 -11.28 6.95 -63.66
CA THR A 1287 -11.80 7.36 -62.36
C THR A 1287 -10.77 7.35 -61.23
N LEU A 1288 -9.49 7.39 -61.58
CA LEU A 1288 -8.47 7.30 -60.55
C LEU A 1288 -7.67 8.58 -60.34
N THR A 1289 -7.75 9.13 -59.13
CA THR A 1289 -7.00 10.32 -58.76
C THR A 1289 -5.75 9.94 -57.96
N GLN A 1290 -4.58 10.42 -58.39
CA GLN A 1290 -3.33 10.09 -57.68
C GLN A 1290 -2.63 11.29 -57.01
N VAL A 1291 -2.10 11.08 -55.81
CA VAL A 1291 -1.48 12.15 -55.03
C VAL A 1291 -0.17 11.60 -54.46
N ASP A 1292 0.94 12.24 -54.78
CA ASP A 1292 2.25 11.76 -54.32
C ASP A 1292 2.69 12.50 -53.04
N LEU A 1293 2.88 11.74 -51.97
CA LEU A 1293 3.14 12.29 -50.64
C LEU A 1293 4.43 11.75 -50.05
N PRO A 1294 5.15 12.56 -49.28
CA PRO A 1294 6.37 12.12 -48.58
C PRO A 1294 6.21 10.80 -47.82
N GLY A 1295 7.26 9.98 -47.83
CA GLY A 1295 7.31 8.74 -47.08
C GLY A 1295 7.54 7.56 -48.01
N ASP A 1296 7.86 6.39 -47.45
CA ASP A 1296 7.96 5.17 -48.26
C ASP A 1296 6.76 4.30 -47.96
N HIS A 1297 6.82 3.04 -48.38
CA HIS A 1297 5.69 2.13 -48.28
C HIS A 1297 5.19 1.95 -46.85
N SER A 1298 6.12 1.92 -45.89
CA SER A 1298 5.74 1.88 -44.49
C SER A 1298 5.54 3.27 -43.84
N SER A 1299 6.50 4.17 -44.02
CA SER A 1299 6.55 5.42 -43.27
C SER A 1299 5.46 6.41 -43.65
N ILE A 1300 4.79 6.16 -44.77
CA ILE A 1300 3.65 6.99 -45.19
C ILE A 1300 2.60 7.01 -44.07
N MET A 1301 2.55 5.94 -43.26
CA MET A 1301 1.59 5.81 -42.17
C MET A 1301 2.13 6.22 -40.78
N TYR A 1302 3.36 6.71 -40.72
CA TYR A 1302 3.92 7.23 -39.45
C TYR A 1302 3.47 8.65 -39.24
N ALA A 1303 3.37 9.03 -37.97
CA ALA A 1303 2.92 10.36 -37.56
C ALA A 1303 3.41 11.51 -38.46
N GLU A 1304 4.71 11.58 -38.73
CA GLU A 1304 5.24 12.70 -39.52
C GLU A 1304 4.57 12.79 -40.89
N ASN A 1305 4.40 11.65 -41.56
CA ASN A 1305 3.89 11.70 -42.92
C ASN A 1305 2.39 11.47 -43.05
N VAL A 1306 1.78 10.91 -42.03
CA VAL A 1306 0.41 10.47 -42.22
C VAL A 1306 -0.58 11.62 -42.05
N VAL A 1307 -0.15 12.72 -41.44
CA VAL A 1307 -1.03 13.88 -41.34
C VAL A 1307 -1.44 14.38 -42.72
N ALA A 1308 -0.47 14.49 -43.62
CA ALA A 1308 -0.74 14.96 -44.98
C ALA A 1308 -1.66 13.98 -45.70
N VAL A 1309 -1.60 12.72 -45.30
CA VAL A 1309 -2.50 11.71 -45.87
C VAL A 1309 -3.94 11.95 -45.44
N ALA A 1310 -4.14 12.15 -44.13
CA ALA A 1310 -5.46 12.45 -43.59
C ALA A 1310 -6.06 13.66 -44.26
N GLN A 1311 -5.26 14.72 -44.37
CA GLN A 1311 -5.72 15.95 -45.00
C GLN A 1311 -6.15 15.69 -46.43
N THR A 1312 -5.41 14.84 -47.14
CA THR A 1312 -5.73 14.54 -48.53
C THR A 1312 -7.07 13.83 -48.63
N ILE A 1313 -7.28 12.86 -47.73
CA ILE A 1313 -8.55 12.14 -47.67
C ILE A 1313 -9.69 13.08 -47.35
N ASP A 1314 -9.50 13.95 -46.36
CA ASP A 1314 -10.56 14.87 -45.95
C ASP A 1314 -10.89 15.93 -47.03
N GLN A 1315 -9.88 16.39 -47.75
CA GLN A 1315 -10.11 17.36 -48.82
C GLN A 1315 -10.73 16.72 -50.08
N MET A 1316 -10.42 15.45 -50.32
CA MET A 1316 -10.94 14.73 -51.48
C MET A 1316 -12.39 14.27 -51.25
N TYR A 1317 -12.71 13.93 -50.00
CA TYR A 1317 -14.05 13.48 -49.61
C TYR A 1317 -14.60 14.28 -48.44
N PRO A 1318 -14.98 15.55 -48.69
CA PRO A 1318 -15.47 16.43 -47.63
C PRO A 1318 -16.73 15.89 -46.95
N ILE A 1319 -16.94 16.31 -45.71
CA ILE A 1319 -18.18 16.07 -44.99
C ILE A 1319 -18.55 17.36 -44.29
N PRO A 1320 -19.83 17.76 -44.37
CA PRO A 1320 -20.35 19.01 -43.82
C PRO A 1320 -19.89 19.36 -42.40
#